data_5MIX
# 
_entry.id   5MIX 
# 
_audit_conform.dict_name       mmcif_pdbx.dic 
_audit_conform.dict_version    5.398 
_audit_conform.dict_location   http://mmcif.pdb.org/dictionaries/ascii/mmcif_pdbx.dic 
# 
loop_
_database_2.database_id 
_database_2.database_code 
_database_2.pdbx_database_accession 
_database_2.pdbx_DOI 
PDB   5MIX         pdb_00005mix 10.2210/pdb5mix/pdb 
WWPDB D_1200002520 ?            ?                   
# 
loop_
_pdbx_audit_revision_history.ordinal 
_pdbx_audit_revision_history.data_content_type 
_pdbx_audit_revision_history.major_revision 
_pdbx_audit_revision_history.minor_revision 
_pdbx_audit_revision_history.revision_date 
1 'Structure model' 1 0 2017-03-29 
2 'Structure model' 1 1 2017-04-26 
3 'Structure model' 1 2 2017-09-06 
4 'Structure model' 1 3 2024-11-13 
# 
_pdbx_audit_revision_details.ordinal             1 
_pdbx_audit_revision_details.revision_ordinal    1 
_pdbx_audit_revision_details.data_content_type   'Structure model' 
_pdbx_audit_revision_details.provider            repository 
_pdbx_audit_revision_details.type                'Initial release' 
_pdbx_audit_revision_details.description         ? 
_pdbx_audit_revision_details.details             ? 
# 
loop_
_pdbx_audit_revision_group.ordinal 
_pdbx_audit_revision_group.revision_ordinal 
_pdbx_audit_revision_group.data_content_type 
_pdbx_audit_revision_group.group 
1 2 'Structure model' 'Database references'        
2 3 'Structure model' 'Author supporting evidence' 
3 4 'Structure model' 'Data collection'            
4 4 'Structure model' 'Database references'        
5 4 'Structure model' 'Structure summary'          
# 
loop_
_pdbx_audit_revision_category.ordinal 
_pdbx_audit_revision_category.revision_ordinal 
_pdbx_audit_revision_category.data_content_type 
_pdbx_audit_revision_category.category 
1 3 'Structure model' pdbx_audit_support        
2 4 'Structure model' chem_comp_atom            
3 4 'Structure model' chem_comp_bond            
4 4 'Structure model' database_2                
5 4 'Structure model' pdbx_entry_details        
6 4 'Structure model' pdbx_modification_feature 
# 
loop_
_pdbx_audit_revision_item.ordinal 
_pdbx_audit_revision_item.revision_ordinal 
_pdbx_audit_revision_item.data_content_type 
_pdbx_audit_revision_item.item 
1 3 'Structure model' '_pdbx_audit_support.funding_organization' 
2 4 'Structure model' '_database_2.pdbx_DOI'                     
3 4 'Structure model' '_database_2.pdbx_database_accession'      
# 
_pdbx_database_status.status_code                     REL 
_pdbx_database_status.status_code_sf                  REL 
_pdbx_database_status.status_code_mr                  ? 
_pdbx_database_status.entry_id                        5MIX 
_pdbx_database_status.recvd_initial_deposition_date   2016-11-29 
_pdbx_database_status.SG_entry                        N 
_pdbx_database_status.deposit_site                    PDBE 
_pdbx_database_status.process_site                    PDBE 
_pdbx_database_status.status_code_cs                  ? 
_pdbx_database_status.methods_development_category    ? 
_pdbx_database_status.pdb_format_compatible           Y 
_pdbx_database_status.status_code_nmr_data            ? 
# 
loop_
_audit_author.name 
_audit_author.pdbx_ordinal 
'Klingl, S.'        1 
'Egerer-Sieber, C.' 2 
'Schmid, B.'        3 
'Muller, Y.A.'      4 
# 
_citation.abstract                  ? 
_citation.abstract_id_CAS           ? 
_citation.book_id_ISBN              ? 
_citation.book_publisher            ? 
_citation.book_publisher_city       ? 
_citation.book_title                ? 
_citation.coordinate_linkage        ? 
_citation.country                   UK 
_citation.database_id_Medline       ? 
_citation.details                   ? 
_citation.id                        primary 
_citation.journal_abbrev            'J. Mol. Biol.' 
_citation.journal_id_ASTM           JMOBAK 
_citation.journal_id_CSD            0070 
_citation.journal_id_ISSN           1089-8638 
_citation.journal_full              ? 
_citation.journal_issue             ? 
_citation.journal_volume            429 
_citation.language                  ? 
_citation.page_first                1227 
_citation.page_last                 1243 
_citation.title                     
'Crystal Structure of the Extracellular Domain of the Human Dendritic Cell Surface Marker CD83.' 
_citation.year                      2017 
_citation.database_id_CSD           ? 
_citation.pdbx_database_id_DOI      10.1016/j.jmb.2017.03.009 
_citation.pdbx_database_id_PubMed   28315353 
_citation.unpublished_flag          ? 
# 
loop_
_citation_author.citation_id 
_citation_author.name 
_citation_author.ordinal 
_citation_author.identifier_ORCID 
primary 'Heilingloh, C.S.'  1  ? 
primary 'Klingl, S.'        2  ? 
primary 'Egerer-Sieber, C.' 3  ? 
primary 'Schmid, B.'        4  ? 
primary 'Weiler, S.'        5  ? 
primary 'Muhl-Zurbes, P.'   6  ? 
primary 'Hofmann, J.'       7  ? 
primary 'Stump, J.D.'       8  ? 
primary 'Sticht, H.'        9  ? 
primary 'Kummer, M.'        10 ? 
primary 'Steinkasserer, A.' 11 ? 
primary 'Muller, Y.A.'      12 ? 
# 
loop_
_entity.id 
_entity.type 
_entity.src_method 
_entity.pdbx_description 
_entity.formula_weight 
_entity.pdbx_number_of_molecules 
_entity.pdbx_ec 
_entity.pdbx_mutation 
_entity.pdbx_fragment 
_entity.details 
1 polymer man 'CD83 antigen' 12766.979 1  ? 'C27S, C100S, C129S' ? 
;The first four residues (GSPG) are non-native residues of the linker which remains after the GST-tag was cleaved off. 
The first three and last four residues as well as the central region were not visible in the electron density maps.
;
2 water   nat water          18.015    31 ? ?                    ? ? 
# 
_entity_name_com.entity_id   1 
_entity_name_com.name        'hCD83,B-cell activation protein,Cell surface protein HB15' 
# 
_entity_poly.entity_id                      1 
_entity_poly.type                           'polypeptide(L)' 
_entity_poly.nstd_linkage                   no 
_entity_poly.nstd_monomer                   no 
_entity_poly.pdbx_seq_one_letter_code       
;GSPGTPEVKVASSEDVDLPCTAPWDPQVPYTVSWVKLLEGGEERMETPQEDHLRGQHYHQKGQNGSFDAPNERPYSLKIR
NTTSSNSGTYRCTLQDPDGQRNLSGKVILRVTGSPA
;
_entity_poly.pdbx_seq_one_letter_code_can   
;GSPGTPEVKVASSEDVDLPCTAPWDPQVPYTVSWVKLLEGGEERMETPQEDHLRGQHYHQKGQNGSFDAPNERPYSLKIR
NTTSSNSGTYRCTLQDPDGQRNLSGKVILRVTGSPA
;
_entity_poly.pdbx_strand_id                 A 
_entity_poly.pdbx_target_identifier         ? 
# 
_pdbx_entity_nonpoly.entity_id   2 
_pdbx_entity_nonpoly.name        water 
_pdbx_entity_nonpoly.comp_id     HOH 
# 
loop_
_entity_poly_seq.entity_id 
_entity_poly_seq.num 
_entity_poly_seq.mon_id 
_entity_poly_seq.hetero 
1 1   GLY n 
1 2   SER n 
1 3   PRO n 
1 4   GLY n 
1 5   THR n 
1 6   PRO n 
1 7   GLU n 
1 8   VAL n 
1 9   LYS n 
1 10  VAL n 
1 11  ALA n 
1 12  SER n 
1 13  SER n 
1 14  GLU n 
1 15  ASP n 
1 16  VAL n 
1 17  ASP n 
1 18  LEU n 
1 19  PRO n 
1 20  CYS n 
1 21  THR n 
1 22  ALA n 
1 23  PRO n 
1 24  TRP n 
1 25  ASP n 
1 26  PRO n 
1 27  GLN n 
1 28  VAL n 
1 29  PRO n 
1 30  TYR n 
1 31  THR n 
1 32  VAL n 
1 33  SER n 
1 34  TRP n 
1 35  VAL n 
1 36  LYS n 
1 37  LEU n 
1 38  LEU n 
1 39  GLU n 
1 40  GLY n 
1 41  GLY n 
1 42  GLU n 
1 43  GLU n 
1 44  ARG n 
1 45  MET n 
1 46  GLU n 
1 47  THR n 
1 48  PRO n 
1 49  GLN n 
1 50  GLU n 
1 51  ASP n 
1 52  HIS n 
1 53  LEU n 
1 54  ARG n 
1 55  GLY n 
1 56  GLN n 
1 57  HIS n 
1 58  TYR n 
1 59  HIS n 
1 60  GLN n 
1 61  LYS n 
1 62  GLY n 
1 63  GLN n 
1 64  ASN n 
1 65  GLY n 
1 66  SER n 
1 67  PHE n 
1 68  ASP n 
1 69  ALA n 
1 70  PRO n 
1 71  ASN n 
1 72  GLU n 
1 73  ARG n 
1 74  PRO n 
1 75  TYR n 
1 76  SER n 
1 77  LEU n 
1 78  LYS n 
1 79  ILE n 
1 80  ARG n 
1 81  ASN n 
1 82  THR n 
1 83  THR n 
1 84  SER n 
1 85  SER n 
1 86  ASN n 
1 87  SER n 
1 88  GLY n 
1 89  THR n 
1 90  TYR n 
1 91  ARG n 
1 92  CYS n 
1 93  THR n 
1 94  LEU n 
1 95  GLN n 
1 96  ASP n 
1 97  PRO n 
1 98  ASP n 
1 99  GLY n 
1 100 GLN n 
1 101 ARG n 
1 102 ASN n 
1 103 LEU n 
1 104 SER n 
1 105 GLY n 
1 106 LYS n 
1 107 VAL n 
1 108 ILE n 
1 109 LEU n 
1 110 ARG n 
1 111 VAL n 
1 112 THR n 
1 113 GLY n 
1 114 SER n 
1 115 PRO n 
1 116 ALA n 
# 
_entity_src_gen.entity_id                          1 
_entity_src_gen.pdbx_src_id                        1 
_entity_src_gen.pdbx_alt_source_flag               sample 
_entity_src_gen.pdbx_seq_type                      'Biological sequence' 
_entity_src_gen.pdbx_beg_seq_num                   1 
_entity_src_gen.pdbx_end_seq_num                   116 
_entity_src_gen.gene_src_common_name               Human 
_entity_src_gen.gene_src_genus                     ? 
_entity_src_gen.pdbx_gene_src_gene                 CD83 
_entity_src_gen.gene_src_species                   ? 
_entity_src_gen.gene_src_strain                    ? 
_entity_src_gen.gene_src_tissue                    ? 
_entity_src_gen.gene_src_tissue_fraction           ? 
_entity_src_gen.gene_src_details                   ? 
_entity_src_gen.pdbx_gene_src_fragment             ? 
_entity_src_gen.pdbx_gene_src_scientific_name      'Homo sapiens' 
_entity_src_gen.pdbx_gene_src_ncbi_taxonomy_id     9606 
_entity_src_gen.pdbx_gene_src_variant              ? 
_entity_src_gen.pdbx_gene_src_cell_line            ? 
_entity_src_gen.pdbx_gene_src_atcc                 ? 
_entity_src_gen.pdbx_gene_src_organ                ? 
_entity_src_gen.pdbx_gene_src_organelle            ? 
_entity_src_gen.pdbx_gene_src_cell                 'Dendritic cells' 
_entity_src_gen.pdbx_gene_src_cellular_location    ? 
_entity_src_gen.host_org_common_name               ? 
_entity_src_gen.pdbx_host_org_scientific_name      'Escherichia coli BL21(DE3)' 
_entity_src_gen.pdbx_host_org_ncbi_taxonomy_id     469008 
_entity_src_gen.host_org_genus                     ? 
_entity_src_gen.pdbx_host_org_gene                 ? 
_entity_src_gen.pdbx_host_org_organ                ? 
_entity_src_gen.host_org_species                   ? 
_entity_src_gen.pdbx_host_org_tissue               ? 
_entity_src_gen.pdbx_host_org_tissue_fraction      ? 
_entity_src_gen.pdbx_host_org_strain               ? 
_entity_src_gen.pdbx_host_org_variant              'Gold pLysS' 
_entity_src_gen.pdbx_host_org_cell_line            ? 
_entity_src_gen.pdbx_host_org_atcc                 ? 
_entity_src_gen.pdbx_host_org_culture_collection   ? 
_entity_src_gen.pdbx_host_org_cell                 ? 
_entity_src_gen.pdbx_host_org_organelle            ? 
_entity_src_gen.pdbx_host_org_cellular_location    ? 
_entity_src_gen.pdbx_host_org_vector_type          Plasmid 
_entity_src_gen.pdbx_host_org_vector               ? 
_entity_src_gen.host_org_details                   ? 
_entity_src_gen.expression_system_id               ? 
_entity_src_gen.plasmid_name                       pGEX-2T 
_entity_src_gen.plasmid_details                    ? 
_entity_src_gen.pdbx_description                   ? 
# 
loop_
_chem_comp.id 
_chem_comp.type 
_chem_comp.mon_nstd_flag 
_chem_comp.name 
_chem_comp.pdbx_synonyms 
_chem_comp.formula 
_chem_comp.formula_weight 
ALA 'L-peptide linking' y ALANINE         ? 'C3 H7 N O2'     89.093  
ARG 'L-peptide linking' y ARGININE        ? 'C6 H15 N4 O2 1' 175.209 
ASN 'L-peptide linking' y ASPARAGINE      ? 'C4 H8 N2 O3'    132.118 
ASP 'L-peptide linking' y 'ASPARTIC ACID' ? 'C4 H7 N O4'     133.103 
CYS 'L-peptide linking' y CYSTEINE        ? 'C3 H7 N O2 S'   121.158 
GLN 'L-peptide linking' y GLUTAMINE       ? 'C5 H10 N2 O3'   146.144 
GLU 'L-peptide linking' y 'GLUTAMIC ACID' ? 'C5 H9 N O4'     147.129 
GLY 'peptide linking'   y GLYCINE         ? 'C2 H5 N O2'     75.067  
HIS 'L-peptide linking' y HISTIDINE       ? 'C6 H10 N3 O2 1' 156.162 
HOH non-polymer         . WATER           ? 'H2 O'           18.015  
ILE 'L-peptide linking' y ISOLEUCINE      ? 'C6 H13 N O2'    131.173 
LEU 'L-peptide linking' y LEUCINE         ? 'C6 H13 N O2'    131.173 
LYS 'L-peptide linking' y LYSINE          ? 'C6 H15 N2 O2 1' 147.195 
MET 'L-peptide linking' y METHIONINE      ? 'C5 H11 N O2 S'  149.211 
PHE 'L-peptide linking' y PHENYLALANINE   ? 'C9 H11 N O2'    165.189 
PRO 'L-peptide linking' y PROLINE         ? 'C5 H9 N O2'     115.130 
SER 'L-peptide linking' y SERINE          ? 'C3 H7 N O3'     105.093 
THR 'L-peptide linking' y THREONINE       ? 'C4 H9 N O3'     119.119 
TRP 'L-peptide linking' y TRYPTOPHAN      ? 'C11 H12 N2 O2'  204.225 
TYR 'L-peptide linking' y TYROSINE        ? 'C9 H11 N O3'    181.189 
VAL 'L-peptide linking' y VALINE          ? 'C5 H11 N O2'    117.146 
# 
loop_
_pdbx_poly_seq_scheme.asym_id 
_pdbx_poly_seq_scheme.entity_id 
_pdbx_poly_seq_scheme.seq_id 
_pdbx_poly_seq_scheme.mon_id 
_pdbx_poly_seq_scheme.ndb_seq_num 
_pdbx_poly_seq_scheme.pdb_seq_num 
_pdbx_poly_seq_scheme.auth_seq_num 
_pdbx_poly_seq_scheme.pdb_mon_id 
_pdbx_poly_seq_scheme.auth_mon_id 
_pdbx_poly_seq_scheme.pdb_strand_id 
_pdbx_poly_seq_scheme.pdb_ins_code 
_pdbx_poly_seq_scheme.hetero 
A 1 1   GLY 1   16  ?   ?   ?   A . n 
A 1 2   SER 2   17  ?   ?   ?   A . n 
A 1 3   PRO 3   18  ?   ?   ?   A . n 
A 1 4   GLY 4   19  19  GLY GLY A . n 
A 1 5   THR 5   20  20  THR THR A . n 
A 1 6   PRO 6   21  21  PRO PRO A . n 
A 1 7   GLU 7   22  22  GLU GLU A . n 
A 1 8   VAL 8   23  23  VAL VAL A . n 
A 1 9   LYS 9   24  24  LYS LYS A . n 
A 1 10  VAL 10  25  25  VAL VAL A . n 
A 1 11  ALA 11  26  26  ALA ALA A . n 
A 1 12  SER 12  27  27  SER SER A . n 
A 1 13  SER 13  28  28  SER SER A . n 
A 1 14  GLU 14  29  29  GLU GLU A . n 
A 1 15  ASP 15  30  30  ASP ASP A . n 
A 1 16  VAL 16  31  31  VAL VAL A . n 
A 1 17  ASP 17  32  32  ASP ASP A . n 
A 1 18  LEU 18  33  33  LEU LEU A . n 
A 1 19  PRO 19  34  34  PRO PRO A . n 
A 1 20  CYS 20  35  35  CYS CYS A . n 
A 1 21  THR 21  36  36  THR THR A . n 
A 1 22  ALA 22  37  37  ALA ALA A . n 
A 1 23  PRO 23  38  38  PRO PRO A . n 
A 1 24  TRP 24  39  39  TRP TRP A . n 
A 1 25  ASP 25  40  40  ASP ASP A . n 
A 1 26  PRO 26  41  41  PRO PRO A . n 
A 1 27  GLN 27  42  42  GLN GLN A . n 
A 1 28  VAL 28  43  43  VAL VAL A . n 
A 1 29  PRO 29  44  44  PRO PRO A . n 
A 1 30  TYR 30  45  45  TYR TYR A . n 
A 1 31  THR 31  46  46  THR THR A . n 
A 1 32  VAL 32  47  47  VAL VAL A . n 
A 1 33  SER 33  48  48  SER SER A . n 
A 1 34  TRP 34  49  49  TRP TRP A . n 
A 1 35  VAL 35  50  50  VAL VAL A . n 
A 1 36  LYS 36  51  51  LYS LYS A . n 
A 1 37  LEU 37  52  52  LEU LEU A . n 
A 1 38  LEU 38  53  53  LEU LEU A . n 
A 1 39  GLU 39  54  54  GLU GLU A . n 
A 1 40  GLY 40  55  ?   ?   ?   A . n 
A 1 41  GLY 41  56  ?   ?   ?   A . n 
A 1 42  GLU 42  57  ?   ?   ?   A . n 
A 1 43  GLU 43  58  ?   ?   ?   A . n 
A 1 44  ARG 44  59  ?   ?   ?   A . n 
A 1 45  MET 45  60  ?   ?   ?   A . n 
A 1 46  GLU 46  61  ?   ?   ?   A . n 
A 1 47  THR 47  62  ?   ?   ?   A . n 
A 1 48  PRO 48  63  ?   ?   ?   A . n 
A 1 49  GLN 49  64  ?   ?   ?   A . n 
A 1 50  GLU 50  65  ?   ?   ?   A . n 
A 1 51  ASP 51  66  ?   ?   ?   A . n 
A 1 52  HIS 52  67  ?   ?   ?   A . n 
A 1 53  LEU 53  68  ?   ?   ?   A . n 
A 1 54  ARG 54  69  ?   ?   ?   A . n 
A 1 55  GLY 55  70  ?   ?   ?   A . n 
A 1 56  GLN 56  71  ?   ?   ?   A . n 
A 1 57  HIS 57  72  ?   ?   ?   A . n 
A 1 58  TYR 58  73  ?   ?   ?   A . n 
A 1 59  HIS 59  74  ?   ?   ?   A . n 
A 1 60  GLN 60  75  ?   ?   ?   A . n 
A 1 61  LYS 61  76  ?   ?   ?   A . n 
A 1 62  GLY 62  77  ?   ?   ?   A . n 
A 1 63  GLN 63  78  ?   ?   ?   A . n 
A 1 64  ASN 64  79  ?   ?   ?   A . n 
A 1 65  GLY 65  80  ?   ?   ?   A . n 
A 1 66  SER 66  81  ?   ?   ?   A . n 
A 1 67  PHE 67  82  ?   ?   ?   A . n 
A 1 68  ASP 68  83  ?   ?   ?   A . n 
A 1 69  ALA 69  84  ?   ?   ?   A . n 
A 1 70  PRO 70  85  ?   ?   ?   A . n 
A 1 71  ASN 71  86  ?   ?   ?   A . n 
A 1 72  GLU 72  87  87  GLU GLU A . n 
A 1 73  ARG 73  88  88  ARG ARG A . n 
A 1 74  PRO 74  89  89  PRO PRO A . n 
A 1 75  TYR 75  90  90  TYR TYR A . n 
A 1 76  SER 76  91  91  SER SER A . n 
A 1 77  LEU 77  92  92  LEU LEU A . n 
A 1 78  LYS 78  93  93  LYS LYS A . n 
A 1 79  ILE 79  94  94  ILE ILE A . n 
A 1 80  ARG 80  95  95  ARG ARG A . n 
A 1 81  ASN 81  96  96  ASN ASN A . n 
A 1 82  THR 82  97  97  THR THR A . n 
A 1 83  THR 83  98  98  THR THR A . n 
A 1 84  SER 84  99  99  SER SER A . n 
A 1 85  SER 85  100 100 SER SER A . n 
A 1 86  ASN 86  101 101 ASN ASN A . n 
A 1 87  SER 87  102 102 SER SER A . n 
A 1 88  GLY 88  103 103 GLY GLY A . n 
A 1 89  THR 89  104 104 THR THR A . n 
A 1 90  TYR 90  105 105 TYR TYR A . n 
A 1 91  ARG 91  106 106 ARG ARG A . n 
A 1 92  CYS 92  107 107 CYS CYS A . n 
A 1 93  THR 93  108 108 THR THR A . n 
A 1 94  LEU 94  109 109 LEU LEU A . n 
A 1 95  GLN 95  110 110 GLN GLN A . n 
A 1 96  ASP 96  111 111 ASP ASP A . n 
A 1 97  PRO 97  112 112 PRO PRO A . n 
A 1 98  ASP 98  113 113 ASP ASP A . n 
A 1 99  GLY 99  114 114 GLY GLY A . n 
A 1 100 GLN 100 115 115 GLN GLN A . n 
A 1 101 ARG 101 116 116 ARG ARG A . n 
A 1 102 ASN 102 117 117 ASN ASN A . n 
A 1 103 LEU 103 118 118 LEU LEU A . n 
A 1 104 SER 104 119 119 SER SER A . n 
A 1 105 GLY 105 120 120 GLY GLY A . n 
A 1 106 LYS 106 121 121 LYS LYS A . n 
A 1 107 VAL 107 122 122 VAL VAL A . n 
A 1 108 ILE 108 123 123 ILE ILE A . n 
A 1 109 LEU 109 124 124 LEU LEU A . n 
A 1 110 ARG 110 125 125 ARG ARG A . n 
A 1 111 VAL 111 126 126 VAL VAL A . n 
A 1 112 THR 112 127 127 THR THR A . n 
A 1 113 GLY 113 128 ?   ?   ?   A . n 
A 1 114 SER 114 129 ?   ?   ?   A . n 
A 1 115 PRO 115 130 ?   ?   ?   A . n 
A 1 116 ALA 116 131 ?   ?   ?   A . n 
# 
loop_
_pdbx_nonpoly_scheme.asym_id 
_pdbx_nonpoly_scheme.entity_id 
_pdbx_nonpoly_scheme.mon_id 
_pdbx_nonpoly_scheme.ndb_seq_num 
_pdbx_nonpoly_scheme.pdb_seq_num 
_pdbx_nonpoly_scheme.auth_seq_num 
_pdbx_nonpoly_scheme.pdb_mon_id 
_pdbx_nonpoly_scheme.auth_mon_id 
_pdbx_nonpoly_scheme.pdb_strand_id 
_pdbx_nonpoly_scheme.pdb_ins_code 
B 2 HOH 1  201 29 HOH HOH A . 
B 2 HOH 2  202 4  HOH HOH A . 
B 2 HOH 3  203 14 HOH HOH A . 
B 2 HOH 4  204 3  HOH HOH A . 
B 2 HOH 5  205 12 HOH HOH A . 
B 2 HOH 6  206 22 HOH HOH A . 
B 2 HOH 7  207 8  HOH HOH A . 
B 2 HOH 8  208 9  HOH HOH A . 
B 2 HOH 9  209 1  HOH HOH A . 
B 2 HOH 10 210 11 HOH HOH A . 
B 2 HOH 11 211 21 HOH HOH A . 
B 2 HOH 12 212 16 HOH HOH A . 
B 2 HOH 13 213 7  HOH HOH A . 
B 2 HOH 14 214 18 HOH HOH A . 
B 2 HOH 15 215 26 HOH HOH A . 
B 2 HOH 16 216 20 HOH HOH A . 
B 2 HOH 17 217 10 HOH HOH A . 
B 2 HOH 18 218 17 HOH HOH A . 
B 2 HOH 19 219 13 HOH HOH A . 
B 2 HOH 20 220 6  HOH HOH A . 
B 2 HOH 21 221 23 HOH HOH A . 
B 2 HOH 22 222 2  HOH HOH A . 
B 2 HOH 23 223 27 HOH HOH A . 
B 2 HOH 24 224 5  HOH HOH A . 
B 2 HOH 25 225 31 HOH HOH A . 
B 2 HOH 26 226 15 HOH HOH A . 
B 2 HOH 27 227 28 HOH HOH A . 
B 2 HOH 28 228 30 HOH HOH A . 
B 2 HOH 29 229 19 HOH HOH A . 
B 2 HOH 30 230 24 HOH HOH A . 
B 2 HOH 31 231 25 HOH HOH A . 
# 
loop_
_pdbx_unobs_or_zero_occ_atoms.id 
_pdbx_unobs_or_zero_occ_atoms.PDB_model_num 
_pdbx_unobs_or_zero_occ_atoms.polymer_flag 
_pdbx_unobs_or_zero_occ_atoms.occupancy_flag 
_pdbx_unobs_or_zero_occ_atoms.auth_asym_id 
_pdbx_unobs_or_zero_occ_atoms.auth_comp_id 
_pdbx_unobs_or_zero_occ_atoms.auth_seq_id 
_pdbx_unobs_or_zero_occ_atoms.PDB_ins_code 
_pdbx_unobs_or_zero_occ_atoms.auth_atom_id 
_pdbx_unobs_or_zero_occ_atoms.label_alt_id 
_pdbx_unobs_or_zero_occ_atoms.label_asym_id 
_pdbx_unobs_or_zero_occ_atoms.label_comp_id 
_pdbx_unobs_or_zero_occ_atoms.label_seq_id 
_pdbx_unobs_or_zero_occ_atoms.label_atom_id 
1 1 Y 1 A GLU 87 ? CG  ? A GLU 72 CG  
2 1 Y 1 A GLU 87 ? CD  ? A GLU 72 CD  
3 1 Y 1 A GLU 87 ? OE1 ? A GLU 72 OE1 
4 1 Y 1 A GLU 87 ? OE2 ? A GLU 72 OE2 
# 
loop_
_software.citation_id 
_software.classification 
_software.compiler_name 
_software.compiler_version 
_software.contact_author 
_software.contact_author_email 
_software.date 
_software.description 
_software.dependencies 
_software.hardware 
_software.language 
_software.location 
_software.mods 
_software.name 
_software.os 
_software.os_version 
_software.type 
_software.version 
_software.pdbx_ordinal 
? refinement        ? ? ? ? ? ? ? ? ? ? ? PHENIX ? ? ? 1.9_1692 1 
? 'data collection' ? ? ? ? ? ? ? ? ? ? ? MxCuBE ? ? ? .        2 
? 'data reduction'  ? ? ? ? ? ? ? ? ? ? ? XDS    ? ? ? .        3 
? 'model building'  ? ? ? ? ? ? ? ? ? ? ? Coot   ? ? ? .        4 
# 
_cell.angle_alpha                  90.00 
_cell.angle_alpha_esd              ? 
_cell.angle_beta                   90.00 
_cell.angle_beta_esd               ? 
_cell.angle_gamma                  120.00 
_cell.angle_gamma_esd              ? 
_cell.entry_id                     5MIX 
_cell.details                      ? 
_cell.formula_units_Z              ? 
_cell.length_a                     62.942 
_cell.length_a_esd                 ? 
_cell.length_b                     62.942 
_cell.length_b_esd                 ? 
_cell.length_c                     40.064 
_cell.length_c_esd                 ? 
_cell.volume                       ? 
_cell.volume_esd                   ? 
_cell.Z_PDB                        6 
_cell.reciprocal_angle_alpha       ? 
_cell.reciprocal_angle_beta        ? 
_cell.reciprocal_angle_gamma       ? 
_cell.reciprocal_angle_alpha_esd   ? 
_cell.reciprocal_angle_beta_esd    ? 
_cell.reciprocal_angle_gamma_esd   ? 
_cell.reciprocal_length_a          ? 
_cell.reciprocal_length_b          ? 
_cell.reciprocal_length_c          ? 
_cell.reciprocal_length_a_esd      ? 
_cell.reciprocal_length_b_esd      ? 
_cell.reciprocal_length_c_esd      ? 
_cell.pdbx_unique_axis             ? 
# 
_symmetry.entry_id                         5MIX 
_symmetry.cell_setting                     ? 
_symmetry.Int_Tables_number                150 
_symmetry.space_group_name_Hall            ? 
_symmetry.space_group_name_H-M             'P 3 2 1' 
_symmetry.pdbx_full_space_group_name_H-M   ? 
# 
_exptl.absorpt_coefficient_mu     ? 
_exptl.absorpt_correction_T_max   ? 
_exptl.absorpt_correction_T_min   ? 
_exptl.absorpt_correction_type    ? 
_exptl.absorpt_process_details    ? 
_exptl.entry_id                   5MIX 
_exptl.crystals_number            1 
_exptl.details                    ? 
_exptl.method                     'X-RAY DIFFRACTION' 
_exptl.method_details             ? 
# 
_exptl_crystal.colour                      ? 
_exptl_crystal.density_diffrn              ? 
_exptl_crystal.density_Matthews            1.79 
_exptl_crystal.density_method              ? 
_exptl_crystal.density_percent_sol         31.45 
_exptl_crystal.description                 ? 
_exptl_crystal.F_000                       ? 
_exptl_crystal.id                          1 
_exptl_crystal.preparation                 ? 
_exptl_crystal.size_max                    ? 
_exptl_crystal.size_mid                    ? 
_exptl_crystal.size_min                    ? 
_exptl_crystal.size_rad                    ? 
_exptl_crystal.colour_lustre               ? 
_exptl_crystal.colour_modifier             ? 
_exptl_crystal.colour_primary              ? 
_exptl_crystal.density_meas                ? 
_exptl_crystal.density_meas_esd            ? 
_exptl_crystal.density_meas_gt             ? 
_exptl_crystal.density_meas_lt             ? 
_exptl_crystal.density_meas_temp           ? 
_exptl_crystal.density_meas_temp_esd       ? 
_exptl_crystal.density_meas_temp_gt        ? 
_exptl_crystal.density_meas_temp_lt        ? 
_exptl_crystal.pdbx_crystal_image_url      ? 
_exptl_crystal.pdbx_crystal_image_format   ? 
_exptl_crystal.pdbx_mosaicity              ? 
_exptl_crystal.pdbx_mosaicity_esd          ? 
# 
_exptl_crystal_grow.apparatus       ? 
_exptl_crystal_grow.atmosphere      ? 
_exptl_crystal_grow.crystal_id      1 
_exptl_crystal_grow.details         ? 
_exptl_crystal_grow.method          'VAPOR DIFFUSION, SITTING DROP' 
_exptl_crystal_grow.method_ref      ? 
_exptl_crystal_grow.pH              ? 
_exptl_crystal_grow.pressure        ? 
_exptl_crystal_grow.pressure_esd    ? 
_exptl_crystal_grow.seeding         ? 
_exptl_crystal_grow.seeding_ref     ? 
_exptl_crystal_grow.temp            293 
_exptl_crystal_grow.temp_details    ? 
_exptl_crystal_grow.temp_esd        ? 
_exptl_crystal_grow.time            ? 
_exptl_crystal_grow.pdbx_details    
;0.4 microliter protein (39 mg/ml in 50 mM Tris-HCl (pH 8.0) buffer) were mixed with 0.2 microliter reservoir solution (1 M ammonium sulfate, 0.1 M HEPES (pH 7.0), 0.5% w/v polyethylene glycol (PEG) 8000) and equilibrated against 70 microliter of reservoir solution
;
_exptl_crystal_grow.pdbx_pH_range   ? 
# 
_diffrn.ambient_environment    ? 
_diffrn.ambient_temp           100 
_diffrn.ambient_temp_details   ? 
_diffrn.ambient_temp_esd       ? 
_diffrn.crystal_id             1 
_diffrn.crystal_support        ? 
_diffrn.crystal_treatment      ? 
_diffrn.details                ? 
_diffrn.id                     1 
_diffrn.ambient_pressure       ? 
_diffrn.ambient_pressure_esd   ? 
_diffrn.ambient_pressure_gt    ? 
_diffrn.ambient_pressure_lt    ? 
_diffrn.ambient_temp_gt        ? 
_diffrn.ambient_temp_lt        ? 
# 
_diffrn_detector.details                      ? 
_diffrn_detector.detector                     PIXEL 
_diffrn_detector.diffrn_id                    1 
_diffrn_detector.type                         'DECTRIS PILATUS 6M' 
_diffrn_detector.area_resol_mean              ? 
_diffrn_detector.dtime                        ? 
_diffrn_detector.pdbx_frames_total            ? 
_diffrn_detector.pdbx_collection_time_total   ? 
_diffrn_detector.pdbx_collection_date         2015-05-30 
# 
_diffrn_radiation.collimation                      ? 
_diffrn_radiation.diffrn_id                        1 
_diffrn_radiation.filter_edge                      ? 
_diffrn_radiation.inhomogeneity                    ? 
_diffrn_radiation.monochromator                    ? 
_diffrn_radiation.polarisn_norm                    ? 
_diffrn_radiation.polarisn_ratio                   ? 
_diffrn_radiation.probe                            ? 
_diffrn_radiation.type                             ? 
_diffrn_radiation.xray_symbol                      ? 
_diffrn_radiation.wavelength_id                    1 
_diffrn_radiation.pdbx_monochromatic_or_laue_m_l   M 
_diffrn_radiation.pdbx_wavelength_list             ? 
_diffrn_radiation.pdbx_wavelength                  ? 
_diffrn_radiation.pdbx_diffrn_protocol             'SINGLE WAVELENGTH' 
_diffrn_radiation.pdbx_analyzer                    ? 
_diffrn_radiation.pdbx_scattering_type             x-ray 
# 
_diffrn_radiation_wavelength.id           1 
_diffrn_radiation_wavelength.wavelength   0.918409 
_diffrn_radiation_wavelength.wt           1.0 
# 
_diffrn_source.current                     ? 
_diffrn_source.details                     ? 
_diffrn_source.diffrn_id                   1 
_diffrn_source.power                       ? 
_diffrn_source.size                        ? 
_diffrn_source.source                      SYNCHROTRON 
_diffrn_source.target                      ? 
_diffrn_source.type                        'BESSY BEAMLINE 14.1' 
_diffrn_source.voltage                     ? 
_diffrn_source.take-off_angle              ? 
_diffrn_source.pdbx_wavelength_list        0.918409 
_diffrn_source.pdbx_wavelength             ? 
_diffrn_source.pdbx_synchrotron_beamline   14.1 
_diffrn_source.pdbx_synchrotron_site       BESSY 
# 
_reflns.B_iso_Wilson_estimate            38.5 
_reflns.entry_id                         5MIX 
_reflns.data_reduction_details           ? 
_reflns.data_reduction_method            ? 
_reflns.d_resolution_high                1.70 
_reflns.d_resolution_low                 40.06 
_reflns.details                          ? 
_reflns.limit_h_max                      ? 
_reflns.limit_h_min                      ? 
_reflns.limit_k_max                      ? 
_reflns.limit_k_min                      ? 
_reflns.limit_l_max                      ? 
_reflns.limit_l_min                      ? 
_reflns.number_all                       ? 
_reflns.number_obs                       10348 
_reflns.observed_criterion               ? 
_reflns.observed_criterion_F_max         ? 
_reflns.observed_criterion_F_min         ? 
_reflns.observed_criterion_I_max         ? 
_reflns.observed_criterion_I_min         ? 
_reflns.observed_criterion_sigma_F       ? 
_reflns.observed_criterion_sigma_I       ? 
_reflns.percent_possible_obs             99.9 
_reflns.R_free_details                   ? 
_reflns.Rmerge_F_all                     ? 
_reflns.Rmerge_F_obs                     ? 
_reflns.Friedel_coverage                 ? 
_reflns.number_gt                        ? 
_reflns.threshold_expression             ? 
_reflns.pdbx_redundancy                  9.9 
_reflns.pdbx_Rmerge_I_obs                0.046 
_reflns.pdbx_Rmerge_I_all                ? 
_reflns.pdbx_Rsym_value                  ? 
_reflns.pdbx_netI_over_av_sigmaI         ? 
_reflns.pdbx_netI_over_sigmaI            23.8 
_reflns.pdbx_res_netI_over_av_sigmaI_2   ? 
_reflns.pdbx_res_netI_over_sigmaI_2      ? 
_reflns.pdbx_chi_squared                 ? 
_reflns.pdbx_scaling_rejects             ? 
_reflns.pdbx_d_res_high_opt              ? 
_reflns.pdbx_d_res_low_opt               ? 
_reflns.pdbx_d_res_opt_method            ? 
_reflns.phase_calculation_details        ? 
_reflns.pdbx_Rrim_I_all                  ? 
_reflns.pdbx_Rpim_I_all                  ? 
_reflns.pdbx_d_opt                       ? 
_reflns.pdbx_number_measured_all         ? 
_reflns.pdbx_diffrn_id                   1 
_reflns.pdbx_ordinal                     1 
_reflns.pdbx_CC_half                     ? 
_reflns.pdbx_R_split                     ? 
# 
_reflns_shell.d_res_high                  1.70 
_reflns_shell.d_res_low                   1.80 
_reflns_shell.meanI_over_sigI_all         ? 
_reflns_shell.meanI_over_sigI_obs         2.6 
_reflns_shell.number_measured_all         ? 
_reflns_shell.number_measured_obs         ? 
_reflns_shell.number_possible             ? 
_reflns_shell.number_unique_all           ? 
_reflns_shell.number_unique_obs           ? 
_reflns_shell.percent_possible_all        99.9 
_reflns_shell.percent_possible_obs        ? 
_reflns_shell.Rmerge_F_all                ? 
_reflns_shell.Rmerge_F_obs                ? 
_reflns_shell.Rmerge_I_all                ? 
_reflns_shell.Rmerge_I_obs                0.851 
_reflns_shell.meanI_over_sigI_gt          ? 
_reflns_shell.meanI_over_uI_all           ? 
_reflns_shell.meanI_over_uI_gt            ? 
_reflns_shell.number_measured_gt          ? 
_reflns_shell.number_unique_gt            ? 
_reflns_shell.percent_possible_gt         ? 
_reflns_shell.Rmerge_F_gt                 ? 
_reflns_shell.Rmerge_I_gt                 ? 
_reflns_shell.pdbx_redundancy             9.9 
_reflns_shell.pdbx_Rsym_value             ? 
_reflns_shell.pdbx_chi_squared            ? 
_reflns_shell.pdbx_netI_over_sigmaI_all   ? 
_reflns_shell.pdbx_netI_over_sigmaI_obs   ? 
_reflns_shell.pdbx_Rrim_I_all             ? 
_reflns_shell.pdbx_Rpim_I_all             ? 
_reflns_shell.pdbx_rejects                ? 
_reflns_shell.pdbx_ordinal                1 
_reflns_shell.pdbx_diffrn_id              1 
_reflns_shell.pdbx_CC_half                ? 
_reflns_shell.pdbx_R_split                ? 
# 
_refine.aniso_B[1][1]                            ? 
_refine.aniso_B[1][2]                            ? 
_refine.aniso_B[1][3]                            ? 
_refine.aniso_B[2][2]                            ? 
_refine.aniso_B[2][3]                            ? 
_refine.aniso_B[3][3]                            ? 
_refine.B_iso_max                                ? 
_refine.B_iso_mean                               44.6 
_refine.B_iso_min                                ? 
_refine.correlation_coeff_Fo_to_Fc               ? 
_refine.correlation_coeff_Fo_to_Fc_free          ? 
_refine.details                                  ? 
_refine.diff_density_max                         ? 
_refine.diff_density_max_esd                     ? 
_refine.diff_density_min                         ? 
_refine.diff_density_min_esd                     ? 
_refine.diff_density_rms                         ? 
_refine.diff_density_rms_esd                     ? 
_refine.entry_id                                 5MIX 
_refine.pdbx_refine_id                           'X-RAY DIFFRACTION' 
_refine.ls_abs_structure_details                 ? 
_refine.ls_abs_structure_Flack                   ? 
_refine.ls_abs_structure_Flack_esd               ? 
_refine.ls_abs_structure_Rogers                  ? 
_refine.ls_abs_structure_Rogers_esd              ? 
_refine.ls_d_res_high                            1.701 
_refine.ls_d_res_low                             40.06 
_refine.ls_extinction_coef                       ? 
_refine.ls_extinction_coef_esd                   ? 
_refine.ls_extinction_expression                 ? 
_refine.ls_extinction_method                     ? 
_refine.ls_goodness_of_fit_all                   ? 
_refine.ls_goodness_of_fit_all_esd               ? 
_refine.ls_goodness_of_fit_obs                   ? 
_refine.ls_goodness_of_fit_obs_esd               ? 
_refine.ls_hydrogen_treatment                    ? 
_refine.ls_matrix_type                           ? 
_refine.ls_number_constraints                    ? 
_refine.ls_number_parameters                     ? 
_refine.ls_number_reflns_all                     ? 
_refine.ls_number_reflns_obs                     10347 
_refine.ls_number_reflns_R_free                  1026 
_refine.ls_number_reflns_R_work                  ? 
_refine.ls_number_restraints                     ? 
_refine.ls_percent_reflns_obs                    99.92 
_refine.ls_percent_reflns_R_free                 9.92 
_refine.ls_R_factor_all                          ? 
_refine.ls_R_factor_obs                          0.1912 
_refine.ls_R_factor_R_free                       0.2164 
_refine.ls_R_factor_R_free_error                 ? 
_refine.ls_R_factor_R_free_error_details         ? 
_refine.ls_R_factor_R_work                       0.1884 
_refine.ls_R_Fsqd_factor_obs                     ? 
_refine.ls_R_I_factor_obs                        ? 
_refine.ls_redundancy_reflns_all                 ? 
_refine.ls_redundancy_reflns_obs                 ? 
_refine.ls_restrained_S_all                      ? 
_refine.ls_restrained_S_obs                      ? 
_refine.ls_shift_over_esd_max                    ? 
_refine.ls_shift_over_esd_mean                   ? 
_refine.ls_structure_factor_coef                 ? 
_refine.ls_weighting_details                     ? 
_refine.ls_weighting_scheme                      ? 
_refine.ls_wR_factor_all                         ? 
_refine.ls_wR_factor_obs                         ? 
_refine.ls_wR_factor_R_free                      ? 
_refine.ls_wR_factor_R_work                      ? 
_refine.occupancy_max                            ? 
_refine.occupancy_min                            ? 
_refine.solvent_model_details                    ? 
_refine.solvent_model_param_bsol                 ? 
_refine.solvent_model_param_ksol                 ? 
_refine.ls_R_factor_gt                           ? 
_refine.ls_goodness_of_fit_gt                    ? 
_refine.ls_goodness_of_fit_ref                   ? 
_refine.ls_shift_over_su_max                     ? 
_refine.ls_shift_over_su_max_lt                  ? 
_refine.ls_shift_over_su_mean                    ? 
_refine.ls_shift_over_su_mean_lt                 ? 
_refine.pdbx_ls_sigma_I                          ? 
_refine.pdbx_ls_sigma_F                          1.38 
_refine.pdbx_ls_sigma_Fsqd                       ? 
_refine.pdbx_data_cutoff_high_absF               ? 
_refine.pdbx_data_cutoff_high_rms_absF           ? 
_refine.pdbx_data_cutoff_low_absF                ? 
_refine.pdbx_isotropic_thermal_model             ? 
_refine.pdbx_ls_cross_valid_method               'FREE R-VALUE' 
_refine.pdbx_method_to_determine_struct          ? 
_refine.pdbx_starting_model                      ? 
_refine.pdbx_stereochemistry_target_values       ? 
_refine.pdbx_R_Free_selection_details            ? 
_refine.pdbx_stereochem_target_val_spec_case     ? 
_refine.pdbx_overall_ESU_R                       ? 
_refine.pdbx_overall_ESU_R_Free                  ? 
_refine.pdbx_solvent_vdw_probe_radii             1.11 
_refine.pdbx_solvent_ion_probe_radii             ? 
_refine.pdbx_solvent_shrinkage_radii             0.90 
_refine.pdbx_real_space_R                        ? 
_refine.pdbx_density_correlation                 ? 
_refine.pdbx_pd_number_of_powder_patterns        ? 
_refine.pdbx_pd_number_of_points                 ? 
_refine.pdbx_pd_meas_number_of_points            ? 
_refine.pdbx_pd_proc_ls_prof_R_factor            ? 
_refine.pdbx_pd_proc_ls_prof_wR_factor           ? 
_refine.pdbx_pd_Marquardt_correlation_coeff      ? 
_refine.pdbx_pd_Fsqrd_R_factor                   ? 
_refine.pdbx_pd_ls_matrix_band_width             ? 
_refine.pdbx_overall_phase_error                 25.13 
_refine.pdbx_overall_SU_R_free_Cruickshank_DPI   ? 
_refine.pdbx_overall_SU_R_free_Blow_DPI          ? 
_refine.pdbx_overall_SU_R_Blow_DPI               ? 
_refine.pdbx_TLS_residual_ADP_flag               ? 
_refine.pdbx_diffrn_id                           1 
_refine.overall_SU_B                             ? 
_refine.overall_SU_ML                            0.22 
_refine.overall_SU_R_Cruickshank_DPI             ? 
_refine.overall_SU_R_free                        ? 
_refine.overall_FOM_free_R_set                   ? 
_refine.overall_FOM_work_R_set                   ? 
_refine.pdbx_average_fsc_overall                 ? 
_refine.pdbx_average_fsc_work                    ? 
_refine.pdbx_average_fsc_free                    ? 
# 
_refine_hist.pdbx_refine_id                   'X-RAY DIFFRACTION' 
_refine_hist.cycle_id                         LAST 
_refine_hist.pdbx_number_atoms_protein        597 
_refine_hist.pdbx_number_atoms_nucleic_acid   0 
_refine_hist.pdbx_number_atoms_ligand         0 
_refine_hist.number_atoms_solvent             31 
_refine_hist.number_atoms_total               628 
_refine_hist.d_res_high                       1.701 
_refine_hist.d_res_low                        40.06 
# 
loop_
_refine_ls_restr.pdbx_refine_id 
_refine_ls_restr.criterion 
_refine_ls_restr.dev_ideal 
_refine_ls_restr.dev_ideal_target 
_refine_ls_restr.number 
_refine_ls_restr.rejects 
_refine_ls_restr.type 
_refine_ls_restr.weight 
_refine_ls_restr.pdbx_restraint_function 
'X-RAY DIFFRACTION' ? 0.006  ? 663 ? f_bond_d           ? ? 
'X-RAY DIFFRACTION' ? 1.088  ? 914 ? f_angle_d          ? ? 
'X-RAY DIFFRACTION' ? 12.682 ? 252 ? f_dihedral_angle_d ? ? 
'X-RAY DIFFRACTION' ? 0.049  ? 106 ? f_chiral_restr     ? ? 
'X-RAY DIFFRACTION' ? 0.006  ? 121 ? f_plane_restr      ? ? 
# 
loop_
_refine_ls_shell.pdbx_refine_id 
_refine_ls_shell.d_res_high 
_refine_ls_shell.d_res_low 
_refine_ls_shell.number_reflns_all 
_refine_ls_shell.number_reflns_obs 
_refine_ls_shell.number_reflns_R_free 
_refine_ls_shell.number_reflns_R_work 
_refine_ls_shell.percent_reflns_obs 
_refine_ls_shell.percent_reflns_R_free 
_refine_ls_shell.R_factor_all 
_refine_ls_shell.R_factor_obs 
_refine_ls_shell.R_factor_R_free 
_refine_ls_shell.R_factor_R_free_error 
_refine_ls_shell.R_factor_R_work 
_refine_ls_shell.redundancy_reflns_all 
_refine_ls_shell.redundancy_reflns_obs 
_refine_ls_shell.wR_factor_all 
_refine_ls_shell.wR_factor_obs 
_refine_ls_shell.wR_factor_R_free 
_refine_ls_shell.wR_factor_R_work 
_refine_ls_shell.pdbx_total_number_of_bins_used 
_refine_ls_shell.pdbx_phase_error 
_refine_ls_shell.pdbx_fsc_work 
_refine_ls_shell.pdbx_fsc_free 
'X-RAY DIFFRACTION' 1.7006 1.7903  . . 144 1290 100.00 . . . 0.3218 . 0.2786 . . . . . . . . . . 
'X-RAY DIFFRACTION' 1.7903 1.9025  . . 146 1319 100.00 . . . 0.2345 . 0.2143 . . . . . . . . . . 
'X-RAY DIFFRACTION' 1.9025 2.0494  . . 146 1307 100.00 . . . 0.2651 . 0.1855 . . . . . . . . . . 
'X-RAY DIFFRACTION' 2.0494 2.2556  . . 147 1333 100.00 . . . 0.1963 . 0.1930 . . . . . . . . . . 
'X-RAY DIFFRACTION' 2.2556 2.5819  . . 144 1316 100.00 . . . 0.2336 . 0.2007 . . . . . . . . . . 
'X-RAY DIFFRACTION' 2.5819 3.2527  . . 147 1349 100.00 . . . 0.2404 . 0.2117 . . . . . . . . . . 
'X-RAY DIFFRACTION' 3.2527 40.0751 . . 152 1407 100.00 . . . 0.1925 . 0.1681 . . . . . . . . . . 
# 
_struct.entry_id                     5MIX 
_struct.title                        'Extracellular domain of human CD83 - trigonal crystal form' 
_struct.pdbx_model_details           ? 
_struct.pdbx_formula_weight          ? 
_struct.pdbx_formula_weight_method   ? 
_struct.pdbx_model_type_details      ? 
_struct.pdbx_CASP_flag               N 
# 
_struct_keywords.entry_id        5MIX 
_struct_keywords.text            'Dendritic cell, receptor, immunoglobulin, immune system' 
_struct_keywords.pdbx_keywords   'IMMUNE SYSTEM' 
# 
loop_
_struct_asym.id 
_struct_asym.pdbx_blank_PDB_chainid_flag 
_struct_asym.pdbx_modified 
_struct_asym.entity_id 
_struct_asym.details 
A N N 1 ? 
B N N 2 ? 
# 
_struct_ref.id                         1 
_struct_ref.db_name                    UNP 
_struct_ref.db_code                    CD83_HUMAN 
_struct_ref.pdbx_db_accession          Q01151 
_struct_ref.pdbx_db_isoform            ? 
_struct_ref.entity_id                  1 
_struct_ref.pdbx_seq_one_letter_code   
;TPEVKVACSEDVDLPCTAPWDPQVPYTVSWVKLLEGGEERMETPQEDHLRGQHYHQKGQNGSFDAPNERPYSLKIRNTTS
CNSGTYRCTLQDPDGQRNLSGKVILRVTGCPA
;
_struct_ref.pdbx_align_begin           20 
# 
_struct_ref_seq.align_id                      1 
_struct_ref_seq.ref_id                        1 
_struct_ref_seq.pdbx_PDB_id_code              5MIX 
_struct_ref_seq.pdbx_strand_id                A 
_struct_ref_seq.seq_align_beg                 5 
_struct_ref_seq.pdbx_seq_align_beg_ins_code   ? 
_struct_ref_seq.seq_align_end                 116 
_struct_ref_seq.pdbx_seq_align_end_ins_code   ? 
_struct_ref_seq.pdbx_db_accession             Q01151 
_struct_ref_seq.db_align_beg                  20 
_struct_ref_seq.pdbx_db_align_beg_ins_code    ? 
_struct_ref_seq.db_align_end                  131 
_struct_ref_seq.pdbx_db_align_end_ins_code    ? 
_struct_ref_seq.pdbx_auth_seq_align_beg       20 
_struct_ref_seq.pdbx_auth_seq_align_end       131 
# 
loop_
_struct_ref_seq_dif.align_id 
_struct_ref_seq_dif.pdbx_pdb_id_code 
_struct_ref_seq_dif.mon_id 
_struct_ref_seq_dif.pdbx_pdb_strand_id 
_struct_ref_seq_dif.seq_num 
_struct_ref_seq_dif.pdbx_pdb_ins_code 
_struct_ref_seq_dif.pdbx_seq_db_name 
_struct_ref_seq_dif.pdbx_seq_db_accession_code 
_struct_ref_seq_dif.db_mon_id 
_struct_ref_seq_dif.pdbx_seq_db_seq_num 
_struct_ref_seq_dif.details 
_struct_ref_seq_dif.pdbx_auth_seq_num 
_struct_ref_seq_dif.pdbx_ordinal 
1 5MIX GLY A 1   ? UNP Q01151 ?   ?   'expression tag'      16  1 
1 5MIX SER A 2   ? UNP Q01151 ?   ?   'expression tag'      17  2 
1 5MIX PRO A 3   ? UNP Q01151 ?   ?   'expression tag'      18  3 
1 5MIX GLY A 4   ? UNP Q01151 ?   ?   'expression tag'      19  4 
1 5MIX SER A 12  ? UNP Q01151 CYS 27  'engineered mutation' 27  5 
1 5MIX SER A 85  ? UNP Q01151 CYS 100 'engineered mutation' 100 6 
1 5MIX SER A 114 ? UNP Q01151 CYS 129 'engineered mutation' 129 7 
# 
_pdbx_struct_assembly.id                   1 
_pdbx_struct_assembly.details              author_and_software_defined_assembly 
_pdbx_struct_assembly.method_details       PISA 
_pdbx_struct_assembly.oligomeric_details   monomeric 
_pdbx_struct_assembly.oligomeric_count     1 
# 
loop_
_pdbx_struct_assembly_prop.biol_id 
_pdbx_struct_assembly_prop.type 
_pdbx_struct_assembly_prop.value 
_pdbx_struct_assembly_prop.details 
1 'ABSA (A^2)' 0    ? 
1 MORE         0    ? 
1 'SSA (A^2)'  5040 ? 
# 
_pdbx_struct_assembly_gen.assembly_id       1 
_pdbx_struct_assembly_gen.oper_expression   1 
_pdbx_struct_assembly_gen.asym_id_list      A,B 
# 
_pdbx_struct_oper_list.id                   1 
_pdbx_struct_oper_list.type                 'identity operation' 
_pdbx_struct_oper_list.name                 1_555 
_pdbx_struct_oper_list.symmetry_operation   x,y,z 
_pdbx_struct_oper_list.matrix[1][1]         1.0000000000 
_pdbx_struct_oper_list.matrix[1][2]         0.0000000000 
_pdbx_struct_oper_list.matrix[1][3]         0.0000000000 
_pdbx_struct_oper_list.vector[1]            0.0000000000 
_pdbx_struct_oper_list.matrix[2][1]         0.0000000000 
_pdbx_struct_oper_list.matrix[2][2]         1.0000000000 
_pdbx_struct_oper_list.matrix[2][3]         0.0000000000 
_pdbx_struct_oper_list.vector[2]            0.0000000000 
_pdbx_struct_oper_list.matrix[3][1]         0.0000000000 
_pdbx_struct_oper_list.matrix[3][2]         0.0000000000 
_pdbx_struct_oper_list.matrix[3][3]         1.0000000000 
_pdbx_struct_oper_list.vector[3]            0.0000000000 
# 
_struct_conf.conf_type_id            HELX_P 
_struct_conf.id                      HELX_P1 
_struct_conf.pdbx_PDB_helix_id       AA1 
_struct_conf.beg_label_comp_id       THR 
_struct_conf.beg_label_asym_id       A 
_struct_conf.beg_label_seq_id        83 
_struct_conf.pdbx_beg_PDB_ins_code   ? 
_struct_conf.end_label_comp_id       SER 
_struct_conf.end_label_asym_id       A 
_struct_conf.end_label_seq_id        87 
_struct_conf.pdbx_end_PDB_ins_code   ? 
_struct_conf.beg_auth_comp_id        THR 
_struct_conf.beg_auth_asym_id        A 
_struct_conf.beg_auth_seq_id         98 
_struct_conf.end_auth_comp_id        SER 
_struct_conf.end_auth_asym_id        A 
_struct_conf.end_auth_seq_id         102 
_struct_conf.pdbx_PDB_helix_class    5 
_struct_conf.details                 ? 
_struct_conf.pdbx_PDB_helix_length   5 
# 
_struct_conf_type.id          HELX_P 
_struct_conf_type.criteria    ? 
_struct_conf_type.reference   ? 
# 
loop_
_struct_conn.id 
_struct_conn.conn_type_id 
_struct_conn.pdbx_leaving_atom_flag 
_struct_conn.pdbx_PDB_id 
_struct_conn.ptnr1_label_asym_id 
_struct_conn.ptnr1_label_comp_id 
_struct_conn.ptnr1_label_seq_id 
_struct_conn.ptnr1_label_atom_id 
_struct_conn.pdbx_ptnr1_label_alt_id 
_struct_conn.pdbx_ptnr1_PDB_ins_code 
_struct_conn.pdbx_ptnr1_standard_comp_id 
_struct_conn.ptnr1_symmetry 
_struct_conn.ptnr2_label_asym_id 
_struct_conn.ptnr2_label_comp_id 
_struct_conn.ptnr2_label_seq_id 
_struct_conn.ptnr2_label_atom_id 
_struct_conn.pdbx_ptnr2_label_alt_id 
_struct_conn.pdbx_ptnr2_PDB_ins_code 
_struct_conn.ptnr1_auth_asym_id 
_struct_conn.ptnr1_auth_comp_id 
_struct_conn.ptnr1_auth_seq_id 
_struct_conn.ptnr2_auth_asym_id 
_struct_conn.ptnr2_auth_comp_id 
_struct_conn.ptnr2_auth_seq_id 
_struct_conn.ptnr2_symmetry 
_struct_conn.pdbx_ptnr3_label_atom_id 
_struct_conn.pdbx_ptnr3_label_seq_id 
_struct_conn.pdbx_ptnr3_label_comp_id 
_struct_conn.pdbx_ptnr3_label_asym_id 
_struct_conn.pdbx_ptnr3_label_alt_id 
_struct_conn.pdbx_ptnr3_PDB_ins_code 
_struct_conn.details 
_struct_conn.pdbx_dist_value 
_struct_conn.pdbx_value_order 
_struct_conn.pdbx_role 
disulf1 disulf ? ? A CYS 20 SG A ? ? 1_555 A CYS 92 SG A ? A CYS 35 A CYS 107 1_555 ? ? ? ? ? ? ? 2.039 ? ? 
disulf2 disulf ? ? A CYS 20 SG B ? ? 1_555 A CYS 92 SG B ? A CYS 35 A CYS 107 1_555 ? ? ? ? ? ? ? 2.047 ? ? 
# 
_struct_conn_type.id          disulf 
_struct_conn_type.criteria    ? 
_struct_conn_type.reference   ? 
# 
loop_
_pdbx_modification_feature.ordinal 
_pdbx_modification_feature.label_comp_id 
_pdbx_modification_feature.label_asym_id 
_pdbx_modification_feature.label_seq_id 
_pdbx_modification_feature.label_alt_id 
_pdbx_modification_feature.modified_residue_label_comp_id 
_pdbx_modification_feature.modified_residue_label_asym_id 
_pdbx_modification_feature.modified_residue_label_seq_id 
_pdbx_modification_feature.modified_residue_label_alt_id 
_pdbx_modification_feature.auth_comp_id 
_pdbx_modification_feature.auth_asym_id 
_pdbx_modification_feature.auth_seq_id 
_pdbx_modification_feature.PDB_ins_code 
_pdbx_modification_feature.symmetry 
_pdbx_modification_feature.modified_residue_auth_comp_id 
_pdbx_modification_feature.modified_residue_auth_asym_id 
_pdbx_modification_feature.modified_residue_auth_seq_id 
_pdbx_modification_feature.modified_residue_PDB_ins_code 
_pdbx_modification_feature.modified_residue_symmetry 
_pdbx_modification_feature.comp_id_linking_atom 
_pdbx_modification_feature.modified_residue_id_linking_atom 
_pdbx_modification_feature.modified_residue_id 
_pdbx_modification_feature.ref_pcm_id 
_pdbx_modification_feature.ref_comp_id 
_pdbx_modification_feature.type 
_pdbx_modification_feature.category 
1 CYS A 20 A CYS A 92 A CYS A 35 ? 1_555 CYS A 107 ? 1_555 SG SG . . . None 'Disulfide bridge' 
2 CYS A 20 B CYS A 92 B CYS A 35 ? 1_555 CYS A 107 ? 1_555 SG SG . . . None 'Disulfide bridge' 
# 
loop_
_struct_sheet.id 
_struct_sheet.type 
_struct_sheet.number_strands 
_struct_sheet.details 
AA1 ? 4 ? 
AA2 ? 2 ? 
# 
loop_
_struct_sheet_order.sheet_id 
_struct_sheet_order.range_id_1 
_struct_sheet_order.range_id_2 
_struct_sheet_order.offset 
_struct_sheet_order.sense 
AA1 1 2 ? parallel      
AA1 2 3 ? anti-parallel 
AA1 3 4 ? anti-parallel 
AA2 1 2 ? anti-parallel 
# 
loop_
_struct_sheet_range.sheet_id 
_struct_sheet_range.id 
_struct_sheet_range.beg_label_comp_id 
_struct_sheet_range.beg_label_asym_id 
_struct_sheet_range.beg_label_seq_id 
_struct_sheet_range.pdbx_beg_PDB_ins_code 
_struct_sheet_range.end_label_comp_id 
_struct_sheet_range.end_label_asym_id 
_struct_sheet_range.end_label_seq_id 
_struct_sheet_range.pdbx_end_PDB_ins_code 
_struct_sheet_range.beg_auth_comp_id 
_struct_sheet_range.beg_auth_asym_id 
_struct_sheet_range.beg_auth_seq_id 
_struct_sheet_range.end_auth_comp_id 
_struct_sheet_range.end_auth_asym_id 
_struct_sheet_range.end_auth_seq_id 
AA1 1 GLU A 7   ? VAL A 10  ? GLU A 22  VAL A 25  
AA1 2 ASN A 102 ? VAL A 111 ? ASN A 117 VAL A 126 
AA1 3 GLY A 88  ? GLN A 95  ? GLY A 103 GLN A 110 
AA1 4 THR A 31  ? LEU A 37  ? THR A 46  LEU A 52  
AA2 1 VAL A 16  ? LEU A 18  ? VAL A 31  LEU A 33  
AA2 2 LEU A 77  ? ILE A 79  ? LEU A 92  ILE A 94  
# 
loop_
_pdbx_struct_sheet_hbond.sheet_id 
_pdbx_struct_sheet_hbond.range_id_1 
_pdbx_struct_sheet_hbond.range_id_2 
_pdbx_struct_sheet_hbond.range_1_label_atom_id 
_pdbx_struct_sheet_hbond.range_1_label_comp_id 
_pdbx_struct_sheet_hbond.range_1_label_asym_id 
_pdbx_struct_sheet_hbond.range_1_label_seq_id 
_pdbx_struct_sheet_hbond.range_1_PDB_ins_code 
_pdbx_struct_sheet_hbond.range_1_auth_atom_id 
_pdbx_struct_sheet_hbond.range_1_auth_comp_id 
_pdbx_struct_sheet_hbond.range_1_auth_asym_id 
_pdbx_struct_sheet_hbond.range_1_auth_seq_id 
_pdbx_struct_sheet_hbond.range_2_label_atom_id 
_pdbx_struct_sheet_hbond.range_2_label_comp_id 
_pdbx_struct_sheet_hbond.range_2_label_asym_id 
_pdbx_struct_sheet_hbond.range_2_label_seq_id 
_pdbx_struct_sheet_hbond.range_2_PDB_ins_code 
_pdbx_struct_sheet_hbond.range_2_auth_atom_id 
_pdbx_struct_sheet_hbond.range_2_auth_comp_id 
_pdbx_struct_sheet_hbond.range_2_auth_asym_id 
_pdbx_struct_sheet_hbond.range_2_auth_seq_id 
AA1 1 2 N VAL A 8   ? N VAL A 23  O ARG A 110 ? O ARG A 125 
AA1 2 3 O LEU A 103 ? O LEU A 118 N LEU A 94  ? N LEU A 109 
AA1 3 4 O GLN A 95  ? O GLN A 110 N THR A 31  ? N THR A 46  
AA2 1 2 N VAL A 16  ? N VAL A 31  O ILE A 79  ? O ILE A 94  
# 
_pdbx_entry_details.entry_id                   5MIX 
_pdbx_entry_details.compound_details           ? 
_pdbx_entry_details.source_details             ? 
_pdbx_entry_details.nonpolymer_details         ? 
_pdbx_entry_details.sequence_details           ? 
_pdbx_entry_details.has_ligand_of_interest     ? 
_pdbx_entry_details.has_protein_modification   Y 
# 
loop_
_pdbx_validate_torsion.id 
_pdbx_validate_torsion.PDB_model_num 
_pdbx_validate_torsion.auth_comp_id 
_pdbx_validate_torsion.auth_asym_id 
_pdbx_validate_torsion.auth_seq_id 
_pdbx_validate_torsion.PDB_ins_code 
_pdbx_validate_torsion.label_alt_id 
_pdbx_validate_torsion.phi 
_pdbx_validate_torsion.psi 
1 1 SER A 28 ? ? 72.85 -5.76 
2 1 SER A 28 ? ? 72.46 -5.76 
# 
loop_
_pdbx_refine_tls.pdbx_refine_id 
_pdbx_refine_tls.id 
_pdbx_refine_tls.details 
_pdbx_refine_tls.method 
_pdbx_refine_tls.origin_x 
_pdbx_refine_tls.origin_y 
_pdbx_refine_tls.origin_z 
_pdbx_refine_tls.T[1][1] 
_pdbx_refine_tls.T[2][2] 
_pdbx_refine_tls.T[3][3] 
_pdbx_refine_tls.T[1][2] 
_pdbx_refine_tls.T[1][3] 
_pdbx_refine_tls.T[2][3] 
_pdbx_refine_tls.L[1][1] 
_pdbx_refine_tls.L[2][2] 
_pdbx_refine_tls.L[3][3] 
_pdbx_refine_tls.L[1][2] 
_pdbx_refine_tls.L[1][3] 
_pdbx_refine_tls.L[2][3] 
_pdbx_refine_tls.S[1][1] 
_pdbx_refine_tls.S[1][2] 
_pdbx_refine_tls.S[1][3] 
_pdbx_refine_tls.S[2][1] 
_pdbx_refine_tls.S[2][2] 
_pdbx_refine_tls.S[2][3] 
_pdbx_refine_tls.S[3][1] 
_pdbx_refine_tls.S[3][2] 
_pdbx_refine_tls.S[3][3] 
'X-RAY DIFFRACTION' 1  ? refined -10.7830 3.2850  2.5078   0.3435 0.3500 0.5524 -0.0370 0.0491  -0.0686 2.5347  3.1968  3.7741 -1.8361 -3.0297 1.8203  0.0475  -0.6208 0.2943  1.0496  -0.2716 3.2548  -0.2796 -0.1252 0.1827  
'X-RAY DIFFRACTION' 2  ? refined -8.4431  7.6988  -9.4845  0.7709 0.4610 0.2717 0.2413  -0.0484 0.0646  3.0165  4.2834  5.0395 2.4112  2.4969  -0.6482 0.4786  0.8505  0.0531  -1.4081 -0.9777 0.7649  -0.1995 -0.5848 0.6331  
'X-RAY DIFFRACTION' 3  ? refined -0.6197  5.4537  -4.2877  0.4263 0.2728 0.3555 -0.0268 0.0575  0.0218  9.5629  6.2658  3.6113 -1.9310 5.0137  -2.8001 0.0699  0.7362  0.6290  -0.6276 -0.5837 -0.6913 -0.6292 1.5532  0.5388  
'X-RAY DIFFRACTION' 4  ? refined 8.8076   0.6344  9.6613   0.3623 0.5709 0.4677 -0.1042 -0.0427 0.0081  10.3577 0.5630  6.9450 -0.4210 -4.2084 -0.6063 0.0415  -0.6482 0.6985  0.4913  0.0021  -0.2804 -0.4897 0.5616  -0.0145 
'X-RAY DIFFRACTION' 5  ? refined -1.7172  -6.4240 -2.1521  0.1675 0.2409 0.2587 0.0001  0.0263  -0.0016 4.3143  6.0239  8.1267 -3.3063 -0.7884 0.3326  -0.0188 -0.1677 0.0287  0.0959  -0.1880 0.0143  0.0311  -0.0164 0.1816  
'X-RAY DIFFRACTION' 6  ? refined 4.3533   4.0786  -1.2536  0.3280 0.3545 0.4336 -0.1426 0.0373  0.0034  8.1607  6.2537  4.5679 -2.7765 5.3134  -0.5961 0.0280  0.2300  1.2450  -0.2676 -0.7153 -0.7745 -0.5389 1.3639  0.7713  
'X-RAY DIFFRACTION' 7  ? refined -3.3088  2.6721  -14.2338 0.7709 0.6540 0.3737 0.0392  0.0461  0.0138  7.3068  0.9238  8.7449 -1.8709 0.7800  -1.9484 0.3389  2.1112  -0.2348 -1.1672 -0.5060 -0.5362 -0.8063 0.8076  -0.0695 
'X-RAY DIFFRACTION' 8  ? refined 2.5124   -4.9520 2.9483   0.1877 0.3416 0.2976 -0.0055 0.0214  -0.0198 9.5515  3.0998  7.0024 -1.3636 5.0171  -0.6561 0.3557  -0.3519 -0.5867 -0.1487 -0.0190 -0.2059 0.5867  0.5122  -0.3457 
'X-RAY DIFFRACTION' 9  ? refined 1.7356   -5.7361 8.2588   0.2499 0.3420 0.2802 0.0321  0.0233  -0.0125 11.1820 -0.2972 4.5137 0.4555  3.7926  0.3103  0.3451  -0.4462 -0.4941 -0.4953 -0.1874 -0.2233 0.6675  0.3928  -0.1936 
'X-RAY DIFFRACTION' 10 ? refined -10.8417 3.9574  -7.8761  0.4573 0.4876 0.4653 0.0066  -0.0520 -0.0596 2.1288  6.7869  3.3807 2.4830  -2.4746 -4.1260 0.1547  0.8047  1.0846  -0.6687 -0.1672 2.0042  -0.5807 -1.8044 -0.4819  
# 
loop_
_pdbx_refine_tls_group.pdbx_refine_id 
_pdbx_refine_tls_group.id 
_pdbx_refine_tls_group.refine_tls_id 
_pdbx_refine_tls_group.beg_auth_asym_id 
_pdbx_refine_tls_group.beg_auth_seq_id 
_pdbx_refine_tls_group.beg_label_asym_id 
_pdbx_refine_tls_group.beg_label_seq_id 
_pdbx_refine_tls_group.end_auth_asym_id 
_pdbx_refine_tls_group.end_auth_seq_id 
_pdbx_refine_tls_group.end_label_asym_id 
_pdbx_refine_tls_group.end_label_seq_id 
_pdbx_refine_tls_group.selection 
_pdbx_refine_tls_group.selection_details 
'X-RAY DIFFRACTION' 1  1  ? ? ? ? ? ? ? ? ? '(chain A and resid 19:22)'   
'X-RAY DIFFRACTION' 2  2  ? ? ? ? ? ? ? ? ? '(chain A and resid 23:27)'   
'X-RAY DIFFRACTION' 3  3  ? ? ? ? ? ? ? ? ? '(chain A and resid 28:36)'   
'X-RAY DIFFRACTION' 4  4  ? ? ? ? ? ? ? ? ? '(chain A and resid 37:47)'   
'X-RAY DIFFRACTION' 5  5  ? ? ? ? ? ? ? ? ? '(chain A and resid 48:87)'   
'X-RAY DIFFRACTION' 6  6  ? ? ? ? ? ? ? ? ? '(chain A and resid 88:94)'   
'X-RAY DIFFRACTION' 7  7  ? ? ? ? ? ? ? ? ? '(chain A and resid 95:100)'  
'X-RAY DIFFRACTION' 8  8  ? ? ? ? ? ? ? ? ? '(chain A and resid 101:114)' 
'X-RAY DIFFRACTION' 9  9  ? ? ? ? ? ? ? ? ? '(chain A and resid 115:123)' 
'X-RAY DIFFRACTION' 10 10 ? ? ? ? ? ? ? ? ? '(chain A and resid 124:127)' 
# 
loop_
_pdbx_unobs_or_zero_occ_residues.id 
_pdbx_unobs_or_zero_occ_residues.PDB_model_num 
_pdbx_unobs_or_zero_occ_residues.polymer_flag 
_pdbx_unobs_or_zero_occ_residues.occupancy_flag 
_pdbx_unobs_or_zero_occ_residues.auth_asym_id 
_pdbx_unobs_or_zero_occ_residues.auth_comp_id 
_pdbx_unobs_or_zero_occ_residues.auth_seq_id 
_pdbx_unobs_or_zero_occ_residues.PDB_ins_code 
_pdbx_unobs_or_zero_occ_residues.label_asym_id 
_pdbx_unobs_or_zero_occ_residues.label_comp_id 
_pdbx_unobs_or_zero_occ_residues.label_seq_id 
1  1 Y 1 A GLY 16  ? A GLY 1   
2  1 Y 1 A SER 17  ? A SER 2   
3  1 Y 1 A PRO 18  ? A PRO 3   
4  1 Y 1 A GLY 55  ? A GLY 40  
5  1 Y 1 A GLY 56  ? A GLY 41  
6  1 Y 1 A GLU 57  ? A GLU 42  
7  1 Y 1 A GLU 58  ? A GLU 43  
8  1 Y 1 A ARG 59  ? A ARG 44  
9  1 Y 1 A MET 60  ? A MET 45  
10 1 Y 1 A GLU 61  ? A GLU 46  
11 1 Y 1 A THR 62  ? A THR 47  
12 1 Y 1 A PRO 63  ? A PRO 48  
13 1 Y 1 A GLN 64  ? A GLN 49  
14 1 Y 1 A GLU 65  ? A GLU 50  
15 1 Y 1 A ASP 66  ? A ASP 51  
16 1 Y 1 A HIS 67  ? A HIS 52  
17 1 Y 1 A LEU 68  ? A LEU 53  
18 1 Y 1 A ARG 69  ? A ARG 54  
19 1 Y 1 A GLY 70  ? A GLY 55  
20 1 Y 1 A GLN 71  ? A GLN 56  
21 1 Y 1 A HIS 72  ? A HIS 57  
22 1 Y 1 A TYR 73  ? A TYR 58  
23 1 Y 1 A HIS 74  ? A HIS 59  
24 1 Y 1 A GLN 75  ? A GLN 60  
25 1 Y 1 A LYS 76  ? A LYS 61  
26 1 Y 1 A GLY 77  ? A GLY 62  
27 1 Y 1 A GLN 78  ? A GLN 63  
28 1 Y 1 A ASN 79  ? A ASN 64  
29 1 Y 1 A GLY 80  ? A GLY 65  
30 1 Y 1 A SER 81  ? A SER 66  
31 1 Y 1 A PHE 82  ? A PHE 67  
32 1 Y 1 A ASP 83  ? A ASP 68  
33 1 Y 1 A ALA 84  ? A ALA 69  
34 1 Y 1 A PRO 85  ? A PRO 70  
35 1 Y 1 A ASN 86  ? A ASN 71  
36 1 Y 1 A GLY 128 ? A GLY 113 
37 1 Y 1 A SER 129 ? A SER 114 
38 1 Y 1 A PRO 130 ? A PRO 115 
39 1 Y 1 A ALA 131 ? A ALA 116 
# 
loop_
_chem_comp_atom.comp_id 
_chem_comp_atom.atom_id 
_chem_comp_atom.type_symbol 
_chem_comp_atom.pdbx_aromatic_flag 
_chem_comp_atom.pdbx_stereo_config 
_chem_comp_atom.pdbx_ordinal 
ALA N    N N N 1   
ALA CA   C N S 2   
ALA C    C N N 3   
ALA O    O N N 4   
ALA CB   C N N 5   
ALA OXT  O N N 6   
ALA H    H N N 7   
ALA H2   H N N 8   
ALA HA   H N N 9   
ALA HB1  H N N 10  
ALA HB2  H N N 11  
ALA HB3  H N N 12  
ALA HXT  H N N 13  
ARG N    N N N 14  
ARG CA   C N S 15  
ARG C    C N N 16  
ARG O    O N N 17  
ARG CB   C N N 18  
ARG CG   C N N 19  
ARG CD   C N N 20  
ARG NE   N N N 21  
ARG CZ   C N N 22  
ARG NH1  N N N 23  
ARG NH2  N N N 24  
ARG OXT  O N N 25  
ARG H    H N N 26  
ARG H2   H N N 27  
ARG HA   H N N 28  
ARG HB2  H N N 29  
ARG HB3  H N N 30  
ARG HG2  H N N 31  
ARG HG3  H N N 32  
ARG HD2  H N N 33  
ARG HD3  H N N 34  
ARG HE   H N N 35  
ARG HH11 H N N 36  
ARG HH12 H N N 37  
ARG HH21 H N N 38  
ARG HH22 H N N 39  
ARG HXT  H N N 40  
ASN N    N N N 41  
ASN CA   C N S 42  
ASN C    C N N 43  
ASN O    O N N 44  
ASN CB   C N N 45  
ASN CG   C N N 46  
ASN OD1  O N N 47  
ASN ND2  N N N 48  
ASN OXT  O N N 49  
ASN H    H N N 50  
ASN H2   H N N 51  
ASN HA   H N N 52  
ASN HB2  H N N 53  
ASN HB3  H N N 54  
ASN HD21 H N N 55  
ASN HD22 H N N 56  
ASN HXT  H N N 57  
ASP N    N N N 58  
ASP CA   C N S 59  
ASP C    C N N 60  
ASP O    O N N 61  
ASP CB   C N N 62  
ASP CG   C N N 63  
ASP OD1  O N N 64  
ASP OD2  O N N 65  
ASP OXT  O N N 66  
ASP H    H N N 67  
ASP H2   H N N 68  
ASP HA   H N N 69  
ASP HB2  H N N 70  
ASP HB3  H N N 71  
ASP HD2  H N N 72  
ASP HXT  H N N 73  
CYS N    N N N 74  
CYS CA   C N R 75  
CYS C    C N N 76  
CYS O    O N N 77  
CYS CB   C N N 78  
CYS SG   S N N 79  
CYS OXT  O N N 80  
CYS H    H N N 81  
CYS H2   H N N 82  
CYS HA   H N N 83  
CYS HB2  H N N 84  
CYS HB3  H N N 85  
CYS HG   H N N 86  
CYS HXT  H N N 87  
GLN N    N N N 88  
GLN CA   C N S 89  
GLN C    C N N 90  
GLN O    O N N 91  
GLN CB   C N N 92  
GLN CG   C N N 93  
GLN CD   C N N 94  
GLN OE1  O N N 95  
GLN NE2  N N N 96  
GLN OXT  O N N 97  
GLN H    H N N 98  
GLN H2   H N N 99  
GLN HA   H N N 100 
GLN HB2  H N N 101 
GLN HB3  H N N 102 
GLN HG2  H N N 103 
GLN HG3  H N N 104 
GLN HE21 H N N 105 
GLN HE22 H N N 106 
GLN HXT  H N N 107 
GLU N    N N N 108 
GLU CA   C N S 109 
GLU C    C N N 110 
GLU O    O N N 111 
GLU CB   C N N 112 
GLU CG   C N N 113 
GLU CD   C N N 114 
GLU OE1  O N N 115 
GLU OE2  O N N 116 
GLU OXT  O N N 117 
GLU H    H N N 118 
GLU H2   H N N 119 
GLU HA   H N N 120 
GLU HB2  H N N 121 
GLU HB3  H N N 122 
GLU HG2  H N N 123 
GLU HG3  H N N 124 
GLU HE2  H N N 125 
GLU HXT  H N N 126 
GLY N    N N N 127 
GLY CA   C N N 128 
GLY C    C N N 129 
GLY O    O N N 130 
GLY OXT  O N N 131 
GLY H    H N N 132 
GLY H2   H N N 133 
GLY HA2  H N N 134 
GLY HA3  H N N 135 
GLY HXT  H N N 136 
HIS N    N N N 137 
HIS CA   C N S 138 
HIS C    C N N 139 
HIS O    O N N 140 
HIS CB   C N N 141 
HIS CG   C Y N 142 
HIS ND1  N Y N 143 
HIS CD2  C Y N 144 
HIS CE1  C Y N 145 
HIS NE2  N Y N 146 
HIS OXT  O N N 147 
HIS H    H N N 148 
HIS H2   H N N 149 
HIS HA   H N N 150 
HIS HB2  H N N 151 
HIS HB3  H N N 152 
HIS HD1  H N N 153 
HIS HD2  H N N 154 
HIS HE1  H N N 155 
HIS HE2  H N N 156 
HIS HXT  H N N 157 
HOH O    O N N 158 
HOH H1   H N N 159 
HOH H2   H N N 160 
ILE N    N N N 161 
ILE CA   C N S 162 
ILE C    C N N 163 
ILE O    O N N 164 
ILE CB   C N S 165 
ILE CG1  C N N 166 
ILE CG2  C N N 167 
ILE CD1  C N N 168 
ILE OXT  O N N 169 
ILE H    H N N 170 
ILE H2   H N N 171 
ILE HA   H N N 172 
ILE HB   H N N 173 
ILE HG12 H N N 174 
ILE HG13 H N N 175 
ILE HG21 H N N 176 
ILE HG22 H N N 177 
ILE HG23 H N N 178 
ILE HD11 H N N 179 
ILE HD12 H N N 180 
ILE HD13 H N N 181 
ILE HXT  H N N 182 
LEU N    N N N 183 
LEU CA   C N S 184 
LEU C    C N N 185 
LEU O    O N N 186 
LEU CB   C N N 187 
LEU CG   C N N 188 
LEU CD1  C N N 189 
LEU CD2  C N N 190 
LEU OXT  O N N 191 
LEU H    H N N 192 
LEU H2   H N N 193 
LEU HA   H N N 194 
LEU HB2  H N N 195 
LEU HB3  H N N 196 
LEU HG   H N N 197 
LEU HD11 H N N 198 
LEU HD12 H N N 199 
LEU HD13 H N N 200 
LEU HD21 H N N 201 
LEU HD22 H N N 202 
LEU HD23 H N N 203 
LEU HXT  H N N 204 
LYS N    N N N 205 
LYS CA   C N S 206 
LYS C    C N N 207 
LYS O    O N N 208 
LYS CB   C N N 209 
LYS CG   C N N 210 
LYS CD   C N N 211 
LYS CE   C N N 212 
LYS NZ   N N N 213 
LYS OXT  O N N 214 
LYS H    H N N 215 
LYS H2   H N N 216 
LYS HA   H N N 217 
LYS HB2  H N N 218 
LYS HB3  H N N 219 
LYS HG2  H N N 220 
LYS HG3  H N N 221 
LYS HD2  H N N 222 
LYS HD3  H N N 223 
LYS HE2  H N N 224 
LYS HE3  H N N 225 
LYS HZ1  H N N 226 
LYS HZ2  H N N 227 
LYS HZ3  H N N 228 
LYS HXT  H N N 229 
MET N    N N N 230 
MET CA   C N S 231 
MET C    C N N 232 
MET O    O N N 233 
MET CB   C N N 234 
MET CG   C N N 235 
MET SD   S N N 236 
MET CE   C N N 237 
MET OXT  O N N 238 
MET H    H N N 239 
MET H2   H N N 240 
MET HA   H N N 241 
MET HB2  H N N 242 
MET HB3  H N N 243 
MET HG2  H N N 244 
MET HG3  H N N 245 
MET HE1  H N N 246 
MET HE2  H N N 247 
MET HE3  H N N 248 
MET HXT  H N N 249 
PHE N    N N N 250 
PHE CA   C N S 251 
PHE C    C N N 252 
PHE O    O N N 253 
PHE CB   C N N 254 
PHE CG   C Y N 255 
PHE CD1  C Y N 256 
PHE CD2  C Y N 257 
PHE CE1  C Y N 258 
PHE CE2  C Y N 259 
PHE CZ   C Y N 260 
PHE OXT  O N N 261 
PHE H    H N N 262 
PHE H2   H N N 263 
PHE HA   H N N 264 
PHE HB2  H N N 265 
PHE HB3  H N N 266 
PHE HD1  H N N 267 
PHE HD2  H N N 268 
PHE HE1  H N N 269 
PHE HE2  H N N 270 
PHE HZ   H N N 271 
PHE HXT  H N N 272 
PRO N    N N N 273 
PRO CA   C N S 274 
PRO C    C N N 275 
PRO O    O N N 276 
PRO CB   C N N 277 
PRO CG   C N N 278 
PRO CD   C N N 279 
PRO OXT  O N N 280 
PRO H    H N N 281 
PRO HA   H N N 282 
PRO HB2  H N N 283 
PRO HB3  H N N 284 
PRO HG2  H N N 285 
PRO HG3  H N N 286 
PRO HD2  H N N 287 
PRO HD3  H N N 288 
PRO HXT  H N N 289 
SER N    N N N 290 
SER CA   C N S 291 
SER C    C N N 292 
SER O    O N N 293 
SER CB   C N N 294 
SER OG   O N N 295 
SER OXT  O N N 296 
SER H    H N N 297 
SER H2   H N N 298 
SER HA   H N N 299 
SER HB2  H N N 300 
SER HB3  H N N 301 
SER HG   H N N 302 
SER HXT  H N N 303 
THR N    N N N 304 
THR CA   C N S 305 
THR C    C N N 306 
THR O    O N N 307 
THR CB   C N R 308 
THR OG1  O N N 309 
THR CG2  C N N 310 
THR OXT  O N N 311 
THR H    H N N 312 
THR H2   H N N 313 
THR HA   H N N 314 
THR HB   H N N 315 
THR HG1  H N N 316 
THR HG21 H N N 317 
THR HG22 H N N 318 
THR HG23 H N N 319 
THR HXT  H N N 320 
TRP N    N N N 321 
TRP CA   C N S 322 
TRP C    C N N 323 
TRP O    O N N 324 
TRP CB   C N N 325 
TRP CG   C Y N 326 
TRP CD1  C Y N 327 
TRP CD2  C Y N 328 
TRP NE1  N Y N 329 
TRP CE2  C Y N 330 
TRP CE3  C Y N 331 
TRP CZ2  C Y N 332 
TRP CZ3  C Y N 333 
TRP CH2  C Y N 334 
TRP OXT  O N N 335 
TRP H    H N N 336 
TRP H2   H N N 337 
TRP HA   H N N 338 
TRP HB2  H N N 339 
TRP HB3  H N N 340 
TRP HD1  H N N 341 
TRP HE1  H N N 342 
TRP HE3  H N N 343 
TRP HZ2  H N N 344 
TRP HZ3  H N N 345 
TRP HH2  H N N 346 
TRP HXT  H N N 347 
TYR N    N N N 348 
TYR CA   C N S 349 
TYR C    C N N 350 
TYR O    O N N 351 
TYR CB   C N N 352 
TYR CG   C Y N 353 
TYR CD1  C Y N 354 
TYR CD2  C Y N 355 
TYR CE1  C Y N 356 
TYR CE2  C Y N 357 
TYR CZ   C Y N 358 
TYR OH   O N N 359 
TYR OXT  O N N 360 
TYR H    H N N 361 
TYR H2   H N N 362 
TYR HA   H N N 363 
TYR HB2  H N N 364 
TYR HB3  H N N 365 
TYR HD1  H N N 366 
TYR HD2  H N N 367 
TYR HE1  H N N 368 
TYR HE2  H N N 369 
TYR HH   H N N 370 
TYR HXT  H N N 371 
VAL N    N N N 372 
VAL CA   C N S 373 
VAL C    C N N 374 
VAL O    O N N 375 
VAL CB   C N N 376 
VAL CG1  C N N 377 
VAL CG2  C N N 378 
VAL OXT  O N N 379 
VAL H    H N N 380 
VAL H2   H N N 381 
VAL HA   H N N 382 
VAL HB   H N N 383 
VAL HG11 H N N 384 
VAL HG12 H N N 385 
VAL HG13 H N N 386 
VAL HG21 H N N 387 
VAL HG22 H N N 388 
VAL HG23 H N N 389 
VAL HXT  H N N 390 
# 
loop_
_chem_comp_bond.comp_id 
_chem_comp_bond.atom_id_1 
_chem_comp_bond.atom_id_2 
_chem_comp_bond.value_order 
_chem_comp_bond.pdbx_aromatic_flag 
_chem_comp_bond.pdbx_stereo_config 
_chem_comp_bond.pdbx_ordinal 
ALA N   CA   sing N N 1   
ALA N   H    sing N N 2   
ALA N   H2   sing N N 3   
ALA CA  C    sing N N 4   
ALA CA  CB   sing N N 5   
ALA CA  HA   sing N N 6   
ALA C   O    doub N N 7   
ALA C   OXT  sing N N 8   
ALA CB  HB1  sing N N 9   
ALA CB  HB2  sing N N 10  
ALA CB  HB3  sing N N 11  
ALA OXT HXT  sing N N 12  
ARG N   CA   sing N N 13  
ARG N   H    sing N N 14  
ARG N   H2   sing N N 15  
ARG CA  C    sing N N 16  
ARG CA  CB   sing N N 17  
ARG CA  HA   sing N N 18  
ARG C   O    doub N N 19  
ARG C   OXT  sing N N 20  
ARG CB  CG   sing N N 21  
ARG CB  HB2  sing N N 22  
ARG CB  HB3  sing N N 23  
ARG CG  CD   sing N N 24  
ARG CG  HG2  sing N N 25  
ARG CG  HG3  sing N N 26  
ARG CD  NE   sing N N 27  
ARG CD  HD2  sing N N 28  
ARG CD  HD3  sing N N 29  
ARG NE  CZ   sing N N 30  
ARG NE  HE   sing N N 31  
ARG CZ  NH1  sing N N 32  
ARG CZ  NH2  doub N N 33  
ARG NH1 HH11 sing N N 34  
ARG NH1 HH12 sing N N 35  
ARG NH2 HH21 sing N N 36  
ARG NH2 HH22 sing N N 37  
ARG OXT HXT  sing N N 38  
ASN N   CA   sing N N 39  
ASN N   H    sing N N 40  
ASN N   H2   sing N N 41  
ASN CA  C    sing N N 42  
ASN CA  CB   sing N N 43  
ASN CA  HA   sing N N 44  
ASN C   O    doub N N 45  
ASN C   OXT  sing N N 46  
ASN CB  CG   sing N N 47  
ASN CB  HB2  sing N N 48  
ASN CB  HB3  sing N N 49  
ASN CG  OD1  doub N N 50  
ASN CG  ND2  sing N N 51  
ASN ND2 HD21 sing N N 52  
ASN ND2 HD22 sing N N 53  
ASN OXT HXT  sing N N 54  
ASP N   CA   sing N N 55  
ASP N   H    sing N N 56  
ASP N   H2   sing N N 57  
ASP CA  C    sing N N 58  
ASP CA  CB   sing N N 59  
ASP CA  HA   sing N N 60  
ASP C   O    doub N N 61  
ASP C   OXT  sing N N 62  
ASP CB  CG   sing N N 63  
ASP CB  HB2  sing N N 64  
ASP CB  HB3  sing N N 65  
ASP CG  OD1  doub N N 66  
ASP CG  OD2  sing N N 67  
ASP OD2 HD2  sing N N 68  
ASP OXT HXT  sing N N 69  
CYS N   CA   sing N N 70  
CYS N   H    sing N N 71  
CYS N   H2   sing N N 72  
CYS CA  C    sing N N 73  
CYS CA  CB   sing N N 74  
CYS CA  HA   sing N N 75  
CYS C   O    doub N N 76  
CYS C   OXT  sing N N 77  
CYS CB  SG   sing N N 78  
CYS CB  HB2  sing N N 79  
CYS CB  HB3  sing N N 80  
CYS SG  HG   sing N N 81  
CYS OXT HXT  sing N N 82  
GLN N   CA   sing N N 83  
GLN N   H    sing N N 84  
GLN N   H2   sing N N 85  
GLN CA  C    sing N N 86  
GLN CA  CB   sing N N 87  
GLN CA  HA   sing N N 88  
GLN C   O    doub N N 89  
GLN C   OXT  sing N N 90  
GLN CB  CG   sing N N 91  
GLN CB  HB2  sing N N 92  
GLN CB  HB3  sing N N 93  
GLN CG  CD   sing N N 94  
GLN CG  HG2  sing N N 95  
GLN CG  HG3  sing N N 96  
GLN CD  OE1  doub N N 97  
GLN CD  NE2  sing N N 98  
GLN NE2 HE21 sing N N 99  
GLN NE2 HE22 sing N N 100 
GLN OXT HXT  sing N N 101 
GLU N   CA   sing N N 102 
GLU N   H    sing N N 103 
GLU N   H2   sing N N 104 
GLU CA  C    sing N N 105 
GLU CA  CB   sing N N 106 
GLU CA  HA   sing N N 107 
GLU C   O    doub N N 108 
GLU C   OXT  sing N N 109 
GLU CB  CG   sing N N 110 
GLU CB  HB2  sing N N 111 
GLU CB  HB3  sing N N 112 
GLU CG  CD   sing N N 113 
GLU CG  HG2  sing N N 114 
GLU CG  HG3  sing N N 115 
GLU CD  OE1  doub N N 116 
GLU CD  OE2  sing N N 117 
GLU OE2 HE2  sing N N 118 
GLU OXT HXT  sing N N 119 
GLY N   CA   sing N N 120 
GLY N   H    sing N N 121 
GLY N   H2   sing N N 122 
GLY CA  C    sing N N 123 
GLY CA  HA2  sing N N 124 
GLY CA  HA3  sing N N 125 
GLY C   O    doub N N 126 
GLY C   OXT  sing N N 127 
GLY OXT HXT  sing N N 128 
HIS N   CA   sing N N 129 
HIS N   H    sing N N 130 
HIS N   H2   sing N N 131 
HIS CA  C    sing N N 132 
HIS CA  CB   sing N N 133 
HIS CA  HA   sing N N 134 
HIS C   O    doub N N 135 
HIS C   OXT  sing N N 136 
HIS CB  CG   sing N N 137 
HIS CB  HB2  sing N N 138 
HIS CB  HB3  sing N N 139 
HIS CG  ND1  sing Y N 140 
HIS CG  CD2  doub Y N 141 
HIS ND1 CE1  doub Y N 142 
HIS ND1 HD1  sing N N 143 
HIS CD2 NE2  sing Y N 144 
HIS CD2 HD2  sing N N 145 
HIS CE1 NE2  sing Y N 146 
HIS CE1 HE1  sing N N 147 
HIS NE2 HE2  sing N N 148 
HIS OXT HXT  sing N N 149 
HOH O   H1   sing N N 150 
HOH O   H2   sing N N 151 
ILE N   CA   sing N N 152 
ILE N   H    sing N N 153 
ILE N   H2   sing N N 154 
ILE CA  C    sing N N 155 
ILE CA  CB   sing N N 156 
ILE CA  HA   sing N N 157 
ILE C   O    doub N N 158 
ILE C   OXT  sing N N 159 
ILE CB  CG1  sing N N 160 
ILE CB  CG2  sing N N 161 
ILE CB  HB   sing N N 162 
ILE CG1 CD1  sing N N 163 
ILE CG1 HG12 sing N N 164 
ILE CG1 HG13 sing N N 165 
ILE CG2 HG21 sing N N 166 
ILE CG2 HG22 sing N N 167 
ILE CG2 HG23 sing N N 168 
ILE CD1 HD11 sing N N 169 
ILE CD1 HD12 sing N N 170 
ILE CD1 HD13 sing N N 171 
ILE OXT HXT  sing N N 172 
LEU N   CA   sing N N 173 
LEU N   H    sing N N 174 
LEU N   H2   sing N N 175 
LEU CA  C    sing N N 176 
LEU CA  CB   sing N N 177 
LEU CA  HA   sing N N 178 
LEU C   O    doub N N 179 
LEU C   OXT  sing N N 180 
LEU CB  CG   sing N N 181 
LEU CB  HB2  sing N N 182 
LEU CB  HB3  sing N N 183 
LEU CG  CD1  sing N N 184 
LEU CG  CD2  sing N N 185 
LEU CG  HG   sing N N 186 
LEU CD1 HD11 sing N N 187 
LEU CD1 HD12 sing N N 188 
LEU CD1 HD13 sing N N 189 
LEU CD2 HD21 sing N N 190 
LEU CD2 HD22 sing N N 191 
LEU CD2 HD23 sing N N 192 
LEU OXT HXT  sing N N 193 
LYS N   CA   sing N N 194 
LYS N   H    sing N N 195 
LYS N   H2   sing N N 196 
LYS CA  C    sing N N 197 
LYS CA  CB   sing N N 198 
LYS CA  HA   sing N N 199 
LYS C   O    doub N N 200 
LYS C   OXT  sing N N 201 
LYS CB  CG   sing N N 202 
LYS CB  HB2  sing N N 203 
LYS CB  HB3  sing N N 204 
LYS CG  CD   sing N N 205 
LYS CG  HG2  sing N N 206 
LYS CG  HG3  sing N N 207 
LYS CD  CE   sing N N 208 
LYS CD  HD2  sing N N 209 
LYS CD  HD3  sing N N 210 
LYS CE  NZ   sing N N 211 
LYS CE  HE2  sing N N 212 
LYS CE  HE3  sing N N 213 
LYS NZ  HZ1  sing N N 214 
LYS NZ  HZ2  sing N N 215 
LYS NZ  HZ3  sing N N 216 
LYS OXT HXT  sing N N 217 
MET N   CA   sing N N 218 
MET N   H    sing N N 219 
MET N   H2   sing N N 220 
MET CA  C    sing N N 221 
MET CA  CB   sing N N 222 
MET CA  HA   sing N N 223 
MET C   O    doub N N 224 
MET C   OXT  sing N N 225 
MET CB  CG   sing N N 226 
MET CB  HB2  sing N N 227 
MET CB  HB3  sing N N 228 
MET CG  SD   sing N N 229 
MET CG  HG2  sing N N 230 
MET CG  HG3  sing N N 231 
MET SD  CE   sing N N 232 
MET CE  HE1  sing N N 233 
MET CE  HE2  sing N N 234 
MET CE  HE3  sing N N 235 
MET OXT HXT  sing N N 236 
PHE N   CA   sing N N 237 
PHE N   H    sing N N 238 
PHE N   H2   sing N N 239 
PHE CA  C    sing N N 240 
PHE CA  CB   sing N N 241 
PHE CA  HA   sing N N 242 
PHE C   O    doub N N 243 
PHE C   OXT  sing N N 244 
PHE CB  CG   sing N N 245 
PHE CB  HB2  sing N N 246 
PHE CB  HB3  sing N N 247 
PHE CG  CD1  doub Y N 248 
PHE CG  CD2  sing Y N 249 
PHE CD1 CE1  sing Y N 250 
PHE CD1 HD1  sing N N 251 
PHE CD2 CE2  doub Y N 252 
PHE CD2 HD2  sing N N 253 
PHE CE1 CZ   doub Y N 254 
PHE CE1 HE1  sing N N 255 
PHE CE2 CZ   sing Y N 256 
PHE CE2 HE2  sing N N 257 
PHE CZ  HZ   sing N N 258 
PHE OXT HXT  sing N N 259 
PRO N   CA   sing N N 260 
PRO N   CD   sing N N 261 
PRO N   H    sing N N 262 
PRO CA  C    sing N N 263 
PRO CA  CB   sing N N 264 
PRO CA  HA   sing N N 265 
PRO C   O    doub N N 266 
PRO C   OXT  sing N N 267 
PRO CB  CG   sing N N 268 
PRO CB  HB2  sing N N 269 
PRO CB  HB3  sing N N 270 
PRO CG  CD   sing N N 271 
PRO CG  HG2  sing N N 272 
PRO CG  HG3  sing N N 273 
PRO CD  HD2  sing N N 274 
PRO CD  HD3  sing N N 275 
PRO OXT HXT  sing N N 276 
SER N   CA   sing N N 277 
SER N   H    sing N N 278 
SER N   H2   sing N N 279 
SER CA  C    sing N N 280 
SER CA  CB   sing N N 281 
SER CA  HA   sing N N 282 
SER C   O    doub N N 283 
SER C   OXT  sing N N 284 
SER CB  OG   sing N N 285 
SER CB  HB2  sing N N 286 
SER CB  HB3  sing N N 287 
SER OG  HG   sing N N 288 
SER OXT HXT  sing N N 289 
THR N   CA   sing N N 290 
THR N   H    sing N N 291 
THR N   H2   sing N N 292 
THR CA  C    sing N N 293 
THR CA  CB   sing N N 294 
THR CA  HA   sing N N 295 
THR C   O    doub N N 296 
THR C   OXT  sing N N 297 
THR CB  OG1  sing N N 298 
THR CB  CG2  sing N N 299 
THR CB  HB   sing N N 300 
THR OG1 HG1  sing N N 301 
THR CG2 HG21 sing N N 302 
THR CG2 HG22 sing N N 303 
THR CG2 HG23 sing N N 304 
THR OXT HXT  sing N N 305 
TRP N   CA   sing N N 306 
TRP N   H    sing N N 307 
TRP N   H2   sing N N 308 
TRP CA  C    sing N N 309 
TRP CA  CB   sing N N 310 
TRP CA  HA   sing N N 311 
TRP C   O    doub N N 312 
TRP C   OXT  sing N N 313 
TRP CB  CG   sing N N 314 
TRP CB  HB2  sing N N 315 
TRP CB  HB3  sing N N 316 
TRP CG  CD1  doub Y N 317 
TRP CG  CD2  sing Y N 318 
TRP CD1 NE1  sing Y N 319 
TRP CD1 HD1  sing N N 320 
TRP CD2 CE2  doub Y N 321 
TRP CD2 CE3  sing Y N 322 
TRP NE1 CE2  sing Y N 323 
TRP NE1 HE1  sing N N 324 
TRP CE2 CZ2  sing Y N 325 
TRP CE3 CZ3  doub Y N 326 
TRP CE3 HE3  sing N N 327 
TRP CZ2 CH2  doub Y N 328 
TRP CZ2 HZ2  sing N N 329 
TRP CZ3 CH2  sing Y N 330 
TRP CZ3 HZ3  sing N N 331 
TRP CH2 HH2  sing N N 332 
TRP OXT HXT  sing N N 333 
TYR N   CA   sing N N 334 
TYR N   H    sing N N 335 
TYR N   H2   sing N N 336 
TYR CA  C    sing N N 337 
TYR CA  CB   sing N N 338 
TYR CA  HA   sing N N 339 
TYR C   O    doub N N 340 
TYR C   OXT  sing N N 341 
TYR CB  CG   sing N N 342 
TYR CB  HB2  sing N N 343 
TYR CB  HB3  sing N N 344 
TYR CG  CD1  doub Y N 345 
TYR CG  CD2  sing Y N 346 
TYR CD1 CE1  sing Y N 347 
TYR CD1 HD1  sing N N 348 
TYR CD2 CE2  doub Y N 349 
TYR CD2 HD2  sing N N 350 
TYR CE1 CZ   doub Y N 351 
TYR CE1 HE1  sing N N 352 
TYR CE2 CZ   sing Y N 353 
TYR CE2 HE2  sing N N 354 
TYR CZ  OH   sing N N 355 
TYR OH  HH   sing N N 356 
TYR OXT HXT  sing N N 357 
VAL N   CA   sing N N 358 
VAL N   H    sing N N 359 
VAL N   H2   sing N N 360 
VAL CA  C    sing N N 361 
VAL CA  CB   sing N N 362 
VAL CA  HA   sing N N 363 
VAL C   O    doub N N 364 
VAL C   OXT  sing N N 365 
VAL CB  CG1  sing N N 366 
VAL CB  CG2  sing N N 367 
VAL CB  HB   sing N N 368 
VAL CG1 HG11 sing N N 369 
VAL CG1 HG12 sing N N 370 
VAL CG1 HG13 sing N N 371 
VAL CG2 HG21 sing N N 372 
VAL CG2 HG22 sing N N 373 
VAL CG2 HG23 sing N N 374 
VAL OXT HXT  sing N N 375 
# 
_pdbx_audit_support.funding_organization   'German Research Foundation' 
_pdbx_audit_support.country                Germany 
_pdbx_audit_support.grant_number           SFB796 
_pdbx_audit_support.ordinal                1 
# 
_atom_sites.entry_id                    5MIX 
_atom_sites.fract_transf_matrix[1][1]   0.00946871 
_atom_sites.fract_transf_matrix[1][2]   -0.01320843 
_atom_sites.fract_transf_matrix[1][3]   0.00851195 
_atom_sites.fract_transf_matrix[2][1]   -0.00110989 
_atom_sites.fract_transf_matrix[2][2]   -0.00179207 
_atom_sites.fract_transf_matrix[2][3]   0.01822349 
_atom_sites.fract_transf_matrix[3][1]   -0.01930667 
_atom_sites.fract_transf_matrix[3][2]   -0.01558582 
_atom_sites.fract_transf_matrix[3][3]   -0.00270855 
_atom_sites.fract_transf_vector[1]      2.345468 
_atom_sites.fract_transf_vector[2]      1.473872 
_atom_sites.fract_transf_vector[3]      1.299771 
# 
loop_
_atom_type.symbol 
C 
N 
O 
S 
# 
loop_
_atom_site.group_PDB 
_atom_site.id 
_atom_site.type_symbol 
_atom_site.label_atom_id 
_atom_site.label_alt_id 
_atom_site.label_comp_id 
_atom_site.label_asym_id 
_atom_site.label_entity_id 
_atom_site.label_seq_id 
_atom_site.pdbx_PDB_ins_code 
_atom_site.Cartn_x 
_atom_site.Cartn_y 
_atom_site.Cartn_z 
_atom_site.occupancy 
_atom_site.B_iso_or_equiv 
_atom_site.pdbx_formal_charge 
_atom_site.auth_seq_id 
_atom_site.auth_comp_id 
_atom_site.auth_asym_id 
_atom_site.auth_atom_id 
_atom_site.pdbx_PDB_model_num 
ATOM   1   N N   . GLY A 1 4   ? -13.858 0.111   7.715   1.00 64.05  ? 19  GLY A N   1 
ATOM   2   C CA  . GLY A 1 4   ? -12.913 1.061   8.276   1.00 64.99  ? 19  GLY A CA  1 
ATOM   3   C C   . GLY A 1 4   ? -11.607 1.186   7.504   1.00 58.41  ? 19  GLY A C   1 
ATOM   4   O O   . GLY A 1 4   ? -10.660 1.821   7.969   1.00 67.32  ? 19  GLY A O   1 
ATOM   5   N N   . THR A 1 5   ? -11.553 0.589   6.319   1.00 43.14  ? 20  THR A N   1 
ATOM   6   C CA  . THR A 1 5   ? -10.356 0.649   5.482   1.00 35.66  ? 20  THR A CA  1 
ATOM   7   C C   . THR A 1 5   ? -10.357 1.941   4.689   1.00 34.54  ? 20  THR A C   1 
ATOM   8   O O   . THR A 1 5   ? -11.369 2.275   4.070   1.00 37.20  ? 20  THR A O   1 
ATOM   9   C CB  . THR A 1 5   ? -10.290 -0.548  4.501   1.00 42.70  ? 20  THR A CB  1 
ATOM   10  O OG1 . THR A 1 5   ? -10.310 -1.772  5.242   1.00 43.03  ? 20  THR A OG1 1 
ATOM   11  C CG2 . THR A 1 5   ? -9.035  -0.491  3.645   1.00 35.16  ? 20  THR A CG2 1 
ATOM   12  N N   . PRO A 1 6   ? -9.245  2.694   4.736   1.00 32.39  ? 21  PRO A N   1 
ATOM   13  C CA  . PRO A 1 6   ? -9.192  3.987   4.036   1.00 30.96  ? 21  PRO A CA  1 
ATOM   14  C C   . PRO A 1 6   ? -9.217  3.800   2.538   1.00 28.42  ? 21  PRO A C   1 
ATOM   15  O O   . PRO A 1 6   ? -8.900  2.719   2.030   1.00 26.05  ? 21  PRO A O   1 
ATOM   16  C CB  . PRO A 1 6   ? -7.861  4.588   4.495   1.00 39.45  ? 21  PRO A CB  1 
ATOM   17  C CG  . PRO A 1 6   ? -7.029  3.386   4.875   1.00 44.91  ? 21  PRO A CG  1 
ATOM   18  C CD  . PRO A 1 6   ? -8.021  2.447   5.519   1.00 38.98  ? 21  PRO A CD  1 
ATOM   19  N N   A GLU A 1 7   ? -9.614  4.843   1.831   0.59 29.21  ? 22  GLU A N   1 
ATOM   20  N N   B GLU A 1 7   ? -9.554  4.864   1.810   0.41 29.01  ? 22  GLU A N   1 
ATOM   21  C CA  A GLU A 1 7   ? -9.723  4.726   0.394   0.59 28.26  ? 22  GLU A CA  1 
ATOM   22  C CA  B GLU A 1 7   ? -9.875  4.754   0.381   0.41 30.20  ? 22  GLU A CA  1 
ATOM   23  C C   A GLU A 1 7   ? -8.924  5.810   -0.286  0.59 25.84  ? 22  GLU A C   1 
ATOM   24  C C   B GLU A 1 7   ? -9.283  5.864   -0.494  0.41 25.88  ? 22  GLU A C   1 
ATOM   25  O O   A GLU A 1 7   ? -8.704  6.886   0.259   0.59 26.14  ? 22  GLU A O   1 
ATOM   26  O O   B GLU A 1 7   ? -9.579  7.039   -0.289  0.41 28.17  ? 22  GLU A O   1 
ATOM   27  C CB  A GLU A 1 7   ? -11.181 4.790   -0.040  0.59 31.47  ? 22  GLU A CB  1 
ATOM   28  C CB  B GLU A 1 7   ? -11.389 4.747   0.215   0.41 41.24  ? 22  GLU A CB  1 
ATOM   29  C CG  A GLU A 1 7   ? -12.036 3.693   0.579   0.59 43.19  ? 22  GLU A CG  1 
ATOM   30  C CG  B GLU A 1 7   ? -11.871 4.767   -1.211  0.41 45.40  ? 22  GLU A CG  1 
ATOM   31  C CD  A GLU A 1 7   ? -13.322 3.456   -0.179  0.59 55.79  ? 22  GLU A CD  1 
ATOM   32  C CD  B GLU A 1 7   ? -13.376 4.835   -1.283  0.41 57.20  ? 22  GLU A CD  1 
ATOM   33  O OE1 A GLU A 1 7   ? -13.591 4.208   -1.141  0.59 61.08  ? 22  GLU A OE1 1 
ATOM   34  O OE1 B GLU A 1 7   ? -14.030 3.834   -0.924  0.41 63.45  ? 22  GLU A OE1 1 
ATOM   35  O OE2 A GLU A 1 7   ? -14.059 2.514   0.184   0.59 53.37  ? 22  GLU A OE2 1 
ATOM   36  O OE2 B GLU A 1 7   ? -13.906 5.889   -1.693  0.41 60.24  ? 22  GLU A OE2 1 
ATOM   37  N N   . VAL A 1 8   ? -8.466  5.487   -1.480  1.00 26.37  ? 23  VAL A N   1 
ATOM   38  C CA  . VAL A 1 8   ? -7.835  6.451   -2.357  1.00 26.61  ? 23  VAL A CA  1 
ATOM   39  C C   . VAL A 1 8   ? -8.585  6.435   -3.674  1.00 30.16  ? 23  VAL A C   1 
ATOM   40  O O   . VAL A 1 8   ? -8.769  5.368   -4.239  1.00 33.53  ? 23  VAL A O   1 
ATOM   41  C CB  . VAL A 1 8   ? -6.349  6.078   -2.612  1.00 35.22  ? 23  VAL A CB  1 
ATOM   42  C CG1 . VAL A 1 8   ? -5.719  6.968   -3.665  1.00 37.62  ? 23  VAL A CG1 1 
ATOM   43  C CG2 . VAL A 1 8   ? -5.567  6.090   -1.295  1.00 34.24  ? 23  VAL A CG2 1 
ATOM   44  N N   . LYS A 1 9   ? -9.023  7.594   -4.152  1.00 31.01  ? 24  LYS A N   1 
ATOM   45  C CA  . LYS A 1 9   ? -9.636  7.681   -5.480  1.00 33.97  ? 24  LYS A CA  1 
ATOM   46  C C   . LYS A 1 9   ? -8.680  8.402   -6.417  1.00 42.00  ? 24  LYS A C   1 
ATOM   47  O O   . LYS A 1 9   ? -8.057  9.373   -6.019  1.00 41.30  ? 24  LYS A O   1 
ATOM   48  C CB  . LYS A 1 9   ? -10.972 8.430   -5.441  1.00 38.03  ? 24  LYS A CB  1 
ATOM   49  C CG  . LYS A 1 9   ? -12.145 7.718   -4.780  1.00 52.88  ? 24  LYS A CG  1 
ATOM   50  C CD  . LYS A 1 9   ? -13.429 8.513   -5.085  1.00 71.42  ? 24  LYS A CD  1 
ATOM   51  C CE  . LYS A 1 9   ? -14.686 7.944   -4.425  1.00 81.10  ? 24  LYS A CE  1 
ATOM   52  N NZ  . LYS A 1 9   ? -14.518 6.571   -3.885  1.00 82.65  ? 24  LYS A NZ  1 
ATOM   53  N N   . VAL A 1 10  ? -8.551  7.935   -7.655  1.00 40.07  ? 25  VAL A N   1 
ATOM   54  C CA  . VAL A 1 10  ? -7.685  8.618   -8.618  1.00 39.24  ? 25  VAL A CA  1 
ATOM   55  C C   . VAL A 1 10  ? -8.308  8.604   -10.011 1.00 46.52  ? 25  VAL A C   1 
ATOM   56  O O   . VAL A 1 10  ? -8.946  7.623   -10.394 1.00 49.82  ? 25  VAL A O   1 
ATOM   57  C CB  . VAL A 1 10  ? -6.273  7.960   -8.648  1.00 51.00  ? 25  VAL A CB  1 
ATOM   58  C CG1 . VAL A 1 10  ? -6.351  6.518   -9.141  1.00 49.41  ? 25  VAL A CG1 1 
ATOM   59  C CG2 . VAL A 1 10  ? -5.300  8.766   -9.492  1.00 54.69  ? 25  VAL A CG2 1 
ATOM   60  N N   . ALA A 1 11  ? -8.153  9.702   -10.759 1.00 46.51  ? 26  ALA A N   1 
ATOM   61  C CA  . ALA A 1 11  ? -8.606  9.743   -12.143 1.00 47.73  ? 26  ALA A CA  1 
ATOM   62  C C   . ALA A 1 11  ? -7.773  8.799   -12.998 1.00 51.79  ? 26  ALA A C   1 
ATOM   63  O O   . ALA A 1 11  ? -6.564  8.670   -12.801 1.00 54.93  ? 26  ALA A O   1 
ATOM   64  C CB  . ALA A 1 11  ? -8.536  11.165  -12.699 1.00 55.39  ? 26  ALA A CB  1 
ATOM   65  N N   A SER A 1 12  ? -8.429  8.130   -13.939 0.51 54.76  ? 27  SER A N   1 
ATOM   66  N N   B SER A 1 12  ? -8.432  8.142   -13.944 0.49 54.83  ? 27  SER A N   1 
ATOM   67  C CA  A SER A 1 12  ? -7.750  7.185   -14.818 0.51 58.88  ? 27  SER A CA  1 
ATOM   68  C CA  B SER A 1 12  ? -7.771  7.205   -14.843 0.49 59.64  ? 27  SER A CA  1 
ATOM   69  C C   A SER A 1 12  ? -6.623  7.865   -15.588 0.51 59.14  ? 27  SER A C   1 
ATOM   70  C C   B SER A 1 12  ? -6.617  7.875   -15.585 0.49 59.12  ? 27  SER A C   1 
ATOM   71  O O   A SER A 1 12  ? -6.699  9.060   -15.888 0.51 58.47  ? 27  SER A O   1 
ATOM   72  O O   B SER A 1 12  ? -6.667  9.076   -15.862 0.49 58.57  ? 27  SER A O   1 
ATOM   73  C CB  A SER A 1 12  ? -8.745  6.546   -15.789 0.51 66.59  ? 27  SER A CB  1 
ATOM   74  C CB  B SER A 1 12  ? -8.779  6.628   -15.840 0.49 67.50  ? 27  SER A CB  1 
ATOM   75  O OG  A SER A 1 12  ? -9.748  5.832   -15.088 0.51 67.18  ? 27  SER A OG  1 
ATOM   76  O OG  B SER A 1 12  ? -8.203  5.588   -16.606 0.49 65.94  ? 27  SER A OG  1 
ATOM   77  N N   . SER A 1 13  ? -5.585  7.086   -15.882 1.00 49.47  ? 28  SER A N   1 
ATOM   78  C CA  . SER A 1 13  ? -4.361  7.534   -16.573 1.00 53.47  ? 28  SER A CA  1 
ATOM   79  C C   . SER A 1 13  ? -3.436  8.406   -15.708 1.00 61.96  ? 28  SER A C   1 
ATOM   80  O O   . SER A 1 13  ? -2.328  8.732   -16.128 1.00 73.06  ? 28  SER A O   1 
ATOM   81  C CB  . SER A 1 13  ? -4.680  8.267   -17.886 1.00 70.43  ? 28  SER A CB  1 
ATOM   82  O OG  . SER A 1 13  ? -5.051  9.611   -17.636 1.00 72.91  ? 28  SER A OG  1 
ATOM   83  N N   . GLU A 1 14  ? -3.870  8.760   -14.502 1.00 55.93  ? 29  GLU A N   1 
ATOM   84  C CA  . GLU A 1 14  ? -2.993  9.450   -13.558 1.00 56.46  ? 29  GLU A CA  1 
ATOM   85  C C   . GLU A 1 14  ? -2.226  8.428   -12.724 1.00 53.42  ? 29  GLU A C   1 
ATOM   86  O O   . GLU A 1 14  ? -2.717  7.326   -12.500 1.00 43.83  ? 29  GLU A O   1 
ATOM   87  C CB  . GLU A 1 14  ? -3.793  10.382  -12.642 1.00 57.26  ? 29  GLU A CB  1 
ATOM   88  C CG  . GLU A 1 14  ? -4.269  11.660  -13.307 1.00 62.35  ? 29  GLU A CG  1 
ATOM   89  C CD  . GLU A 1 14  ? -3.126  12.596  -13.658 1.00 72.62  ? 29  GLU A CD  1 
ATOM   90  O OE1 . GLU A 1 14  ? -2.886  12.817  -14.862 1.00 80.02  ? 29  GLU A OE1 1 
ATOM   91  O OE2 . GLU A 1 14  ? -2.469  13.114  -12.731 1.00 82.02  ? 29  GLU A OE2 1 
ATOM   92  N N   . ASP A 1 15  ? -1.023  8.792   -12.282 1.00 51.31  ? 30  ASP A N   1 
ATOM   93  C CA  . ASP A 1 15  ? -0.235  7.949   -11.388 1.00 47.72  ? 30  ASP A CA  1 
ATOM   94  C C   . ASP A 1 15  ? -0.765  8.077   -9.965  1.00 45.37  ? 30  ASP A C   1 
ATOM   95  O O   . ASP A 1 15  ? -1.356  9.097   -9.607  1.00 51.15  ? 30  ASP A O   1 
ATOM   96  C CB  . ASP A 1 15  ? 1.245   8.337   -11.415 1.00 56.12  ? 30  ASP A CB  1 
ATOM   97  C CG  . ASP A 1 15  ? 1.884   8.151   -12.778 1.00 65.64  ? 30  ASP A CG  1 
ATOM   98  O OD1 . ASP A 1 15  ? 1.262   7.530   -13.666 1.00 66.67  ? 30  ASP A OD1 1 
ATOM   99  O OD2 . ASP A 1 15  ? 3.022   8.631   -12.961 1.00 72.42  ? 30  ASP A OD2 1 
ATOM   100 N N   . VAL A 1 16  ? -0.549  7.053   -9.148  1.00 41.75  ? 31  VAL A N   1 
ATOM   101 C CA  . VAL A 1 16  ? -0.894  7.151   -7.737  1.00 40.40  ? 31  VAL A CA  1 
ATOM   102 C C   . VAL A 1 16  ? 0.189   6.502   -6.879  1.00 38.65  ? 31  VAL A C   1 
ATOM   103 O O   . VAL A 1 16  ? 0.795   5.497   -7.265  1.00 39.08  ? 31  VAL A O   1 
ATOM   104 C CB  . VAL A 1 16  ? -2.278  6.510   -7.436  1.00 39.71  ? 31  VAL A CB  1 
ATOM   105 C CG1 . VAL A 1 16  ? -2.269  5.014   -7.702  1.00 36.72  ? 31  VAL A CG1 1 
ATOM   106 C CG2 . VAL A 1 16  ? -2.707  6.804   -6.003  1.00 42.23  ? 31  VAL A CG2 1 
ATOM   107 N N   . ASP A 1 17  ? 0.468   7.113   -5.733  1.00 35.67  ? 32  ASP A N   1 
ATOM   108 C CA  . ASP A 1 17  ? 1.314   6.472   -4.744  1.00 34.95  ? 32  ASP A CA  1 
ATOM   109 C C   . ASP A 1 17  ? 0.423   5.993   -3.595  1.00 35.02  ? 32  ASP A C   1 
ATOM   110 O O   . ASP A 1 17  ? 0.025   6.778   -2.738  1.00 40.62  ? 32  ASP A O   1 
ATOM   111 C CB  . ASP A 1 17  ? 2.409   7.429   -4.252  1.00 42.12  ? 32  ASP A CB  1 
ATOM   112 C CG  . ASP A 1 17  ? 3.402   7.792   -5.345  1.00 56.70  ? 32  ASP A CG  1 
ATOM   113 O OD1 . ASP A 1 17  ? 3.574   6.986   -6.281  1.00 61.75  ? 32  ASP A OD1 1 
ATOM   114 O OD2 . ASP A 1 17  ? 4.020   8.876   -5.267  1.00 64.17  ? 32  ASP A OD2 1 
ATOM   115 N N   . LEU A 1 18  ? 0.082   4.707   -3.612  1.00 34.03  ? 33  LEU A N   1 
ATOM   116 C CA  . LEU A 1 18  ? -0.804  4.131   -2.604  1.00 32.25  ? 33  LEU A CA  1 
ATOM   117 C C   . LEU A 1 18  ? -0.107  4.069   -1.255  1.00 30.58  ? 33  LEU A C   1 
ATOM   118 O O   . LEU A 1 18  ? 0.956   3.458   -1.146  1.00 29.25  ? 33  LEU A O   1 
ATOM   119 C CB  . LEU A 1 18  ? -1.229  2.713   -2.986  1.00 37.26  ? 33  LEU A CB  1 
ATOM   120 C CG  . LEU A 1 18  ? -2.427  2.428   -3.870  1.00 46.48  ? 33  LEU A CG  1 
ATOM   121 C CD1 . LEU A 1 18  ? -2.717  0.938   -3.770  1.00 37.68  ? 33  LEU A CD1 1 
ATOM   122 C CD2 . LEU A 1 18  ? -3.622  3.245   -3.421  1.00 39.84  ? 33  LEU A CD2 1 
ATOM   123 N N   . PRO A 1 19  ? -0.715  4.654   -0.217  1.00 30.38  ? 34  PRO A N   1 
ATOM   124 C CA  . PRO A 1 19  ? -0.053  4.649   1.087   1.00 24.57  ? 34  PRO A CA  1 
ATOM   125 C C   . PRO A 1 19  ? -0.092  3.312   1.814   1.00 28.91  ? 34  PRO A C   1 
ATOM   126 O O   . PRO A 1 19  ? -1.106  2.606   1.801   1.00 27.14  ? 34  PRO A O   1 
ATOM   127 C CB  . PRO A 1 19  ? -0.853  5.688   1.880   1.00 29.50  ? 34  PRO A CB  1 
ATOM   128 C CG  . PRO A 1 19  ? -2.230  5.592   1.283   1.00 31.83  ? 34  PRO A CG  1 
ATOM   129 C CD  . PRO A 1 19  ? -1.996  5.389   -0.188  1.00 32.20  ? 34  PRO A CD  1 
ATOM   130 N N   A CYS A 1 20  ? 1.031   2.938   2.407   0.48 29.30  ? 35  CYS A N   1 
ATOM   131 N N   B CYS A 1 20  ? 1.014   2.987   2.474   0.52 29.32  ? 35  CYS A N   1 
ATOM   132 C CA  A CYS A 1 20  ? 1.018   1.818   3.326   0.48 28.22  ? 35  CYS A CA  1 
ATOM   133 C CA  B CYS A 1 20  ? 1.090   1.831   3.365   0.52 28.30  ? 35  CYS A CA  1 
ATOM   134 C C   A CYS A 1 20  ? 0.308   2.300   4.576   0.48 28.49  ? 35  CYS A C   1 
ATOM   135 C C   B CYS A 1 20  ? 0.462   2.183   4.715   0.52 29.40  ? 35  CYS A C   1 
ATOM   136 O O   A CYS A 1 20  ? 0.587   3.396   5.059   0.48 26.53  ? 35  CYS A O   1 
ATOM   137 O O   B CYS A 1 20  ? 0.956   3.071   5.412   0.52 30.35  ? 35  CYS A O   1 
ATOM   138 C CB  A CYS A 1 20  ? 2.427   1.340   3.648   0.48 29.60  ? 35  CYS A CB  1 
ATOM   139 C CB  B CYS A 1 20  ? 2.549   1.405   3.544   0.52 28.51  ? 35  CYS A CB  1 
ATOM   140 S SG  A CYS A 1 20  ? 2.456   -0.044  4.810   0.48 29.39  ? 35  CYS A SG  1 
ATOM   141 S SG  B CYS A 1 20  ? 2.823   -0.041  4.611   0.52 33.25  ? 35  CYS A SG  1 
ATOM   142 N N   . THR A 1 21  ? -0.618  1.495   5.087   1.00 28.76  ? 36  THR A N   1 
ATOM   143 C CA  . THR A 1 21  ? -1.362  1.879   6.287   1.00 29.28  ? 36  THR A CA  1 
ATOM   144 C C   . THR A 1 21  ? -1.000  1.026   7.502   1.00 34.78  ? 36  THR A C   1 
ATOM   145 O O   . THR A 1 21  ? -1.668  1.093   8.532   1.00 34.86  ? 36  THR A O   1 
ATOM   146 C CB  . THR A 1 21  ? -2.879  1.796   6.044   1.00 33.27  ? 36  THR A CB  1 
ATOM   147 O OG1 . THR A 1 21  ? -3.232  0.451   5.714   1.00 31.25  ? 36  THR A OG1 1 
ATOM   148 C CG2 . THR A 1 21  ? -3.290  2.702   4.874   1.00 29.72  ? 36  THR A CG2 1 
ATOM   149 N N   . ALA A 1 22  ? 0.051   0.218   7.395   1.00 33.73  ? 37  ALA A N   1 
ATOM   150 C CA  . ALA A 1 22  ? 0.553   -0.496  8.568   1.00 33.17  ? 37  ALA A CA  1 
ATOM   151 C C   . ALA A 1 22  ? 1.022   0.528   9.612   1.00 36.18  ? 37  ALA A C   1 
ATOM   152 O O   . ALA A 1 22  ? 1.568   1.567   9.257   1.00 37.27  ? 37  ALA A O   1 
ATOM   153 C CB  . ALA A 1 22  ? 1.689   -1.440  8.178   1.00 32.22  ? 37  ALA A CB  1 
ATOM   154 N N   . PRO A 1 23  ? 0.788   0.249   10.899  1.00 36.45  ? 38  PRO A N   1 
ATOM   155 C CA  . PRO A 1 23  ? 1.134   1.209   11.953  1.00 37.30  ? 38  PRO A CA  1 
ATOM   156 C C   . PRO A 1 23  ? 2.579   1.048   12.383  1.00 42.13  ? 38  PRO A C   1 
ATOM   157 O O   . PRO A 1 23  ? 2.869   0.522   13.457  1.00 41.57  ? 38  PRO A O   1 
ATOM   158 C CB  . PRO A 1 23  ? 0.171   0.845   13.086  1.00 38.41  ? 38  PRO A CB  1 
ATOM   159 C CG  . PRO A 1 23  ? -0.035  -0.626  12.911  1.00 39.19  ? 38  PRO A CG  1 
ATOM   160 C CD  . PRO A 1 23  ? 0.026   -0.898  11.423  1.00 39.54  ? 38  PRO A CD  1 
ATOM   161 N N   . TRP A 1 24  ? 3.488   1.511   11.543  1.00 37.11  ? 39  TRP A N   1 
ATOM   162 C CA  . TRP A 1 24  ? 4.905   1.264   11.775  1.00 37.55  ? 39  TRP A CA  1 
ATOM   163 C C   . TRP A 1 24  ? 5.566   2.217   12.757  1.00 43.02  ? 39  TRP A C   1 
ATOM   164 O O   . TRP A 1 24  ? 5.035   3.279   13.080  1.00 42.41  ? 39  TRP A O   1 
ATOM   165 C CB  . TRP A 1 24  ? 5.658   1.309   10.454  1.00 36.53  ? 39  TRP A CB  1 
ATOM   166 C CG  . TRP A 1 24  ? 5.875   2.679   9.869   1.00 39.58  ? 39  TRP A CG  1 
ATOM   167 C CD1 . TRP A 1 24  ? 6.822   3.594   10.242  1.00 43.72  ? 39  TRP A CD1 1 
ATOM   168 C CD2 . TRP A 1 24  ? 5.168   3.264   8.768   1.00 40.18  ? 39  TRP A CD2 1 
ATOM   169 N NE1 . TRP A 1 24  ? 6.729   4.718   9.460   1.00 44.49  ? 39  TRP A NE1 1 
ATOM   170 C CE2 . TRP A 1 24  ? 5.723   4.541   8.545   1.00 45.03  ? 39  TRP A CE2 1 
ATOM   171 C CE3 . TRP A 1 24  ? 4.107   2.839   7.957   1.00 37.36  ? 39  TRP A CE3 1 
ATOM   172 C CZ2 . TRP A 1 24  ? 5.260   5.394   7.542   1.00 49.80  ? 39  TRP A CZ2 1 
ATOM   173 C CZ3 . TRP A 1 24  ? 3.654   3.682   6.961   1.00 37.66  ? 39  TRP A CZ3 1 
ATOM   174 C CH2 . TRP A 1 24  ? 4.228   4.947   6.762   1.00 48.09  ? 39  TRP A CH2 1 
ATOM   175 N N   . ASP A 1 25  ? 6.748   1.809   13.212  1.00 41.35  ? 40  ASP A N   1 
ATOM   176 C CA  . ASP A 1 25  ? 7.590   2.619   14.083  1.00 46.95  ? 40  ASP A CA  1 
ATOM   177 C C   . ASP A 1 25  ? 8.583   3.376   13.207  1.00 51.60  ? 40  ASP A C   1 
ATOM   178 O O   . ASP A 1 25  ? 9.447   2.760   12.587  1.00 47.51  ? 40  ASP A O   1 
ATOM   179 C CB  . ASP A 1 25  ? 8.325   1.738   15.099  1.00 51.73  ? 40  ASP A CB  1 
ATOM   180 C CG  . ASP A 1 25  ? 9.095   2.544   16.136  1.00 60.56  ? 40  ASP A CG  1 
ATOM   181 O OD1 . ASP A 1 25  ? 9.648   3.614   15.802  1.00 62.67  ? 40  ASP A OD1 1 
ATOM   182 O OD2 . ASP A 1 25  ? 9.169   2.086   17.295  1.00 65.76  ? 40  ASP A OD2 1 
ATOM   183 N N   . PRO A 1 26  ? 8.467   4.713   13.162  1.00 57.65  ? 41  PRO A N   1 
ATOM   184 C CA  . PRO A 1 26  ? 9.276   5.538   12.255  1.00 61.82  ? 41  PRO A CA  1 
ATOM   185 C C   . PRO A 1 26  ? 10.787  5.416   12.487  1.00 67.43  ? 41  PRO A C   1 
ATOM   186 O O   . PRO A 1 26  ? 11.565  5.704   11.578  1.00 72.24  ? 41  PRO A O   1 
ATOM   187 C CB  . PRO A 1 26  ? 8.790   6.961   12.556  1.00 67.46  ? 41  PRO A CB  1 
ATOM   188 C CG  . PRO A 1 26  ? 8.241   6.888   13.945  1.00 70.34  ? 41  PRO A CG  1 
ATOM   189 C CD  . PRO A 1 26  ? 7.617   5.531   14.044  1.00 63.13  ? 41  PRO A CD  1 
ATOM   190 N N   . GLN A 1 27  ? 11.192  4.983   13.678  1.00 63.37  ? 42  GLN A N   1 
ATOM   191 C CA  . GLN A 1 27  ? 12.616  4.841   13.982  1.00 74.16  ? 42  GLN A CA  1 
ATOM   192 C C   . GLN A 1 27  ? 13.150  3.453   13.604  1.00 66.58  ? 42  GLN A C   1 
ATOM   193 O O   . GLN A 1 27  ? 14.317  3.141   13.836  1.00 63.54  ? 42  GLN A O   1 
ATOM   194 C CB  . GLN A 1 27  ? 12.877  5.127   15.468  1.00 86.34  ? 42  GLN A CB  1 
ATOM   195 C CG  . GLN A 1 27  ? 13.434  6.527   15.770  1.00 100.75 ? 42  GLN A CG  1 
ATOM   196 C CD  . GLN A 1 27  ? 12.461  7.655   15.456  1.00 109.55 ? 42  GLN A CD  1 
ATOM   197 O OE1 . GLN A 1 27  ? 11.250  7.449   15.372  1.00 110.83 ? 42  GLN A OE1 1 
ATOM   198 N NE2 . GLN A 1 27  ? 12.995  8.860   15.280  1.00 114.18 ? 42  GLN A NE2 1 
ATOM   199 N N   . VAL A 1 28  ? 12.293  2.627   13.013  1.00 59.01  ? 43  VAL A N   1 
ATOM   200 C CA  . VAL A 1 28  ? 12.693  1.294   12.563  1.00 52.51  ? 43  VAL A CA  1 
ATOM   201 C C   . VAL A 1 28  ? 12.664  1.213   11.040  1.00 48.68  ? 43  VAL A C   1 
ATOM   202 O O   . VAL A 1 28  ? 11.665  1.577   10.424  1.00 45.60  ? 43  VAL A O   1 
ATOM   203 C CB  . VAL A 1 28  ? 11.769  0.201   13.145  1.00 54.04  ? 43  VAL A CB  1 
ATOM   204 C CG1 . VAL A 1 28  ? 12.024  -1.143  12.466  1.00 50.90  ? 43  VAL A CG1 1 
ATOM   205 C CG2 . VAL A 1 28  ? 11.943  0.104   14.652  1.00 61.94  ? 43  VAL A CG2 1 
ATOM   206 N N   . PRO A 1 29  ? 13.768  0.749   10.424  1.00 43.42  ? 44  PRO A N   1 
ATOM   207 C CA  . PRO A 1 29  ? 13.808  0.571   8.968   1.00 41.65  ? 44  PRO A CA  1 
ATOM   208 C C   . PRO A 1 29  ? 13.175  -0.746  8.526   1.00 41.93  ? 44  PRO A C   1 
ATOM   209 O O   . PRO A 1 29  ? 13.666  -1.809  8.882   1.00 55.99  ? 44  PRO A O   1 
ATOM   210 C CB  . PRO A 1 29  ? 15.310  0.582   8.660   1.00 43.39  ? 44  PRO A CB  1 
ATOM   211 C CG  . PRO A 1 29  ? 15.944  0.059   9.886   1.00 45.19  ? 44  PRO A CG  1 
ATOM   212 C CD  . PRO A 1 29  ? 15.083  0.504   11.047  1.00 49.49  ? 44  PRO A CD  1 
ATOM   213 N N   . TYR A 1 30  ? 12.097  -0.681  7.757   1.00 43.31  ? 45  TYR A N   1 
ATOM   214 C CA  . TYR A 1 30  ? 11.432  -1.898  7.313   1.00 41.00  ? 45  TYR A CA  1 
ATOM   215 C C   . TYR A 1 30  ? 11.683  -2.211  5.854   1.00 38.50  ? 45  TYR A C   1 
ATOM   216 O O   . TYR A 1 30  ? 12.031  -1.330  5.077   1.00 41.29  ? 45  TYR A O   1 
ATOM   217 C CB  . TYR A 1 30  ? 9.915   -1.793  7.498   1.00 33.98  ? 45  TYR A CB  1 
ATOM   218 C CG  . TYR A 1 30  ? 9.472   -1.526  8.904   1.00 34.93  ? 45  TYR A CG  1 
ATOM   219 C CD1 . TYR A 1 30  ? 9.398   -0.230  9.392   1.00 37.82  ? 45  TYR A CD1 1 
ATOM   220 C CD2 . TYR A 1 30  ? 9.123   -2.573  9.746   1.00 35.12  ? 45  TYR A CD2 1 
ATOM   221 C CE1 . TYR A 1 30  ? 8.989   0.017   10.693  1.00 37.65  ? 45  TYR A CE1 1 
ATOM   222 C CE2 . TYR A 1 30  ? 8.713   -2.335  11.038  1.00 38.62  ? 45  TYR A CE2 1 
ATOM   223 C CZ  . TYR A 1 30  ? 8.644   -1.040  11.506  1.00 39.73  ? 45  TYR A CZ  1 
ATOM   224 O OH  . TYR A 1 30  ? 8.227   -0.805  12.799  1.00 41.94  ? 45  TYR A OH  1 
ATOM   225 N N   A THR A 1 31  ? 11.482  -3.474  5.498   0.90 36.95  ? 46  THR A N   1 
ATOM   226 N N   B THR A 1 31  ? 11.488  -3.470  5.474   0.10 36.67  ? 46  THR A N   1 
ATOM   227 C CA  A THR A 1 31  ? 11.354  -3.854  4.104   0.90 35.04  ? 46  THR A CA  1 
ATOM   228 C CA  B THR A 1 31  ? 11.383  -3.817  4.062   0.10 35.88  ? 46  THR A CA  1 
ATOM   229 C C   A THR A 1 31  ? 9.864   -3.991  3.825   0.90 36.40  ? 46  THR A C   1 
ATOM   230 C C   B THR A 1 31  ? 9.920   -4.132  3.756   0.10 35.56  ? 46  THR A C   1 
ATOM   231 O O   A THR A 1 31  ? 9.101   -4.400  4.699   0.90 35.59  ? 46  THR A O   1 
ATOM   232 O O   B THR A 1 31  ? 9.238   -4.793  4.539   0.10 36.00  ? 46  THR A O   1 
ATOM   233 C CB  A THR A 1 31  ? 12.084  -5.170  3.782   0.90 36.23  ? 46  THR A CB  1 
ATOM   234 C CB  B THR A 1 31  ? 12.285  -5.005  3.673   0.10 37.54  ? 46  THR A CB  1 
ATOM   235 O OG1 A THR A 1 31  ? 11.620  -6.204  4.653   0.90 40.63  ? 46  THR A OG1 1 
ATOM   236 O OG1 B THR A 1 31  ? 12.032  -5.371  2.312   0.10 38.47  ? 46  THR A OG1 1 
ATOM   237 C CG2 A THR A 1 31  ? 13.598  -5.007  3.960   0.90 38.87  ? 46  THR A CG2 1 
ATOM   238 C CG2 B THR A 1 31  ? 12.032  -6.202  4.566   0.10 38.91  ? 46  THR A CG2 1 
ATOM   239 N N   . VAL A 1 32  ? 9.440   -3.646  2.616   1.00 34.45  ? 47  VAL A N   1 
ATOM   240 C CA  . VAL A 1 32  ? 8.011   -3.639  2.344   1.00 31.91  ? 47  VAL A CA  1 
ATOM   241 C C   . VAL A 1 32  ? 7.621   -4.653  1.274   1.00 35.91  ? 47  VAL A C   1 
ATOM   242 O O   . VAL A 1 32  ? 8.361   -4.853  0.300   1.00 37.24  ? 47  VAL A O   1 
ATOM   243 C CB  . VAL A 1 32  ? 7.550   -2.211  1.932   1.00 44.15  ? 47  VAL A CB  1 
ATOM   244 C CG1 . VAL A 1 32  ? 8.319   -1.717  0.715   1.00 54.33  ? 47  VAL A CG1 1 
ATOM   245 C CG2 . VAL A 1 32  ? 6.046   -2.156  1.704   1.00 40.69  ? 47  VAL A CG2 1 
ATOM   246 N N   A SER A 1 33  ? 6.482   -5.308  1.487   0.41 29.97  ? 48  SER A N   1 
ATOM   247 N N   B SER A 1 33  ? 6.476   -5.303  1.460   0.59 29.75  ? 48  SER A N   1 
ATOM   248 C CA  A SER A 1 33  ? 5.857   -6.162  0.486   0.41 31.08  ? 48  SER A CA  1 
ATOM   249 C CA  B SER A 1 33  ? 5.898   -6.153  0.423   0.59 27.80  ? 48  SER A CA  1 
ATOM   250 C C   A SER A 1 33  ? 4.438   -5.668  0.224   0.41 30.77  ? 48  SER A C   1 
ATOM   251 C C   B SER A 1 33  ? 4.427   -5.812  0.220   0.59 29.86  ? 48  SER A C   1 
ATOM   252 O O   A SER A 1 33  ? 3.728   -5.282  1.154   0.41 27.27  ? 48  SER A O   1 
ATOM   253 O O   B SER A 1 33  ? 3.668   -5.679  1.183   0.59 30.40  ? 48  SER A O   1 
ATOM   254 C CB  A SER A 1 33  ? 5.844   -7.625  0.944   0.41 40.66  ? 48  SER A CB  1 
ATOM   255 C CB  B SER A 1 33  ? 6.069   -7.634  0.775   0.59 40.21  ? 48  SER A CB  1 
ATOM   256 O OG  A SER A 1 33  ? 5.152   -8.449  0.019   0.41 40.03  ? 48  SER A OG  1 
ATOM   257 O OG  B SER A 1 33  ? 5.485   -7.933  2.023   0.59 42.54  ? 48  SER A OG  1 
ATOM   258 N N   . TRP A 1 34  ? 4.034   -5.656  -1.042  1.00 25.23  ? 49  TRP A N   1 
ATOM   259 C CA  . TRP A 1 34  ? 2.668   -5.288  -1.392  1.00 26.90  ? 49  TRP A CA  1 
ATOM   260 C C   . TRP A 1 34  ? 1.975   -6.419  -2.140  1.00 25.75  ? 49  TRP A C   1 
ATOM   261 O O   . TRP A 1 34  ? 2.600   -7.068  -2.987  1.00 29.53  ? 49  TRP A O   1 
ATOM   262 C CB  . TRP A 1 34  ? 2.670   -4.043  -2.276  1.00 25.56  ? 49  TRP A CB  1 
ATOM   263 C CG  . TRP A 1 34  ? 2.796   -2.734  -1.567  1.00 22.86  ? 49  TRP A CG  1 
ATOM   264 C CD1 . TRP A 1 34  ? 3.936   -2.036  -1.302  1.00 26.26  ? 49  TRP A CD1 1 
ATOM   265 C CD2 . TRP A 1 34  ? 1.715   -1.953  -1.064  1.00 24.88  ? 49  TRP A CD2 1 
ATOM   266 N NE1 . TRP A 1 34  ? 3.622   -0.851  -0.663  1.00 25.91  ? 49  TRP A NE1 1 
ATOM   267 C CE2 . TRP A 1 34  ? 2.267   -0.781  -0.511  1.00 24.81  ? 49  TRP A CE2 1 
ATOM   268 C CE3 . TRP A 1 34  ? 0.330   -2.133  -1.032  1.00 22.64  ? 49  TRP A CE3 1 
ATOM   269 C CZ2 . TRP A 1 34  ? 1.473   0.215   0.079   1.00 25.09  ? 49  TRP A CZ2 1 
ATOM   270 C CZ3 . TRP A 1 34  ? -0.452  -1.149  -0.456  1.00 24.65  ? 49  TRP A CZ3 1 
ATOM   271 C CH2 . TRP A 1 34  ? 0.129   0.008   0.100   1.00 24.00  ? 49  TRP A CH2 1 
ATOM   272 N N   . VAL A 1 35  ? 0.698   -6.645  -1.842  1.00 23.68  ? 50  VAL A N   1 
ATOM   273 C CA  . VAL A 1 35  ? -0.127  -7.532  -2.666  1.00 25.67  ? 50  VAL A CA  1 
ATOM   274 C C   . VAL A 1 35  ? -1.462  -6.884  -2.968  1.00 28.64  ? 50  VAL A C   1 
ATOM   275 O O   . VAL A 1 35  ? -1.903  -5.988  -2.250  1.00 26.04  ? 50  VAL A O   1 
ATOM   276 C CB  . VAL A 1 35  ? -0.386  -8.880  -2.001  1.00 24.48  ? 50  VAL A CB  1 
ATOM   277 C CG1 . VAL A 1 35  ? 0.921   -9.555  -1.649  1.00 28.55  ? 50  VAL A CG1 1 
ATOM   278 C CG2 . VAL A 1 35  ? -1.238  -8.693  -0.726  1.00 25.64  ? 50  VAL A CG2 1 
ATOM   279 N N   . LYS A 1 36  ? -2.109  -7.334  -4.037  1.00 25.22  ? 51  LYS A N   1 
ATOM   280 C CA  . LYS A 1 36  ? -3.498  -6.989  -4.259  1.00 24.05  ? 51  LYS A CA  1 
ATOM   281 C C   . LYS A 1 36  ? -4.359  -8.173  -3.821  1.00 26.63  ? 51  LYS A C   1 
ATOM   282 O O   . LYS A 1 36  ? -4.127  -9.305  -4.250  1.00 27.84  ? 51  LYS A O   1 
ATOM   283 C CB  . LYS A 1 36  ? -3.748  -6.633  -5.730  1.00 24.16  ? 51  LYS A CB  1 
ATOM   284 C CG  . LYS A 1 36  ? -5.099  -5.992  -5.955  1.00 25.16  ? 51  LYS A CG  1 
ATOM   285 C CD  . LYS A 1 36  ? -5.334  -5.717  -7.439  1.00 27.45  ? 51  LYS A CD  1 
ATOM   286 C CE  . LYS A 1 36  ? -6.629  -4.975  -7.639  1.00 31.43  ? 51  LYS A CE  1 
ATOM   287 N NZ  . LYS A 1 36  ? -6.917  -4.805  -9.105  1.00 37.39  ? 51  LYS A NZ  1 
ATOM   288 N N   . LEU A 1 37  ? -5.331  -7.925  -2.948  1.00 23.83  ? 52  LEU A N   1 
ATOM   289 C CA  . LEU A 1 37  ? -6.216  -8.977  -2.474  1.00 24.83  ? 52  LEU A CA  1 
ATOM   290 C C   . LEU A 1 37  ? -7.335  -9.190  -3.478  1.00 33.86  ? 52  LEU A C   1 
ATOM   291 O O   . LEU A 1 37  ? -8.116  -8.277  -3.744  1.00 36.88  ? 52  LEU A O   1 
ATOM   292 C CB  . LEU A 1 37  ? -6.791  -8.607  -1.087  1.00 25.06  ? 52  LEU A CB  1 
ATOM   293 C CG  . LEU A 1 37  ? -5.722  -8.245  -0.039  1.00 25.87  ? 52  LEU A CG  1 
ATOM   294 C CD1 . LEU A 1 37  ? -6.401  -7.803  1.268   1.00 35.68  ? 52  LEU A CD1 1 
ATOM   295 C CD2 . LEU A 1 37  ? -4.800  -9.425  0.218   1.00 29.66  ? 52  LEU A CD2 1 
ATOM   296 N N   . LEU A 1 38  ? -7.419  -10.385 -4.054  1.00 26.48  ? 53  LEU A N   1 
ATOM   297 C CA  . LEU A 1 38  ? -8.395  -10.635 -5.097  1.00 26.26  ? 53  LEU A CA  1 
ATOM   298 C C   . LEU A 1 38  ? -9.620  -11.398 -4.597  1.00 44.13  ? 53  LEU A C   1 
ATOM   299 O O   . LEU A 1 38  ? -10.749 -11.120 -5.016  1.00 49.76  ? 53  LEU A O   1 
ATOM   300 C CB  . LEU A 1 38  ? -7.731  -11.418 -6.233  1.00 26.51  ? 53  LEU A CB  1 
ATOM   301 C CG  . LEU A 1 38  ? -6.445  -10.724 -6.690  1.00 30.44  ? 53  LEU A CG  1 
ATOM   302 C CD1 . LEU A 1 38  ? -5.656  -11.601 -7.656  1.00 32.36  ? 53  LEU A CD1 1 
ATOM   303 C CD2 . LEU A 1 38  ? -6.790  -9.376  -7.318  1.00 40.30  ? 53  LEU A CD2 1 
ATOM   304 N N   . GLU A 1 39  ? -9.374  -12.369 -3.719  1.00 41.56  ? 54  GLU A N   1 
ATOM   305 C CA  . GLU A 1 39  ? -10.399 -13.262 -3.181  1.00 53.95  ? 54  GLU A CA  1 
ATOM   306 C C   . GLU A 1 39  ? -10.135 -13.621 -1.714  1.00 59.50  ? 54  GLU A C   1 
ATOM   307 O O   . GLU A 1 39  ? -10.972 -14.249 -1.048  1.00 56.04  ? 54  GLU A O   1 
ATOM   308 C CB  . GLU A 1 39  ? -10.488 -14.544 -4.012  1.00 61.62  ? 54  GLU A CB  1 
ATOM   309 C CG  . GLU A 1 39  ? -11.312 -14.405 -5.278  1.00 67.91  ? 54  GLU A CG  1 
ATOM   310 C CD  . GLU A 1 39  ? -11.572 -15.737 -5.958  1.00 72.94  ? 54  GLU A CD  1 
ATOM   311 O OE1 . GLU A 1 39  ? -11.380 -16.788 -5.312  1.00 73.16  ? 54  GLU A OE1 1 
ATOM   312 O OE2 . GLU A 1 39  ? -11.981 -15.735 -7.137  1.00 78.18  ? 54  GLU A OE2 1 
ATOM   313 N N   . GLU A 1 72  ? 9.239   12.179  1.835   1.00 101.10 ? 87  GLU A N   1 
ATOM   314 C CA  . GLU A 1 72  ? 7.814   12.272  2.128   1.00 96.12  ? 87  GLU A CA  1 
ATOM   315 C C   . GLU A 1 72  ? 7.346   11.092  2.971   1.00 90.94  ? 87  GLU A C   1 
ATOM   316 O O   . GLU A 1 72  ? 7.874   10.840  4.053   1.00 95.40  ? 87  GLU A O   1 
ATOM   317 C CB  . GLU A 1 72  ? 7.003   12.344  0.831   1.00 90.16  ? 87  GLU A CB  1 
ATOM   318 N N   . ARG A 1 73  ? 6.349   10.376  2.464   1.00 68.42  ? 88  ARG A N   1 
ATOM   319 C CA  . ARG A 1 73  ? 5.780   9.224   3.158   1.00 63.21  ? 88  ARG A CA  1 
ATOM   320 C C   . ARG A 1 73  ? 6.352   7.916   2.602   1.00 56.50  ? 88  ARG A C   1 
ATOM   321 O O   . ARG A 1 73  ? 6.149   7.594   1.431   1.00 58.34  ? 88  ARG A O   1 
ATOM   322 C CB  . ARG A 1 73  ? 4.251   9.236   3.031   1.00 60.78  ? 88  ARG A CB  1 
ATOM   323 C CG  . ARG A 1 73  ? 3.534   8.227   3.906   1.00 55.46  ? 88  ARG A CG  1 
ATOM   324 C CD  . ARG A 1 73  ? 2.091   8.031   3.454   1.00 55.01  ? 88  ARG A CD  1 
ATOM   325 N NE  . ARG A 1 73  ? 1.463   6.914   4.149   1.00 53.21  ? 88  ARG A NE  1 
ATOM   326 C CZ  . ARG A 1 73  ? 0.595   7.042   5.146   1.00 57.12  ? 88  ARG A CZ  1 
ATOM   327 N NH1 . ARG A 1 73  ? 0.225   8.248   5.564   1.00 53.93  ? 88  ARG A NH1 1 
ATOM   328 N NH2 . ARG A 1 73  ? 0.086   5.959   5.719   1.00 58.30  ? 88  ARG A NH2 1 
ATOM   329 N N   . PRO A 1 74  ? 7.068   7.152   3.442   1.00 54.97  ? 89  PRO A N   1 
ATOM   330 C CA  . PRO A 1 74  ? 7.708   5.921   2.956   1.00 48.45  ? 89  PRO A CA  1 
ATOM   331 C C   . PRO A 1 74  ? 6.741   4.755   2.740   1.00 44.21  ? 89  PRO A C   1 
ATOM   332 O O   . PRO A 1 74  ? 5.597   4.789   3.208   1.00 46.65  ? 89  PRO A O   1 
ATOM   333 C CB  . PRO A 1 74  ? 8.703   5.587   4.071   1.00 55.68  ? 89  PRO A CB  1 
ATOM   334 C CG  . PRO A 1 74  ? 8.072   6.156   5.309   1.00 58.73  ? 89  PRO A CG  1 
ATOM   335 C CD  . PRO A 1 74  ? 7.347   7.404   4.869   1.00 57.43  ? 89  PRO A CD  1 
ATOM   336 N N   . TYR A 1 75  ? 7.226   3.745   2.018   1.00 35.94  ? 90  TYR A N   1 
ATOM   337 C CA  . TYR A 1 75  ? 6.592   2.434   1.861   1.00 32.96  ? 90  TYR A CA  1 
ATOM   338 C C   . TYR A 1 75  ? 5.386   2.429   0.931   1.00 32.63  ? 90  TYR A C   1 
ATOM   339 O O   . TYR A 1 75  ? 4.657   1.446   0.871   1.00 29.03  ? 90  TYR A O   1 
ATOM   340 C CB  . TYR A 1 75  ? 6.193   1.856   3.233   1.00 31.63  ? 90  TYR A CB  1 
ATOM   341 C CG  . TYR A 1 75  ? 7.336   1.868   4.221   1.00 36.49  ? 90  TYR A CG  1 
ATOM   342 C CD1 . TYR A 1 75  ? 8.573   1.344   3.883   1.00 36.27  ? 90  TYR A CD1 1 
ATOM   343 C CD2 . TYR A 1 75  ? 7.187   2.427   5.486   1.00 35.77  ? 90  TYR A CD2 1 
ATOM   344 C CE1 . TYR A 1 75  ? 9.633   1.367   4.782   1.00 38.41  ? 90  TYR A CE1 1 
ATOM   345 C CE2 . TYR A 1 75  ? 8.240   2.457   6.388   1.00 40.23  ? 90  TYR A CE2 1 
ATOM   346 C CZ  . TYR A 1 75  ? 9.458   1.921   6.032   1.00 38.23  ? 90  TYR A CZ  1 
ATOM   347 O OH  . TYR A 1 75  ? 10.500  1.944   6.933   1.00 46.98  ? 90  TYR A OH  1 
ATOM   348 N N   . SER A 1 76  ? 5.199   3.504   0.172   1.00 31.65  ? 91  SER A N   1 
ATOM   349 C CA  . SER A 1 76  ? 4.048   3.569   -0.717  1.00 30.57  ? 91  SER A CA  1 
ATOM   350 C C   . SER A 1 76  ? 4.275   2.721   -1.960  1.00 36.35  ? 91  SER A C   1 
ATOM   351 O O   . SER A 1 76  ? 5.413   2.434   -2.323  1.00 38.55  ? 91  SER A O   1 
ATOM   352 C CB  . SER A 1 76  ? 3.763   5.016   -1.119  1.00 36.68  ? 91  SER A CB  1 
ATOM   353 O OG  . SER A 1 76  ? 3.379   5.782   0.008   1.00 45.31  ? 91  SER A OG  1 
ATOM   354 N N   . LEU A 1 77  ? 3.183   2.328   -2.609  1.00 28.46  ? 92  LEU A N   1 
ATOM   355 C CA  . LEU A 1 77  ? 3.256   1.572   -3.856  1.00 28.68  ? 92  LEU A CA  1 
ATOM   356 C C   . LEU A 1 77  ? 2.954   2.476   -5.039  1.00 30.11  ? 92  LEU A C   1 
ATOM   357 O O   . LEU A 1 77  ? 1.862   3.037   -5.128  1.00 30.97  ? 92  LEU A O   1 
ATOM   358 C CB  . LEU A 1 77  ? 2.269   0.409   -3.827  1.00 27.94  ? 92  LEU A CB  1 
ATOM   359 C CG  . LEU A 1 77  ? 2.165   -0.415  -5.113  1.00 33.57  ? 92  LEU A CG  1 
ATOM   360 C CD1 . LEU A 1 77  ? 3.409   -1.256  -5.294  1.00 40.41  ? 92  LEU A CD1 1 
ATOM   361 C CD2 . LEU A 1 77  ? 0.923   -1.291  -5.052  1.00 39.37  ? 92  LEU A CD2 1 
ATOM   362 N N   . LYS A 1 78  ? 3.911   2.637   -5.948  1.00 34.37  ? 93  LYS A N   1 
ATOM   363 C CA  . LYS A 1 78  ? 3.657   3.469   -7.110  1.00 36.47  ? 93  LYS A CA  1 
ATOM   364 C C   . LYS A 1 78  ? 2.932   2.667   -8.175  1.00 38.96  ? 93  LYS A C   1 
ATOM   365 O O   . LYS A 1 78  ? 3.374   1.587   -8.566  1.00 39.86  ? 93  LYS A O   1 
ATOM   366 C CB  . LYS A 1 78  ? 4.954   4.054   -7.688  1.00 40.50  ? 93  LYS A CB  1 
ATOM   367 C CG  . LYS A 1 78  ? 4.714   5.002   -8.860  1.00 53.60  ? 93  LYS A CG  1 
ATOM   368 C CD  . LYS A 1 78  ? 5.540   6.282   -8.747  1.00 64.21  ? 93  LYS A CD  1 
ATOM   369 C CE  . LYS A 1 78  ? 4.888   7.420   -9.511  1.00 71.73  ? 93  LYS A CE  1 
ATOM   370 N NZ  . LYS A 1 78  ? 5.621   8.705   -9.346  1.00 83.90  ? 93  LYS A NZ  1 
ATOM   371 N N   . ILE A 1 79  ? 1.814   3.211   -8.640  1.00 39.31  ? 94  ILE A N   1 
ATOM   372 C CA  . ILE A 1 79  ? 1.066   2.619   -9.734  1.00 40.54  ? 94  ILE A CA  1 
ATOM   373 C C   . ILE A 1 79  ? 0.919   3.674   -10.820 1.00 37.85  ? 94  ILE A C   1 
ATOM   374 O O   . ILE A 1 79  ? 0.258   4.693   -10.631 1.00 41.11  ? 94  ILE A O   1 
ATOM   375 C CB  . ILE A 1 79  ? -0.314  2.108   -9.273  1.00 43.87  ? 94  ILE A CB  1 
ATOM   376 C CG1 . ILE A 1 79  ? -0.141  1.016   -8.214  1.00 44.87  ? 94  ILE A CG1 1 
ATOM   377 C CG2 . ILE A 1 79  ? -1.107  1.571   -10.463 1.00 49.21  ? 94  ILE A CG2 1 
ATOM   378 C CD1 . ILE A 1 79  ? -1.435  0.578   -7.571  1.00 51.01  ? 94  ILE A CD1 1 
ATOM   379 N N   . ARG A 1 80  ? 1.580   3.449   -11.949 1.00 49.73  ? 95  ARG A N   1 
ATOM   380 C CA  . ARG A 1 80  ? 1.601   4.450   -13.000 1.00 53.25  ? 95  ARG A CA  1 
ATOM   381 C C   . ARG A 1 80  ? 0.464   4.225   -13.989 1.00 53.67  ? 95  ARG A C   1 
ATOM   382 O O   . ARG A 1 80  ? 0.007   3.096   -14.171 1.00 53.34  ? 95  ARG A O   1 
ATOM   383 C CB  . ARG A 1 80  ? 2.958   4.444   -13.714 1.00 59.12  ? 95  ARG A CB  1 
ATOM   384 C CG  . ARG A 1 80  ? 4.111   4.891   -12.816 1.00 67.09  ? 95  ARG A CG  1 
ATOM   385 C CD  . ARG A 1 80  ? 5.440   4.954   -13.558 1.00 75.96  ? 95  ARG A CD  1 
ATOM   386 N NE  . ARG A 1 80  ? 6.542   5.351   -12.679 1.00 83.21  ? 95  ARG A NE  1 
ATOM   387 C CZ  . ARG A 1 80  ? 6.865   6.611   -12.393 1.00 91.83  ? 95  ARG A CZ  1 
ATOM   388 N NH1 . ARG A 1 80  ? 6.180   7.615   -12.922 1.00 94.13  ? 95  ARG A NH1 1 
ATOM   389 N NH2 . ARG A 1 80  ? 7.883   6.868   -11.582 1.00 95.54  ? 95  ARG A NH2 1 
ATOM   390 N N   . ASN A 1 81  ? -0.004  5.318   -14.591 1.00 55.89  ? 96  ASN A N   1 
ATOM   391 C CA  . ASN A 1 81  ? -1.009  5.267   -15.651 1.00 60.39  ? 96  ASN A CA  1 
ATOM   392 C C   . ASN A 1 81  ? -2.202  4.404   -15.277 1.00 58.26  ? 96  ASN A C   1 
ATOM   393 O O   . ASN A 1 81  ? -2.555  3.483   -16.007 1.00 54.36  ? 96  ASN A O   1 
ATOM   394 C CB  . ASN A 1 81  ? -0.385  4.744   -16.950 1.00 67.92  ? 96  ASN A CB  1 
ATOM   395 C CG  . ASN A 1 81  ? 0.876   5.492   -17.335 1.00 82.23  ? 96  ASN A CG  1 
ATOM   396 O OD1 . ASN A 1 81  ? 0.979   6.704   -17.136 1.00 86.45  ? 96  ASN A OD1 1 
ATOM   397 N ND2 . ASN A 1 81  ? 1.842   4.775   -17.905 1.00 89.31  ? 96  ASN A ND2 1 
ATOM   398 N N   . THR A 1 82  ? -2.808  4.698   -14.130 1.00 49.29  ? 97  THR A N   1 
ATOM   399 C CA  . THR A 1 82  ? -3.892  3.878   -13.609 1.00 45.62  ? 97  THR A CA  1 
ATOM   400 C C   . THR A 1 82  ? -5.017  3.632   -14.607 1.00 47.15  ? 97  THR A C   1 
ATOM   401 O O   . THR A 1 82  ? -5.316  4.471   -15.466 1.00 56.15  ? 97  THR A O   1 
ATOM   402 C CB  . THR A 1 82  ? -4.502  4.506   -12.344 1.00 46.46  ? 97  THR A CB  1 
ATOM   403 O OG1 . THR A 1 82  ? -4.875  5.860   -12.618 1.00 53.27  ? 97  THR A OG1 1 
ATOM   404 C CG2 . THR A 1 82  ? -3.495  4.483   -11.204 1.00 48.31  ? 97  THR A CG2 1 
ATOM   405 N N   . THR A 1 83  ? -5.611  2.452   -14.501 1.00 45.62  ? 98  THR A N   1 
ATOM   406 C CA  . THR A 1 83  ? -6.784  2.079   -15.275 1.00 47.14  ? 98  THR A CA  1 
ATOM   407 C C   . THR A 1 83  ? -7.812  1.499   -14.331 1.00 47.09  ? 98  THR A C   1 
ATOM   408 O O   . THR A 1 83  ? -7.479  1.168   -13.196 1.00 44.55  ? 98  THR A O   1 
ATOM   409 C CB  . THR A 1 83  ? -6.459  1.034   -16.355 1.00 58.96  ? 98  THR A CB  1 
ATOM   410 O OG1 . THR A 1 83  ? -6.041  -0.181  -15.718 1.00 55.65  ? 98  THR A OG1 1 
ATOM   411 C CG2 . THR A 1 83  ? -5.362  1.533   -17.283 1.00 69.41  ? 98  THR A CG2 1 
ATOM   412 N N   . SER A 1 84  ? -9.046  1.344   -14.804 1.00 44.29  ? 99  SER A N   1 
ATOM   413 C CA  . SER A 1 84  ? -10.110 0.768   -13.983 1.00 42.07  ? 99  SER A CA  1 
ATOM   414 C C   . SER A 1 84  ? -9.687  -0.580  -13.388 1.00 43.97  ? 99  SER A C   1 
ATOM   415 O O   . SER A 1 84  ? -10.014 -0.901  -12.232 1.00 42.84  ? 99  SER A O   1 
ATOM   416 C CB  . SER A 1 84  ? -11.386 0.601   -14.808 1.00 56.40  ? 99  SER A CB  1 
ATOM   417 O OG  . SER A 1 84  ? -12.419 0.058   -14.006 1.00 62.81  ? 99  SER A OG  1 
ATOM   418 N N   . SER A 1 85  ? -8.925  -1.336  -14.172 1.00 44.17  ? 100 SER A N   1 
ATOM   419 C CA  . SER A 1 85  ? -8.397  -2.635  -13.754 1.00 47.85  ? 100 SER A CA  1 
ATOM   420 C C   . SER A 1 85  ? -7.657  -2.587  -12.419 1.00 45.49  ? 100 SER A C   1 
ATOM   421 O O   . SER A 1 85  ? -7.648  -3.572  -11.687 1.00 47.37  ? 100 SER A O   1 
ATOM   422 C CB  . SER A 1 85  ? -7.448  -3.197  -14.819 1.00 53.29  ? 100 SER A CB  1 
ATOM   423 O OG  . SER A 1 85  ? -8.029  -3.161  -16.113 1.00 76.94  ? 100 SER A OG  1 
ATOM   424 N N   . ASN A 1 86  ? -7.035  -1.447  -12.116 1.00 35.21  ? 101 ASN A N   1 
ATOM   425 C CA  . ASN A 1 86  ? -6.220  -1.298  -10.900 1.00 35.43  ? 101 ASN A CA  1 
ATOM   426 C C   . ASN A 1 86  ? -7.025  -1.152  -9.618  1.00 36.14  ? 101 ASN A C   1 
ATOM   427 O O   . ASN A 1 86  ? -6.480  -1.293  -8.515  1.00 33.20  ? 101 ASN A O   1 
ATOM   428 C CB  . ASN A 1 86  ? -5.289  -0.095  -11.028 1.00 40.62  ? 101 ASN A CB  1 
ATOM   429 C CG  . ASN A 1 86  ? -4.256  -0.276  -12.107 1.00 42.50  ? 101 ASN A CG  1 
ATOM   430 O OD1 . ASN A 1 86  ? -4.017  0.619   -12.915 1.00 41.42  ? 101 ASN A OD1 1 
ATOM   431 N ND2 . ASN A 1 86  ? -3.635  -1.450  -12.133 1.00 48.72  ? 101 ASN A ND2 1 
ATOM   432 N N   . SER A 1 87  ? -8.315  -0.867  -9.756  1.00 32.68  ? 102 SER A N   1 
ATOM   433 C CA  . SER A 1 87  ? -9.180  -0.715  -8.588  1.00 31.32  ? 102 SER A CA  1 
ATOM   434 C C   . SER A 1 87  ? -9.221  -2.007  -7.771  1.00 27.08  ? 102 SER A C   1 
ATOM   435 O O   . SER A 1 87  ? -9.190  -3.112  -8.333  1.00 31.63  ? 102 SER A O   1 
ATOM   436 C CB  . SER A 1 87  ? -10.593 -0.323  -9.026  1.00 34.85  ? 102 SER A CB  1 
ATOM   437 O OG  . SER A 1 87  ? -10.569 0.897   -9.747  1.00 35.12  ? 102 SER A OG  1 
ATOM   438 N N   . GLY A 1 88  ? -9.306  -1.872  -6.454  1.00 30.09  ? 103 GLY A N   1 
ATOM   439 C CA  . GLY A 1 88  ? -9.407  -3.029  -5.585  1.00 31.22  ? 103 GLY A CA  1 
ATOM   440 C C   . GLY A 1 88  ? -8.799  -2.759  -4.224  1.00 31.19  ? 103 GLY A C   1 
ATOM   441 O O   . GLY A 1 88  ? -8.499  -1.621  -3.873  1.00 28.26  ? 103 GLY A O   1 
ATOM   442 N N   . THR A 1 89  ? -8.574  -3.833  -3.478  1.00 26.82  ? 104 THR A N   1 
ATOM   443 C CA  . THR A 1 89  ? -8.032  -3.725  -2.126  1.00 24.40  ? 104 THR A CA  1 
ATOM   444 C C   . THR A 1 89  ? -6.590  -4.203  -2.091  1.00 26.09  ? 104 THR A C   1 
ATOM   445 O O   . THR A 1 89  ? -6.285  -5.279  -2.612  1.00 27.25  ? 104 THR A O   1 
ATOM   446 C CB  . THR A 1 89  ? -8.879  -4.542  -1.151  1.00 29.18  ? 104 THR A CB  1 
ATOM   447 O OG1 . THR A 1 89  ? -10.239 -4.084  -1.243  1.00 33.08  ? 104 THR A OG1 1 
ATOM   448 C CG2 . THR A 1 89  ? -8.378  -4.383  0.282   1.00 31.04  ? 104 THR A CG2 1 
ATOM   449 N N   . TYR A 1 90  ? -5.716  -3.401  -1.488  1.00 21.33  ? 105 TYR A N   1 
ATOM   450 C CA  . TYR A 1 90  ? -4.283  -3.707  -1.454  1.00 23.84  ? 105 TYR A CA  1 
ATOM   451 C C   . TYR A 1 90  ? -3.815  -3.881  -0.013  1.00 25.12  ? 105 TYR A C   1 
ATOM   452 O O   . TYR A 1 90  ? -4.368  -3.282  0.899   1.00 26.16  ? 105 TYR A O   1 
ATOM   453 C CB  . TYR A 1 90  ? -3.477  -2.597  -2.132  1.00 22.22  ? 105 TYR A CB  1 
ATOM   454 C CG  . TYR A 1 90  ? -3.694  -2.507  -3.633  1.00 23.91  ? 105 TYR A CG  1 
ATOM   455 C CD1 . TYR A 1 90  ? -4.869  -1.960  -4.172  1.00 26.87  ? 105 TYR A CD1 1 
ATOM   456 C CD2 . TYR A 1 90  ? -2.722  -2.954  -4.505  1.00 25.70  ? 105 TYR A CD2 1 
ATOM   457 C CE1 . TYR A 1 90  ? -5.054  -1.872  -5.553  1.00 25.65  ? 105 TYR A CE1 1 
ATOM   458 C CE2 . TYR A 1 90  ? -2.888  -2.847  -5.891  1.00 26.58  ? 105 TYR A CE2 1 
ATOM   459 C CZ  . TYR A 1 90  ? -4.055  -2.308  -6.403  1.00 28.70  ? 105 TYR A CZ  1 
ATOM   460 O OH  . TYR A 1 90  ? -4.194  -2.254  -7.791  1.00 30.23  ? 105 TYR A OH  1 
ATOM   461 N N   . ARG A 1 91  ? -2.788  -4.699  0.194   1.00 22.91  ? 106 ARG A N   1 
ATOM   462 C CA  . ARG A 1 91  ? -2.276  -4.911  1.549   1.00 22.36  ? 106 ARG A CA  1 
ATOM   463 C C   . ARG A 1 91  ? -0.780  -4.681  1.544   1.00 22.55  ? 106 ARG A C   1 
ATOM   464 O O   . ARG A 1 91  ? -0.069  -5.247  0.696   1.00 23.91  ? 106 ARG A O   1 
ATOM   465 C CB  . ARG A 1 91  ? -2.577  -6.327  2.040   1.00 25.43  ? 106 ARG A CB  1 
ATOM   466 C CG  . ARG A 1 91  ? -2.096  -6.594  3.468   1.00 27.42  ? 106 ARG A CG  1 
ATOM   467 C CD  . ARG A 1 91  ? -2.347  -8.036  3.841   1.00 34.26  ? 106 ARG A CD  1 
ATOM   468 N NE  . ARG A 1 91  ? -1.421  -8.940  3.156   1.00 36.96  ? 106 ARG A NE  1 
ATOM   469 C CZ  . ARG A 1 91  ? -1.707  -10.196 2.820   1.00 49.68  ? 106 ARG A CZ  1 
ATOM   470 N NH1 . ARG A 1 91  ? -2.905  -10.701 3.089   1.00 51.32  ? 106 ARG A NH1 1 
ATOM   471 N NH2 . ARG A 1 91  ? -0.793  -10.946 2.208   1.00 45.94  ? 106 ARG A NH2 1 
ATOM   472 N N   A CYS A 1 92  ? -0.294  -3.821  2.433   0.57 22.58  ? 107 CYS A N   1 
ATOM   473 N N   B CYS A 1 92  ? -0.312  -3.897  2.516   0.43 21.90  ? 107 CYS A N   1 
ATOM   474 C CA  A CYS A 1 92  ? 1.148   -3.688  2.591   0.57 25.60  ? 107 CYS A CA  1 
ATOM   475 C CA  B CYS A 1 92  ? 1.104   -3.579  2.687   0.43 25.27  ? 107 CYS A CA  1 
ATOM   476 C C   A CYS A 1 92  ? 1.547   -4.462  3.824   0.57 24.69  ? 107 CYS A C   1 
ATOM   477 C C   B CYS A 1 92  ? 1.666   -4.269  3.927   0.43 24.72  ? 107 CYS A C   1 
ATOM   478 O O   A CYS A 1 92  ? 0.796   -4.530  4.789   0.57 24.13  ? 107 CYS A O   1 
ATOM   479 O O   B CYS A 1 92  ? 1.148   -4.076  5.019   0.43 25.15  ? 107 CYS A O   1 
ATOM   480 C CB  A CYS A 1 92  ? 1.586   -2.229  2.709   0.57 27.20  ? 107 CYS A CB  1 
ATOM   481 C CB  B CYS A 1 92  ? 1.286   -2.065  2.803   0.43 26.61  ? 107 CYS A CB  1 
ATOM   482 S SG  A CYS A 1 92  ? 1.031   -1.357  4.178   0.57 34.61  ? 107 CYS A SG  1 
ATOM   483 S SG  B CYS A 1 92  ? 2.953   -1.509  3.190   0.43 25.28  ? 107 CYS A SG  1 
ATOM   484 N N   . THR A 1 93  ? 2.725   -5.061  3.776   1.00 25.37  ? 108 THR A N   1 
ATOM   485 C CA  . THR A 1 93  ? 3.279   -5.747  4.934   1.00 24.18  ? 108 THR A CA  1 
ATOM   486 C C   . THR A 1 93  ? 4.707   -5.281  5.139   1.00 28.14  ? 108 THR A C   1 
ATOM   487 O O   . THR A 1 93  ? 5.535   -5.388  4.225   1.00 31.17  ? 108 THR A O   1 
ATOM   488 C CB  . THR A 1 93  ? 3.244   -7.268  4.747   1.00 27.67  ? 108 THR A CB  1 
ATOM   489 O OG1 . THR A 1 93  ? 1.886   -7.689  4.594   1.00 27.53  ? 108 THR A OG1 1 
ATOM   490 C CG2 . THR A 1 93  ? 3.893   -7.984  5.943   1.00 31.99  ? 108 THR A CG2 1 
ATOM   491 N N   . LEU A 1 94  ? 4.993   -4.756  6.330   1.00 27.64  ? 109 LEU A N   1 
ATOM   492 C CA  . LEU A 1 94  ? 6.329   -4.261  6.652   1.00 26.87  ? 109 LEU A CA  1 
ATOM   493 C C   . LEU A 1 94  ? 7.043   -5.288  7.496   1.00 31.31  ? 109 LEU A C   1 
ATOM   494 O O   . LEU A 1 94  ? 6.518   -5.715  8.514   1.00 33.31  ? 109 LEU A O   1 
ATOM   495 C CB  . LEU A 1 94  ? 6.250   -2.940  7.410   1.00 31.21  ? 109 LEU A CB  1 
ATOM   496 C CG  . LEU A 1 94  ? 5.527   -1.849  6.627   1.00 29.19  ? 109 LEU A CG  1 
ATOM   497 C CD1 . LEU A 1 94  ? 5.330   -0.625  7.475   1.00 36.00  ? 109 LEU A CD1 1 
ATOM   498 C CD2 . LEU A 1 94  ? 6.336   -1.527  5.359   1.00 34.66  ? 109 LEU A CD2 1 
ATOM   499 N N   . GLN A 1 95  ? 8.243   -5.658  7.080   1.00 32.91  ? 110 GLN A N   1 
ATOM   500 C CA  . GLN A 1 95  ? 9.028   -6.667  7.772   1.00 36.89  ? 110 GLN A CA  1 
ATOM   501 C C   . GLN A 1 95  ? 10.155  -6.032  8.588   1.00 42.46  ? 110 GLN A C   1 
ATOM   502 O O   . GLN A 1 95  ? 10.947  -5.250  8.057   1.00 38.77  ? 110 GLN A O   1 
ATOM   503 C CB  . GLN A 1 95  ? 9.608   -7.656  6.756   1.00 42.05  ? 110 GLN A CB  1 
ATOM   504 C CG  . GLN A 1 95  ? 10.647  -8.597  7.315   1.00 57.71  ? 110 GLN A CG  1 
ATOM   505 C CD  . GLN A 1 95  ? 10.036  -9.858  7.862   1.00 68.12  ? 110 GLN A CD  1 
ATOM   506 O OE1 . GLN A 1 95  ? 9.388   -10.612 7.135   1.00 69.74  ? 110 GLN A OE1 1 
ATOM   507 N NE2 . GLN A 1 95  ? 10.194  -10.079 9.159   1.00 76.37  ? 110 GLN A NE2 1 
ATOM   508 N N   . ASP A 1 96  ? 10.230  -6.385  9.871   1.00 35.01  ? 111 ASP A N   1 
ATOM   509 C CA  . ASP A 1 96  ? 11.290  -5.931  10.754  1.00 40.23  ? 111 ASP A CA  1 
ATOM   510 C C   . ASP A 1 96  ? 12.641  -6.445  10.253  1.00 47.76  ? 111 ASP A C   1 
ATOM   511 O O   . ASP A 1 96  ? 12.709  -7.524  9.664   1.00 51.01  ? 111 ASP A O   1 
ATOM   512 C CB  . ASP A 1 96  ? 11.017  -6.437  12.179  1.00 47.71  ? 111 ASP A CB  1 
ATOM   513 C CG  . ASP A 1 96  ? 11.814  -5.701  13.240  1.00 64.78  ? 111 ASP A CG  1 
ATOM   514 O OD1 . ASP A 1 96  ? 13.015  -5.993  13.394  1.00 74.37  ? 111 ASP A OD1 1 
ATOM   515 O OD2 . ASP A 1 96  ? 11.232  -4.849  13.943  1.00 73.78  ? 111 ASP A OD2 1 
ATOM   516 N N   . PRO A 1 97  ? 13.718  -5.669  10.471  1.00 48.20  ? 112 PRO A N   1 
ATOM   517 C CA  . PRO A 1 97  ? 15.096  -6.052  10.133  1.00 57.90  ? 112 PRO A CA  1 
ATOM   518 C C   . PRO A 1 97  ? 15.520  -7.441  10.613  1.00 64.52  ? 112 PRO A C   1 
ATOM   519 O O   . PRO A 1 97  ? 16.177  -8.171  9.864   1.00 59.85  ? 112 PRO A O   1 
ATOM   520 C CB  . PRO A 1 97  ? 15.923  -4.991  10.850  1.00 60.78  ? 112 PRO A CB  1 
ATOM   521 C CG  . PRO A 1 97  ? 15.078  -3.790  10.821  1.00 56.04  ? 112 PRO A CG  1 
ATOM   522 C CD  . PRO A 1 97  ? 13.646  -4.264  10.915  1.00 52.05  ? 112 PRO A CD  1 
ATOM   523 N N   . ASP A 1 98  ? 15.174  -7.789  11.850  1.00 67.56  ? 113 ASP A N   1 
ATOM   524 C CA  . ASP A 1 98  ? 15.574  -9.079  12.409  1.00 73.42  ? 113 ASP A CA  1 
ATOM   525 C C   . ASP A 1 98  ? 14.775  -10.225 11.794  1.00 74.03  ? 113 ASP A C   1 
ATOM   526 O O   . ASP A 1 98  ? 15.135  -11.392 11.934  1.00 81.91  ? 113 ASP A O   1 
ATOM   527 C CB  . ASP A 1 98  ? 15.427  -9.084  13.937  1.00 77.18  ? 113 ASP A CB  1 
ATOM   528 C CG  . ASP A 1 98  ? 14.070  -8.574  14.408  1.00 83.40  ? 113 ASP A CG  1 
ATOM   529 O OD1 . ASP A 1 98  ? 13.034  -8.903  13.788  1.00 75.03  ? 113 ASP A OD1 1 
ATOM   530 O OD2 . ASP A 1 98  ? 14.041  -7.832  15.413  1.00 90.67  ? 113 ASP A OD2 1 
ATOM   531 N N   . GLY A 1 99  ? 13.691  -9.882  11.111  1.00 65.38  ? 114 GLY A N   1 
ATOM   532 C CA  . GLY A 1 99  ? 12.857  -10.875 10.464  1.00 70.96  ? 114 GLY A CA  1 
ATOM   533 C C   . GLY A 1 99  ? 11.945  -11.627 11.419  1.00 74.69  ? 114 GLY A C   1 
ATOM   534 O O   . GLY A 1 99  ? 11.479  -12.721 11.101  1.00 83.58  ? 114 GLY A O   1 
ATOM   535 N N   . GLN A 1 100 ? 11.679  -11.047 12.586  1.00 55.82  ? 115 GLN A N   1 
ATOM   536 C CA  . GLN A 1 100 ? 10.926  -11.754 13.619  1.00 54.75  ? 115 GLN A CA  1 
ATOM   537 C C   . GLN A 1 100 ? 9.490   -11.258 13.712  1.00 49.41  ? 115 GLN A C   1 
ATOM   538 O O   . GLN A 1 100 ? 8.632   -11.879 14.345  1.00 46.21  ? 115 GLN A O   1 
ATOM   539 C CB  . GLN A 1 100 ? 11.613  -11.609 14.979  1.00 59.70  ? 115 GLN A CB  1 
ATOM   540 C CG  . GLN A 1 100 ? 13.031  -12.165 15.027  1.00 68.91  ? 115 GLN A CG  1 
ATOM   541 C CD  . GLN A 1 100 ? 13.154  -13.521 14.351  1.00 79.04  ? 115 GLN A CD  1 
ATOM   542 O OE1 . GLN A 1 100 ? 12.375  -14.438 14.617  1.00 80.90  ? 115 GLN A OE1 1 
ATOM   543 N NE2 . GLN A 1 100 ? 14.141  -13.652 13.471  1.00 85.26  ? 115 GLN A NE2 1 
ATOM   544 N N   . ARG A 1 101 ? 9.219   -10.133 13.077  1.00 37.70  ? 116 ARG A N   1 
ATOM   545 C CA  . ARG A 1 101 ? 7.885   -9.577  13.165  1.00 35.06  ? 116 ARG A CA  1 
ATOM   546 C C   . ARG A 1 101 ? 7.532   -8.803  11.925  1.00 35.60  ? 116 ARG A C   1 
ATOM   547 O O   . ARG A 1 101 ? 8.411   -8.284  11.223  1.00 39.14  ? 116 ARG A O   1 
ATOM   548 C CB  . ARG A 1 101 ? 7.752   -8.689  14.403  1.00 52.35  ? 116 ARG A CB  1 
ATOM   549 C CG  . ARG A 1 101 ? 8.832   -7.649  14.557  1.00 59.57  ? 116 ARG A CG  1 
ATOM   550 C CD  . ARG A 1 101 ? 8.806   -7.054  15.958  1.00 61.00  ? 116 ARG A CD  1 
ATOM   551 N NE  . ARG A 1 101 ? 9.368   -7.958  16.957  1.00 64.57  ? 116 ARG A NE  1 
ATOM   552 C CZ  . ARG A 1 101 ? 10.652  -7.994  17.293  1.00 66.73  ? 116 ARG A CZ  1 
ATOM   553 N NH1 . ARG A 1 101 ? 11.513  -7.171  16.713  1.00 69.85  ? 116 ARG A NH1 1 
ATOM   554 N NH2 . ARG A 1 101 ? 11.076  -8.851  18.214  1.00 68.79  ? 116 ARG A NH2 1 
ATOM   555 N N   . ASN A 1 102 ? 6.236   -8.749  11.643  1.00 34.47  ? 117 ASN A N   1 
ATOM   556 C CA  A ASN A 1 102 ? 5.663   -8.034  10.502  0.26 35.46  ? 117 ASN A CA  1 
ATOM   557 C CA  B ASN A 1 102 ? 5.809   -7.856  10.591  0.74 35.06  ? 117 ASN A CA  1 
ATOM   558 C C   . ASN A 1 102 ? 4.490   -7.178  10.943  1.00 32.65  ? 117 ASN A C   1 
ATOM   559 O O   . ASN A 1 102 ? 3.833   -7.523  11.925  1.00 33.21  ? 117 ASN A O   1 
ATOM   560 C CB  A ASN A 1 102 ? 5.166   -9.009  9.433   0.26 36.81  ? 117 ASN A CB  1 
ATOM   561 C CB  B ASN A 1 102 ? 5.751   -8.592  9.238   0.74 36.83  ? 117 ASN A CB  1 
ATOM   562 C CG  A ASN A 1 102 ? 6.223   -9.975  8.998   0.26 42.05  ? 117 ASN A CG  1 
ATOM   563 C CG  B ASN A 1 102 ? 4.694   -9.677  9.178   0.74 37.14  ? 117 ASN A CG  1 
ATOM   564 O OD1 A ASN A 1 102 ? 5.960   -11.156 8.776   0.26 47.93  ? 117 ASN A OD1 1 
ATOM   565 O OD1 B ASN A 1 102 ? 3.625   -9.571  9.768   0.74 40.16  ? 117 ASN A OD1 1 
ATOM   566 N ND2 A ASN A 1 102 ? 7.432   -9.480  8.868   0.26 47.71  ? 117 ASN A ND2 1 
ATOM   567 N ND2 B ASN A 1 102 ? 4.987   -10.723 8.418   0.74 45.99  ? 117 ASN A ND2 1 
ATOM   568 N N   . LEU A 1 103 ? 4.174   -6.133  10.180  1.00 27.94  ? 118 LEU A N   1 
ATOM   569 C CA  . LEU A 1 103 ? 2.992   -5.322  10.422  1.00 27.52  ? 118 LEU A CA  1 
ATOM   570 C C   . LEU A 1 103 ? 2.285   -5.127  9.098   1.00 27.30  ? 118 LEU A C   1 
ATOM   571 O O   . LEU A 1 103 ? 2.947   -4.920  8.069   1.00 30.44  ? 118 LEU A O   1 
ATOM   572 C CB  . LEU A 1 103 ? 3.348   -3.958  11.021  1.00 39.46  ? 118 LEU A CB  1 
ATOM   573 C CG  . LEU A 1 103 ? 4.277   -3.880  12.227  1.00 50.98  ? 118 LEU A CG  1 
ATOM   574 C CD1 . LEU A 1 103 ? 5.706   -3.799  11.769  1.00 51.51  ? 118 LEU A CD1 1 
ATOM   575 C CD2 . LEU A 1 103 ? 3.910   -2.677  13.070  1.00 54.88  ? 118 LEU A CD2 1 
ATOM   576 N N   . SER A 1 104 ? 0.957   -5.188  9.094   1.00 24.80  ? 119 SER A N   1 
ATOM   577 C CA  . SER A 1 104 ? 0.258   -5.037  7.820   1.00 23.02  ? 119 SER A CA  1 
ATOM   578 C C   . SER A 1 104 ? -0.942  -4.128  7.938   1.00 23.73  ? 119 SER A C   1 
ATOM   579 O O   . SER A 1 104 ? -1.524  -3.982  9.011   1.00 27.66  ? 119 SER A O   1 
ATOM   580 C CB  . SER A 1 104 ? -0.180  -6.390  7.265   1.00 31.97  ? 119 SER A CB  1 
ATOM   581 O OG  . SER A 1 104 ? -1.126  -7.017  8.099   1.00 38.52  ? 119 SER A OG  1 
ATOM   582 N N   . GLY A 1 105 ? -1.301  -3.514  6.819   1.00 23.23  ? 120 GLY A N   1 
ATOM   583 C CA  . GLY A 1 105 ? -2.486  -2.667  6.795   1.00 24.48  ? 120 GLY A CA  1 
ATOM   584 C C   . GLY A 1 105 ? -3.036  -2.703  5.389   1.00 25.75  ? 120 GLY A C   1 
ATOM   585 O O   . GLY A 1 105 ? -2.306  -2.999  4.448   1.00 27.36  ? 120 GLY A O   1 
ATOM   586 N N   . LYS A 1 106 ? -4.329  -2.399  5.245   1.00 23.37  ? 121 LYS A N   1 
ATOM   587 C CA  . LYS A 1 106 ? -4.944  -2.441  3.933   1.00 22.30  ? 121 LYS A CA  1 
ATOM   588 C C   . LYS A 1 106 ? -5.359  -1.057  3.481   1.00 22.90  ? 121 LYS A C   1 
ATOM   589 O O   . LYS A 1 106 ? -5.524  -0.156  4.296   1.00 25.06  ? 121 LYS A O   1 
ATOM   590 C CB  . LYS A 1 106 ? -6.178  -3.364  3.924   1.00 29.79  ? 121 LYS A CB  1 
ATOM   591 C CG  . LYS A 1 106 ? -5.883  -4.819  4.229   1.00 32.40  ? 121 LYS A CG  1 
ATOM   592 C CD  . LYS A 1 106 ? -7.177  -5.616  4.272   1.00 39.66  ? 121 LYS A CD  1 
ATOM   593 C CE  . LYS A 1 106 ? -6.959  -7.003  4.849   1.00 50.66  ? 121 LYS A CE  1 
ATOM   594 N NZ  . LYS A 1 106 ? -6.684  -6.953  6.315   1.00 63.28  ? 121 LYS A NZ  1 
ATOM   595 N N   . VAL A 1 107 ? -5.518  -0.918  2.169   1.00 23.01  ? 122 VAL A N   1 
ATOM   596 C CA  . VAL A 1 107 ? -6.044  0.316   1.585   1.00 23.45  ? 122 VAL A CA  1 
ATOM   597 C C   . VAL A 1 107 ? -6.865  -0.011  0.338   1.00 21.67  ? 122 VAL A C   1 
ATOM   598 O O   . VAL A 1 107 ? -6.548  -0.943  -0.413  1.00 24.16  ? 122 VAL A O   1 
ATOM   599 C CB  . VAL A 1 107 ? -4.898  1.310   1.253   1.00 24.41  ? 122 VAL A CB  1 
ATOM   600 C CG1 . VAL A 1 107 ? -3.946  0.741   0.211   1.00 27.22  ? 122 VAL A CG1 1 
ATOM   601 C CG2 . VAL A 1 107 ? -5.442  2.669   0.809   1.00 23.23  ? 122 VAL A CG2 1 
ATOM   602 N N   . ILE A 1 108 ? -7.926  0.765   0.082   1.00 21.70  ? 123 ILE A N   1 
ATOM   603 C CA  . ILE A 1 108 ? -8.715  0.565   -1.129  1.00 25.74  ? 123 ILE A CA  1 
ATOM   604 C C   . ILE A 1 108 ? -8.356  1.608   -2.181  1.00 26.53  ? 123 ILE A C   1 
ATOM   605 O O   . ILE A 1 108 ? -8.145  2.776   -1.854  1.00 29.33  ? 123 ILE A O   1 
ATOM   606 C CB  . ILE A 1 108 ? -10.233 0.626   -0.807  1.00 27.14  ? 123 ILE A CB  1 
ATOM   607 C CG1 . ILE A 1 108 ? -10.630 -0.566  0.069   1.00 37.17  ? 123 ILE A CG1 1 
ATOM   608 C CG2 . ILE A 1 108 ? -11.070 0.661   -2.059  1.00 27.18  ? 123 ILE A CG2 1 
ATOM   609 C CD1 . ILE A 1 108 ? -11.907 -0.338  0.856   1.00 40.26  ? 123 ILE A CD1 1 
ATOM   610 N N   . LEU A 1 109 ? -8.204  1.168   -3.428  1.00 24.34  ? 124 LEU A N   1 
ATOM   611 C CA  . LEU A 1 109 ? -8.001  2.082   -4.541  1.00 31.15  ? 124 LEU A CA  1 
ATOM   612 C C   . LEU A 1 109 ? -9.225  2.049   -5.438  1.00 31.09  ? 124 LEU A C   1 
ATOM   613 O O   . LEU A 1 109 ? -9.647  0.982   -5.879  1.00 30.29  ? 124 LEU A O   1 
ATOM   614 C CB  . LEU A 1 109 ? -6.763  1.685   -5.351  1.00 30.93  ? 124 LEU A CB  1 
ATOM   615 C CG  . LEU A 1 109 ? -6.521  2.454   -6.647  1.00 31.57  ? 124 LEU A CG  1 
ATOM   616 C CD1 . LEU A 1 109 ? -6.270  3.927   -6.351  1.00 32.99  ? 124 LEU A CD1 1 
ATOM   617 C CD2 . LEU A 1 109 ? -5.360  1.820   -7.394  1.00 32.90  ? 124 LEU A CD2 1 
ATOM   618 N N   . ARG A 1 110 ? -9.786  3.222   -5.728  1.00 31.80  ? 125 ARG A N   1 
ATOM   619 C CA  . ARG A 1 110 ? -10.821 3.300   -6.759  1.00 34.59  ? 125 ARG A CA  1 
ATOM   620 C C   . ARG A 1 110 ? -10.354 4.212   -7.883  1.00 35.82  ? 125 ARG A C   1 
ATOM   621 O O   . ARG A 1 110 ? -10.091 5.381   -7.646  1.00 36.48  ? 125 ARG A O   1 
ATOM   622 C CB  . ARG A 1 110 ? -12.132 3.826   -6.173  1.00 39.36  ? 125 ARG A CB  1 
ATOM   623 C CG  . ARG A 1 110 ? -12.688 2.958   -5.067  1.00 48.47  ? 125 ARG A CG  1 
ATOM   624 C CD  . ARG A 1 110 ? -14.066 3.442   -4.638  1.00 66.30  ? 125 ARG A CD  1 
ATOM   625 N NE  . ARG A 1 110 ? -14.439 2.935   -3.322  1.00 77.99  ? 125 ARG A NE  1 
ATOM   626 C CZ  . ARG A 1 110 ? -15.005 1.754   -3.105  1.00 87.07  ? 125 ARG A CZ  1 
ATOM   627 N NH1 . ARG A 1 110 ? -15.260 0.943   -4.123  1.00 93.18  ? 125 ARG A NH1 1 
ATOM   628 N NH2 . ARG A 1 110 ? -15.311 1.380   -1.868  1.00 85.13  ? 125 ARG A NH2 1 
ATOM   629 N N   . VAL A 1 111 ? -10.242 3.666   -9.094  1.00 36.36  ? 126 VAL A N   1 
ATOM   630 C CA  . VAL A 1 111 ? -9.831  4.447   -10.261 1.00 37.86  ? 126 VAL A CA  1 
ATOM   631 C C   . VAL A 1 111 ? -11.048 4.947   -11.030 1.00 44.21  ? 126 VAL A C   1 
ATOM   632 O O   . VAL A 1 111 ? -11.918 4.163   -11.387 1.00 49.27  ? 126 VAL A O   1 
ATOM   633 C CB  . VAL A 1 111 ? -8.938  3.607   -11.215 1.00 44.50  ? 126 VAL A CB  1 
ATOM   634 C CG1 . VAL A 1 111 ? -8.604  4.398   -12.470 1.00 50.12  ? 126 VAL A CG1 1 
ATOM   635 C CG2 . VAL A 1 111 ? -7.670  3.141   -10.510 1.00 40.14  ? 126 VAL A CG2 1 
ATOM   636 N N   . THR A 1 112 ? -11.118 6.251   -11.285 1.00 47.85  ? 127 THR A N   1 
ATOM   637 C CA  . THR A 1 112 ? -12.248 6.795   -12.029 1.00 61.19  ? 127 THR A CA  1 
ATOM   638 C C   . THR A 1 112 ? -11.801 7.663   -13.204 1.00 55.10  ? 127 THR A C   1 
ATOM   639 O O   . THR A 1 112 ? -12.631 8.187   -13.947 1.00 90.33  ? 127 THR A O   1 
ATOM   640 C CB  . THR A 1 112 ? -13.167 7.612   -11.110 1.00 70.42  ? 127 THR A CB  1 
ATOM   641 O OG1 . THR A 1 112 ? -12.367 8.425   -10.244 1.00 65.46  ? 127 THR A OG1 1 
ATOM   642 C CG2 . THR A 1 112 ? -14.027 6.685   -10.263 1.00 72.91  ? 127 THR A CG2 1 
HETATM 643 O O   . HOH B 2 .   ? -8.901  -1.490  -17.541 1.00 65.58  ? 201 HOH A O   1 
HETATM 644 O O   . HOH B 2 .   ? 3.141   4.908   2.629   1.00 34.64  ? 202 HOH A O   1 
HETATM 645 O O   . HOH B 2 .   ? -0.329  11.696  -12.417 1.00 55.32  ? 203 HOH A O   1 
HETATM 646 O O   . HOH B 2 .   ? -9.067  -6.227  -5.006  1.00 35.74  ? 204 HOH A O   1 
HETATM 647 O O   . HOH B 2 .   ? -13.690 1.522   3.146   1.00 44.27  ? 205 HOH A O   1 
HETATM 648 O O   . HOH B 2 .   ? 10.226  3.356   9.162   1.00 49.72  ? 206 HOH A O   1 
HETATM 649 O O   . HOH B 2 .   ? 7.321   -7.595  3.859   1.00 39.14  ? 207 HOH A O   1 
HETATM 650 O O   . HOH B 2 .   ? 1.098   -8.787  9.564   1.00 36.74  ? 208 HOH A O   1 
HETATM 651 O O   . HOH B 2 .   ? 1.167   -7.672  2.029   1.00 28.42  ? 209 HOH A O   1 
HETATM 652 O O   . HOH B 2 .   ? 11.799  -3.146  0.807   1.00 50.70  ? 210 HOH A O   1 
HETATM 653 O O   . HOH B 2 .   ? -4.708  -4.503  -10.663 1.00 49.77  ? 211 HOH A O   1 
HETATM 654 O O   . HOH B 2 .   ? 0.850   8.128   -0.495  1.00 51.35  ? 212 HOH A O   1 
HETATM 655 O O   . HOH B 2 .   ? -5.686  -2.403  7.634   1.00 40.64  ? 213 HOH A O   1 
HETATM 656 O O   . HOH B 2 .   ? 0.901   -9.930  5.873   1.00 48.06  ? 214 HOH A O   1 
HETATM 657 O O   . HOH B 2 .   ? -0.663  9.624   -5.472  1.00 54.85  ? 215 HOH A O   1 
HETATM 658 O O   . HOH B 2 .   ? 1.020   4.255   8.737   1.00 56.42  ? 216 HOH A O   1 
HETATM 659 O O   . HOH B 2 .   ? -12.750 -16.454 -9.728  1.00 44.47  ? 217 HOH A O   1 
HETATM 660 O O   . HOH B 2 .   ? -7.319  -7.243  -10.463 1.00 49.23  ? 218 HOH A O   1 
HETATM 661 O O   . HOH B 2 .   ? 4.408   -9.242  -2.820  1.00 40.55  ? 219 HOH A O   1 
HETATM 662 O O   . HOH B 2 .   ? -12.764 4.475   5.186   1.00 35.82  ? 220 HOH A O   1 
HETATM 663 O O   . HOH B 2 .   ? 9.726   3.949   0.698   1.00 64.09  ? 221 HOH A O   1 
HETATM 664 O O   . HOH B 2 .   ? -1.881  -0.114  3.092   1.00 33.74  ? 222 HOH A O   1 
HETATM 665 O O   . HOH B 2 .   ? -11.753 -19.046 -7.029  1.00 59.42  ? 223 HOH A O   1 
HETATM 666 O O   . HOH B 2 .   ? -3.771  -6.466  7.053   1.00 38.80  ? 224 HOH A O   1 
HETATM 667 O O   . HOH B 2 .   ? 13.655  -5.922  7.224   1.00 56.10  ? 225 HOH A O   1 
HETATM 668 O O   . HOH B 2 .   ? 9.619   -7.742  3.180   1.00 50.10  ? 226 HOH A O   1 
HETATM 669 O O   . HOH B 2 .   ? -11.035 -9.003  -7.032  1.00 62.09  ? 227 HOH A O   1 
HETATM 670 O O   . HOH B 2 .   ? -11.571 -5.233  -3.607  1.00 51.73  ? 228 HOH A O   1 
HETATM 671 O O   . HOH B 2 .   ? 4.870   -0.658  15.279  1.00 46.82  ? 229 HOH A O   1 
HETATM 672 O O   . HOH B 2 .   ? -5.299  -9.897  5.238   1.00 73.66  ? 230 HOH A O   1 
HETATM 673 O O   . HOH B 2 .   ? -9.882  -7.150  -7.499  1.00 55.14  ? 231 HOH A O   1 
# 
loop_
_atom_site_anisotrop.id 
_atom_site_anisotrop.type_symbol 
_atom_site_anisotrop.pdbx_label_atom_id 
_atom_site_anisotrop.pdbx_label_alt_id 
_atom_site_anisotrop.pdbx_label_comp_id 
_atom_site_anisotrop.pdbx_label_asym_id 
_atom_site_anisotrop.pdbx_label_seq_id 
_atom_site_anisotrop.pdbx_PDB_ins_code 
_atom_site_anisotrop.U[1][1] 
_atom_site_anisotrop.U[2][2] 
_atom_site_anisotrop.U[3][3] 
_atom_site_anisotrop.U[1][2] 
_atom_site_anisotrop.U[1][3] 
_atom_site_anisotrop.U[2][3] 
_atom_site_anisotrop.pdbx_auth_seq_id 
_atom_site_anisotrop.pdbx_auth_comp_id 
_atom_site_anisotrop.pdbx_auth_asym_id 
_atom_site_anisotrop.pdbx_auth_atom_id 
1   N N   . GLY A 4   ? 0.7446 0.6401 1.0488 -0.0463 0.4088  -0.0737 19  GLY A N   
2   C CA  . GLY A 4   ? 0.8022 0.6897 0.9773 -0.0444 0.4003  -0.0746 19  GLY A CA  
3   C C   . GLY A 4   ? 0.7420 0.6596 0.8178 -0.0454 0.3492  -0.0676 19  GLY A C   
4   O O   . GLY A 4   ? 0.8952 0.8109 0.8519 -0.0438 0.3250  -0.0671 19  GLY A O   
5   N N   . THR A 5   ? 0.5220 0.4682 0.6488 -0.0473 0.3019  -0.0587 20  THR A N   
6   C CA  . THR A 5   ? 0.4545 0.4200 0.4807 -0.0475 0.2243  -0.0469 20  THR A CA  
7   C C   . THR A 5   ? 0.4219 0.3996 0.4908 -0.0479 0.1699  -0.0604 20  THR A C   
8   O O   . THR A 5   ? 0.4039 0.3924 0.6169 -0.0436 0.1539  -0.0696 20  THR A O   
9   C CB  . THR A 5   ? 0.5272 0.5120 0.5831 -0.0469 0.1764  -0.0280 20  THR A CB  
10  O OG1 . THR A 5   ? 0.5518 0.5168 0.5663 -0.0453 0.2343  -0.0142 20  THR A OG1 
11  C CG2 . THR A 5   ? 0.4613 0.4641 0.4105 -0.0466 0.0984  -0.0149 20  THR A CG2 
12  N N   . PRO A 6   ? 0.4366 0.4122 0.3821 -0.0515 0.1455  -0.0636 21  PRO A N   
13  C CA  . PRO A 6   ? 0.4089 0.3844 0.3828 -0.0516 0.1031  -0.0763 21  PRO A CA  
14  C C   . PRO A 6   ? 0.3498 0.3469 0.3831 -0.0445 0.0212  -0.0643 21  PRO A C   
15  O O   . PRO A 6   ? 0.3204 0.3345 0.3347 -0.0440 -0.0117 -0.0465 21  PRO A O   
16  C CB  . PRO A 6   ? 0.5717 0.5413 0.3860 -0.0610 0.1016  -0.0837 21  PRO A CB  
17  C CG  . PRO A 6   ? 0.6615 0.6477 0.3970 -0.0508 0.0927  -0.0584 21  PRO A CG  
18  C CD  . PRO A 6   ? 0.5780 0.5503 0.3528 -0.0547 0.1631  -0.0591 21  PRO A CD  
19  N N   A GLU A 7   ? 0.3375 0.3313 0.4409 -0.0368 -0.0096 -0.0737 22  GLU A N   
20  N N   B GLU A 7   ? 0.3371 0.3306 0.4346 -0.0370 -0.0117 -0.0734 22  GLU A N   
21  C CA  A GLU A 7   ? 0.2992 0.3124 0.4619 -0.0246 -0.0870 -0.0630 22  GLU A CA  
22  C CA  B GLU A 7   ? 0.3180 0.3318 0.4978 -0.0233 -0.0852 -0.0642 22  GLU A CA  
23  C C   A GLU A 7   ? 0.2965 0.2942 0.3911 -0.0220 -0.1318 -0.0642 22  GLU A C   
24  C C   B GLU A 7   ? 0.2812 0.2819 0.4203 -0.0163 -0.1375 -0.0649 22  GLU A C   
25  O O   A GLU A 7   ? 0.3229 0.2942 0.3761 -0.0274 -0.0994 -0.0792 22  GLU A O   
26  O O   B GLU A 7   ? 0.3107 0.2877 0.4719 -0.0118 -0.1149 -0.0792 22  GLU A O   
27  C CB  A GLU A 7   ? 0.2760 0.3054 0.6145 -0.0088 -0.0882 -0.0713 22  GLU A CB  
28  C CB  B GLU A 7   ? 0.3947 0.4231 0.7489 -0.0100 -0.0708 -0.0743 22  GLU A CB  
29  C CG  A GLU A 7   ? 0.3924 0.4363 0.8125 -0.0144 -0.0400 -0.0736 22  GLU A CG  
30  C CG  B GLU A 7   ? 0.4059 0.4613 0.8576 0.0096  -0.1446 -0.0703 22  GLU A CG  
31  C CD  A GLU A 7   ? 0.4819 0.5597 1.0782 -0.0003 -0.0632 -0.0825 22  GLU A CD  
32  C CD  B GLU A 7   ? 0.4979 0.5676 1.1080 0.0231  -0.1240 -0.0848 22  GLU A CD  
33  O OE1 A GLU A 7   ? 0.5383 0.6157 1.1667 0.0178  -0.1121 -0.0842 22  GLU A OE1 
34  O OE1 B GLU A 7   ? 0.5517 0.6356 1.2234 0.0151  -0.0929 -0.0883 22  GLU A OE1 
35  O OE2 A GLU A 7   ? 0.4192 0.5118 1.0966 -0.0069 -0.0268 -0.0874 22  GLU A OE2 
36  O OE2 B GLU A 7   ? 0.5294 0.5839 1.1756 0.0374  -0.1330 -0.0920 22  GLU A OE2 
37  N N   . VAL A 8   ? 0.4272 0.3011 0.2735 -0.0416 0.0491  0.0439  23  VAL A N   
38  C CA  . VAL A 8   ? 0.4604 0.2935 0.2569 0.0047  0.0531  0.0708  23  VAL A CA  
39  C C   . VAL A 8   ? 0.5156 0.3461 0.2840 0.0534  0.0241  0.0452  23  VAL A C   
40  O O   . VAL A 8   ? 0.5627 0.3911 0.3201 0.0572  0.0109  0.0299  23  VAL A O   
41  C CB  . VAL A 8   ? 0.5907 0.3885 0.3591 0.0042  0.0717  0.1137  23  VAL A CB  
42  C CG1 . VAL A 8   ? 0.6262 0.4233 0.3801 0.0408  0.0634  0.1210  23  VAL A CG1 
43  C CG2 . VAL A 8   ? 0.5263 0.3911 0.3837 -0.0399 0.0650  0.1173  23  VAL A CG2 
44  N N   . LYS A 9   ? 0.5329 0.3581 0.2872 0.0886  0.0111  0.0408  24  LYS A N   
45  C CA  . LYS A 9   ? 0.5858 0.4000 0.3050 0.1348  -0.0200 0.0237  24  LYS A CA  
46  C C   . LYS A 9   ? 0.7296 0.4891 0.3771 0.1681  -0.0147 0.0625  24  LYS A C   
47  O O   . LYS A 9   ? 0.7303 0.4702 0.3688 0.1652  0.0007  0.0924  24  LYS A O   
48  C CB  . LYS A 9   ? 0.6115 0.4626 0.3708 0.1525  -0.0476 -0.0120 24  LYS A CB  
49  C CG  . LYS A 9   ? 0.7539 0.6723 0.5831 0.1252  -0.0588 -0.0561 24  LYS A CG  
50  C CD  . LYS A 9   ? 0.9646 0.9191 0.8296 0.1575  -0.0904 -0.0896 24  LYS A CD  
51  C CE  . LYS A 9   ? 1.0339 1.0704 0.9772 0.1314  -0.1008 -0.1345 24  LYS A CE  
52  N NZ  . LYS A 9   ? 1.0435 1.0990 0.9980 0.0807  -0.0887 -0.1378 24  LYS A NZ  
53  N N   . VAL A 10  ? 0.7324 0.4657 0.3242 0.1965  -0.0275 0.0629  25  VAL A N   
54  C CA  . VAL A 10  ? 0.7414 0.4512 0.2983 0.2091  -0.0176 0.0855  25  VAL A CA  
55  C C   . VAL A 10  ? 0.8562 0.5472 0.3642 0.2434  -0.0481 0.0683  25  VAL A C   
56  O O   . VAL A 10  ? 0.9091 0.5942 0.3897 0.2585  -0.0704 0.0464  25  VAL A O   
57  C CB  . VAL A 10  ? 0.8808 0.6003 0.4568 0.1825  0.0174  0.1017  25  VAL A CB  
58  C CG1 . VAL A 10  ? 0.8787 0.5800 0.4187 0.1955  0.0153  0.0889  25  VAL A CG1 
59  C CG2 . VAL A 10  ? 0.9261 0.6504 0.5015 0.1801  0.0264  0.1159  25  VAL A CG2 
60  N N   . ALA A 11  ? 0.8629 0.5445 0.3596 0.2506  -0.0538 0.0769  26  ALA A N   
61  C CA  . ALA A 11  ? 0.9018 0.5616 0.3501 0.2755  -0.0799 0.0660  26  ALA A CA  
62  C C   . ALA A 11  ? 0.9703 0.6164 0.3812 0.2749  -0.0595 0.0695  26  ALA A C   
63  O O   . ALA A 11  ? 1.0007 0.6573 0.4291 0.2556  -0.0242 0.0882  26  ALA A O   
64  C CB  . ALA A 11  ? 1.0041 0.6536 0.4469 0.2771  -0.0905 0.0799  26  ALA A CB  
65  N N   A SER A 12  ? 1.0305 0.6558 0.3945 0.2964  -0.0848 0.0491  27  SER A N   
66  N N   B SER A 12  ? 1.0314 0.6567 0.3953 0.2965  -0.0851 0.0491  27  SER A N   
67  C CA  A SER A 12  ? 1.1047 0.7089 0.4234 0.3019  -0.0684 0.0479  27  SER A CA  
68  C CA  B SER A 12  ? 1.1147 0.7186 0.4326 0.3023  -0.0693 0.0477  27  SER A CA  
69  C C   A SER A 12  ? 1.1143 0.7154 0.4173 0.2961  -0.0438 0.0727  27  SER A C   
70  C C   B SER A 12  ? 1.1139 0.7152 0.4172 0.2960  -0.0436 0.0729  27  SER A C   
71  O O   A SER A 12  ? 1.1046 0.7074 0.4095 0.2919  -0.0550 0.0856  27  SER A O   
72  O O   B SER A 12  ? 1.1052 0.7088 0.4116 0.2911  -0.0540 0.0863  27  SER A O   
73  C CB  A SER A 12  ? 1.2273 0.8070 0.4959 0.3219  -0.1064 0.0207  27  SER A CB  
74  C CB  B SER A 12  ? 1.2392 0.8185 0.5069 0.3225  -0.1080 0.0210  27  SER A CB  
75  O OG  A SER A 12  ? 1.2223 0.8166 0.5136 0.3209  -0.1338 -0.0053 27  SER A OG  
76  O OG  B SER A 12  ? 1.2436 0.7979 0.4638 0.3288  -0.0930 0.0154  27  SER A OG  
77  N N   . SER A 13  ? 0.9735 0.5648 0.3414 0.1249  0.0327  0.1011  28  SER A N   
78  C CA  . SER A 13  ? 0.9957 0.6953 0.3407 0.1162  0.0742  0.1561  28  SER A CA  
79  C C   . SER A 13  ? 1.0557 0.8074 0.4910 0.0604  0.0916  0.2018  28  SER A C   
80  O O   . SER A 13  ? 1.1609 1.0141 0.6010 0.0493  0.1266  0.2541  28  SER A O   
81  C CB  . SER A 13  ? 1.2307 0.9323 0.5129 0.1093  0.0665  0.1989  28  SER A CB  
82  O OG  . SER A 13  ? 1.2624 0.9155 0.5926 0.0497  0.0430  0.2470  28  SER A OG  
83  N N   . GLU A 14  ? 0.9763 0.6646 0.4841 0.0283  0.0659  0.1826  29  GLU A N   
84  C CA  . GLU A 14  ? 0.9418 0.6698 0.5337 -0.0184 0.0729  0.2122  29  GLU A CA  
85  C C   . GLU A 14  ? 0.8738 0.6585 0.4975 0.0030  0.0960  0.1800  29  GLU A C   
86  O O   . GLU A 14  ? 0.7684 0.5264 0.3707 0.0443  0.0918  0.1263  29  GLU A O   
87  C CB  . GLU A 14  ? 0.9648 0.5990 0.6118 -0.0581 0.0314  0.2018  29  GLU A CB  
88  C CG  . GLU A 14  ? 1.0447 0.6322 0.6920 -0.0934 0.0041  0.2473  29  GLU A CG  
89  C CD  . GLU A 14  ? 1.1305 0.8011 0.8275 -0.1317 0.0167  0.3165  29  GLU A CD  
90  O OE1 . GLU A 14  ? 1.2212 0.9400 0.8794 -0.1266 0.0330  0.3613  29  GLU A OE1 
91  O OE2 . GLU A 14  ? 1.2168 0.9062 0.9936 -0.1609 0.0094  0.3178  29  GLU A OE2 
92  N N   . ASP A 15  ? 0.8015 0.6638 0.4843 -0.0268 0.1152  0.2175  30  ASP A N   
93  C CA  . ASP A 15  ? 0.7238 0.6393 0.4500 -0.0145 0.1320  0.1935  30  ASP A CA  
94  C C   . ASP A 15  ? 0.7015 0.5467 0.4759 -0.0361 0.0994  0.1565  30  ASP A C   
95  O O   . ASP A 15  ? 0.7910 0.5684 0.5840 -0.0706 0.0688  0.1621  30  ASP A O   
96  C CB  . ASP A 15  ? 0.7750 0.8012 0.5558 -0.0409 0.1604  0.2519  30  ASP A CB  
97  C CG  . ASP A 15  ? 0.8790 1.0018 0.6132 -0.0132 0.2026  0.2931  30  ASP A CG  
98  O OD1 . ASP A 15  ? 0.9262 1.0310 0.5757 0.0351  0.2096  0.2640  30  ASP A OD1 
99  O OD2 . ASP A 15  ? 0.9174 1.1285 0.7057 -0.0384 0.2204  0.3438  30  ASP A OD2 
100 N N   . VAL A 16  ? 0.6421 0.5068 0.4372 -0.0137 0.1049  0.1197  31  VAL A N   
101 C CA  . VAL A 16  ? 0.6259 0.4461 0.4632 -0.0331 0.0795  0.0915  31  VAL A CA  
102 C C   . VAL A 16  ? 0.5632 0.4552 0.4500 -0.0342 0.0923  0.0905  31  VAL A C   
103 O O   . VAL A 16  ? 0.5487 0.5037 0.4327 -0.0014 0.1171  0.0876  31  VAL A O   
104 C CB  . VAL A 16  ? 0.6514 0.3955 0.4620 -0.0033 0.0600  0.0432  31  VAL A CB  
105 C CG1 . VAL A 16  ? 0.6097 0.3813 0.4043 0.0454  0.0716  0.0169  31  VAL A CG1 
106 C CG2 . VAL A 16  ? 0.6835 0.3909 0.5302 -0.0228 0.0377  0.0204  31  VAL A CG2 
107 N N   . ASP A 17  ? 0.5135 0.3957 0.4459 -0.0705 0.0718  0.0918  32  ASP A N   
108 C CA  . ASP A 17  ? 0.4714 0.4081 0.4486 -0.0726 0.0748  0.0860  32  ASP A CA  
109 C C   . ASP A 17  ? 0.4906 0.3781 0.4620 -0.0612 0.0537  0.0419  32  ASP A C   
110 O O   . ASP A 17  ? 0.5751 0.4171 0.5511 -0.0846 0.0283  0.0295  32  ASP A O   
111 C CB  . ASP A 17  ? 0.5312 0.5035 0.5657 -0.1207 0.0630  0.1229  32  ASP A CB  
112 C CG  . ASP A 17  ? 0.6840 0.7299 0.7404 -0.1324 0.0887  0.1803  32  ASP A CG  
113 O OD1 . ASP A 17  ? 0.7401 0.8372 0.7689 -0.0943 0.1243  0.1845  32  ASP A OD1 
114 O OD2 . ASP A 17  ? 0.7592 0.8157 0.8631 -0.1777 0.0715  0.2225  32  ASP A OD2 
115 N N   . LEU A 18  ? 0.4773 0.3760 0.4399 -0.0223 0.0625  0.0197  33  LEU A N   
116 C CA  . LEU A 18  ? 0.4649 0.3312 0.4291 -0.0098 0.0453  -0.0099 33  LEU A CA  
117 C C   . LEU A 18  ? 0.4181 0.3237 0.4203 -0.0309 0.0355  -0.0083 33  LEU A C   
118 O O   . LEU A 18  ? 0.3678 0.3380 0.4056 -0.0303 0.0448  0.0060  33  LEU A O   
119 C CB  . LEU A 18  ? 0.5268 0.3993 0.4899 0.0337  0.0488  -0.0254 33  LEU A CB  
120 C CG  . LEU A 18  ? 0.6757 0.4879 0.6021 0.0631  0.0414  -0.0414 33  LEU A CG  
121 C CD1 . LEU A 18  ? 0.5505 0.3766 0.5044 0.0968  0.0295  -0.0556 33  LEU A CD1 
122 C CD2 . LEU A 18  ? 0.6116 0.3714 0.5307 0.0462  0.0235  -0.0482 33  LEU A CD2 
123 N N   . PRO A 19  ? 0.4305 0.3001 0.4236 -0.0452 0.0156  -0.0248 34  PRO A N   
124 C CA  . PRO A 19  ? 0.3371 0.2428 0.3535 -0.0639 0.0018  -0.0256 34  PRO A CA  
125 C C   . PRO A 19  ? 0.3707 0.3200 0.4079 -0.0433 0.0032  -0.0268 34  PRO A C   
126 O O   . PRO A 19  ? 0.3567 0.2887 0.3859 -0.0170 0.0048  -0.0359 34  PRO A O   
127 C CB  . PRO A 19  ? 0.4281 0.2786 0.4143 -0.0746 -0.0198 -0.0507 34  PRO A CB  
128 C CG  . PRO A 19  ? 0.4837 0.2834 0.4424 -0.0486 -0.0122 -0.0643 34  PRO A CG  
129 C CD  . PRO A 19  ? 0.4888 0.2866 0.4482 -0.0422 0.0040  -0.0452 34  PRO A CD  
130 N N   A CYS A 20  ? 0.3439 0.3514 0.4178 -0.0569 -0.0011 -0.0121 35  CYS A N   
131 N N   B CYS A 20  ? 0.3451 0.3514 0.4177 -0.0582 -0.0023 -0.0128 35  CYS A N   
132 C CA  A CYS A 20  ? 0.3085 0.3571 0.4065 -0.0449 -0.0082 -0.0086 35  CYS A CA  
133 C CA  B CYS A 20  ? 0.3081 0.3595 0.4077 -0.0465 -0.0088 -0.0078 35  CYS A CA  
134 C C   A CYS A 20  ? 0.3290 0.3605 0.3930 -0.0523 -0.0246 -0.0238 35  CYS A C   
135 C C   B CYS A 20  ? 0.3352 0.3771 0.4049 -0.0538 -0.0262 -0.0210 35  CYS A C   
136 O O   A CYS A 20  ? 0.3181 0.3308 0.3591 -0.0751 -0.0392 -0.0357 35  CYS A O   
137 O O   B CYS A 20  ? 0.3530 0.3924 0.4076 -0.0784 -0.0432 -0.0285 35  CYS A O   
138 C CB  A CYS A 20  ? 0.2864 0.4018 0.4362 -0.0585 -0.0118 0.0129  35  CYS A CB  
139 C CB  B CYS A 20  ? 0.2714 0.3885 0.4235 -0.0602 -0.0105 0.0143  35  CYS A CB  
140 S SG  A CYS A 20  ? 0.2538 0.4213 0.4416 -0.0478 -0.0275 0.0251  35  CYS A SG  
141 S SG  B CYS A 20  ? 0.2957 0.4727 0.4951 -0.0502 -0.0250 0.0286  35  CYS A SG  
142 N N   . THR A 21  ? 0.3297 0.3701 0.3928 -0.0308 -0.0246 -0.0226 36  THR A N   
143 C CA  . THR A 21  ? 0.3483 0.3895 0.3745 -0.0297 -0.0330 -0.0345 36  THR A CA  
144 C C   . THR A 21  ? 0.3888 0.4984 0.4342 -0.0322 -0.0441 -0.0133 36  THR A C   
145 O O   . THR A 21  ? 0.3935 0.5233 0.4079 -0.0245 -0.0469 -0.0156 36  THR A O   
146 C CB  . THR A 21  ? 0.4153 0.4234 0.4255 -0.0040 -0.0224 -0.0413 36  THR A CB  
147 O OG1 . THR A 21  ? 0.3659 0.3972 0.4241 0.0145  -0.0204 -0.0155 36  THR A OG1 
148 C CG2 . THR A 21  ? 0.4012 0.3383 0.3895 -0.0030 -0.0162 -0.0608 36  THR A CG2 
149 N N   . ALA A 22  ? 0.3190 0.5767 0.3859 -0.0355 0.0371  0.0453  37  ALA A N   
150 C CA  . ALA A 22  ? 0.3280 0.5554 0.3769 -0.0445 0.0289  0.0308  37  ALA A CA  
151 C C   . ALA A 22  ? 0.3827 0.5700 0.4221 -0.0381 0.0221  0.0207  37  ALA A C   
152 O O   . ALA A 22  ? 0.3983 0.5640 0.4539 -0.0367 0.0221  0.0220  37  ALA A O   
153 C CB  . ALA A 22  ? 0.3126 0.5387 0.3732 -0.0588 0.0230  0.0301  37  ALA A CB  
154 N N   . PRO A 23  ? 0.3962 0.5778 0.4110 -0.0362 0.0191  0.0089  38  PRO A N   
155 C CA  . PRO A 23  ? 0.4187 0.5763 0.4223 -0.0337 0.0144  -0.0111 38  PRO A CA  
156 C C   . PRO A 23  ? 0.4791 0.6365 0.4852 -0.0483 -0.0005 -0.0201 38  PRO A C   
157 O O   . PRO A 23  ? 0.4713 0.6502 0.4580 -0.0492 -0.0083 -0.0263 38  PRO A O   
158 C CB  . PRO A 23  ? 0.4365 0.6115 0.4113 -0.0242 0.0179  -0.0175 38  PRO A CB  
159 C CG  . PRO A 23  ? 0.4389 0.6387 0.4116 -0.0296 0.0195  0.0007  38  PRO A CG  
160 C CD  . PRO A 23  ? 0.4336 0.6370 0.4316 -0.0366 0.0242  0.0127  38  PRO A CD  
161 N N   . TRP A 24  ? 0.4115 0.5558 0.4426 -0.0582 -0.0038 -0.0172 39  TRP A N   
162 C CA  . TRP A 24  ? 0.4104 0.5687 0.4478 -0.0725 -0.0180 -0.0218 39  TRP A CA  
163 C C   . TRP A 24  ? 0.4819 0.6380 0.5147 -0.0860 -0.0247 -0.0532 39  TRP A C   
164 O O   . TRP A 24  ? 0.4848 0.6101 0.5166 -0.0862 -0.0145 -0.0751 39  TRP A O   
165 C CB  . TRP A 24  ? 0.3883 0.5442 0.4556 -0.0799 -0.0186 -0.0059 39  TRP A CB  
166 C CG  . TRP A 24  ? 0.4290 0.5542 0.5207 -0.0869 -0.0115 -0.0098 39  TRP A CG  
167 C CD1 . TRP A 24  ? 0.4822 0.5921 0.5870 -0.1059 -0.0148 -0.0301 39  TRP A CD1 
168 C CD2 . TRP A 24  ? 0.4348 0.5463 0.5456 -0.0754 0.0042  0.0106  39  TRP A CD2 
169 N NE1 . TRP A 24  ? 0.4951 0.5669 0.6286 -0.1072 0.0013  -0.0223 39  TRP A NE1 
170 C CE2 . TRP A 24  ? 0.4992 0.5752 0.6363 -0.0847 0.0129  0.0073  39  TRP A CE2 
171 C CE3 . TRP A 24  ? 0.3915 0.5264 0.5017 -0.0588 0.0135  0.0319  39  TRP A CE3 
172 C CZ2 . TRP A 24  ? 0.5564 0.6153 0.7204 -0.0712 0.0326  0.0339  39  TRP A CZ2 
173 C CZ3 . TRP A 24  ? 0.3875 0.5226 0.5207 -0.0460 0.0291  0.0553  39  TRP A CZ3 
174 C CH2 . TRP A 24  ? 0.5240 0.6190 0.6842 -0.0489 0.0394  0.0608  39  TRP A CH2 
175 N N   . ASP A 25  ? 0.4482 0.6427 0.4804 -0.0973 -0.0394 -0.0568 40  ASP A N   
176 C CA  . ASP A 25  ? 0.5125 0.7279 0.5434 -0.1184 -0.0477 -0.0921 40  ASP A CA  
177 C C   . ASP A 25  ? 0.5664 0.7623 0.6319 -0.1405 -0.0478 -0.0965 40  ASP A C   
178 O O   . ASP A 25  ? 0.5009 0.7238 0.5804 -0.1423 -0.0566 -0.0736 40  ASP A O   
179 C CB  . ASP A 25  ? 0.5537 0.8461 0.5655 -0.1163 -0.0634 -0.0886 40  ASP A CB  
180 C CG  . ASP A 25  ? 0.6512 0.9922 0.6574 -0.1411 -0.0731 -0.1326 40  ASP A CG  
181 O OD1 . ASP A 25  ? 0.6788 0.9940 0.7082 -0.1690 -0.0703 -0.1626 40  ASP A OD1 
182 O OD2 . ASP A 25  ? 0.7019 1.1145 0.6823 -0.1344 -0.0817 -0.1375 40  ASP A OD2 
183 N N   . PRO A 26  ? 0.6534 0.8012 0.7357 -0.1568 -0.0344 -0.1247 41  PRO A N   
184 C CA  . PRO A 26  ? 0.7031 0.8213 0.8245 -0.1782 -0.0275 -0.1233 41  PRO A CA  
185 C C   . PRO A 26  ? 0.7512 0.9276 0.8835 -0.2069 -0.0450 -0.1365 41  PRO A C   
186 O O   . PRO A 26  ? 0.8035 0.9737 0.9676 -0.2211 -0.0434 -0.1220 41  PRO A O   
187 C CB  . PRO A 26  ? 0.7920 0.8437 0.9274 -0.1897 -0.0036 -0.1578 41  PRO A CB  
188 C CG  . PRO A 26  ? 0.8329 0.9072 0.9326 -0.1870 -0.0071 -0.1958 41  PRO A CG  
189 C CD  . PRO A 26  ? 0.7377 0.8555 0.8056 -0.1562 -0.0211 -0.1610 41  PRO A CD  
190 N N   . GLN A 27  ? 0.6854 0.9300 0.7924 -0.2136 -0.0610 -0.1598 42  GLN A N   
191 C CA  . GLN A 27  ? 0.7929 1.1160 0.9088 -0.2384 -0.0783 -0.1708 42  GLN A CA  
192 C C   . GLN A 27  ? 0.6798 1.0596 0.7902 -0.2126 -0.0929 -0.1223 42  GLN A C   
193 O O   . GLN A 27  ? 0.6132 1.0714 0.7297 -0.2231 -0.1074 -0.1202 42  GLN A O   
194 C CB  . GLN A 27  ? 0.9315 1.3237 1.0253 -0.2586 -0.0871 -0.2206 42  GLN A CB  
195 C CG  . GLN A 27  ? 1.1101 1.4896 1.2284 -0.3094 -0.0774 -0.2829 42  GLN A CG  
196 C CD  . GLN A 27  ? 1.2560 1.5162 1.3902 -0.3136 -0.0474 -0.3053 42  GLN A CD  
197 O OE1 . GLN A 27  ? 1.2952 1.5043 1.4116 -0.2786 -0.0376 -0.2851 42  GLN A OE1 
198 N NE2 . GLN A 27  ? 1.3168 1.5335 1.4880 -0.3563 -0.0293 -0.3454 42  GLN A NE2 
199 N N   . VAL A 28  ? 0.5993 0.9417 0.7010 -0.1796 -0.0860 -0.0853 43  VAL A N   
200 C CA  . VAL A 28  ? 0.5058 0.8820 0.6074 -0.1546 -0.0911 -0.0432 43  VAL A CA  
201 C C   . VAL A 28  ? 0.4632 0.7958 0.5906 -0.1503 -0.0822 -0.0191 43  VAL A C   
202 O O   . VAL A 28  ? 0.4423 0.7179 0.5725 -0.1454 -0.0694 -0.0169 43  VAL A O   
203 C CB  . VAL A 28  ? 0.5341 0.9119 0.6075 -0.1232 -0.0860 -0.0229 43  VAL A CB  
204 C CG1 . VAL A 28  ? 0.4894 0.8731 0.5713 -0.0983 -0.0804 0.0180  43  VAL A CG1 
205 C CG2 . VAL A 28  ? 0.6196 1.0664 0.6673 -0.1217 -0.0955 -0.0365 43  VAL A CG2 
206 N N   . PRO A 29  ? 0.3771 0.7489 0.5237 -0.1504 -0.0885 0.0000  44  PRO A N   
207 C CA  . PRO A 29  ? 0.3547 0.7030 0.5246 -0.1449 -0.0804 0.0220  44  PRO A CA  
208 C C   . PRO A 29  ? 0.3652 0.7023 0.5256 -0.1158 -0.0702 0.0443  44  PRO A C   
209 O O   . PRO A 29  ? 0.5342 0.9035 0.6895 -0.0982 -0.0708 0.0593  44  PRO A O   
210 C CB  . PRO A 29  ? 0.3501 0.7559 0.5429 -0.1570 -0.0908 0.0291  44  PRO A CB  
211 C CG  . PRO A 29  ? 0.3567 0.8274 0.5327 -0.1515 -0.1027 0.0261  44  PRO A CG  
212 C CD  . PRO A 29  ? 0.4257 0.8794 0.5752 -0.1571 -0.1033 -0.0001 44  PRO A CD  
213 N N   . TYR A 30  ? 0.3960 0.6922 0.5572 -0.1110 -0.0578 0.0465  45  TYR A N   
214 C CA  . TYR A 30  ? 0.3717 0.6593 0.5269 -0.0924 -0.0450 0.0574  45  TYR A CA  
215 C C   . TYR A 30  ? 0.3281 0.6286 0.5062 -0.0917 -0.0375 0.0661  45  TYR A C   
216 O O   . TYR A 30  ? 0.3537 0.6647 0.5505 -0.1028 -0.0408 0.0697  45  TYR A O   
217 C CB  . TYR A 30  ? 0.2998 0.5537 0.4377 -0.0888 -0.0352 0.0496  45  TYR A CB  
218 C CG  . TYR A 30  ? 0.3231 0.5678 0.4362 -0.0873 -0.0399 0.0390  45  TYR A CG  
219 C CD1 . TYR A 30  ? 0.3650 0.5971 0.4751 -0.0999 -0.0459 0.0212  45  TYR A CD1 
220 C CD2 . TYR A 30  ? 0.3302 0.5792 0.4251 -0.0732 -0.0346 0.0463  45  TYR A CD2 
221 C CE1 . TYR A 30  ? 0.3707 0.6032 0.4566 -0.0992 -0.0493 0.0048  45  TYR A CE1 
222 C CE2 . TYR A 30  ? 0.3806 0.6354 0.4514 -0.0703 -0.0389 0.0382  45  TYR A CE2 
223 C CZ  . TYR A 30  ? 0.3980 0.6487 0.4627 -0.0837 -0.0476 0.0144  45  TYR A CZ  
224 O OH  . TYR A 30  ? 0.4298 0.6946 0.4693 -0.0814 -0.0510 0.0001  45  TYR A OH  
225 N N   A THR A 31  ? 0.3082 0.6090 0.4867 -0.0791 -0.0239 0.0687  46  THR A N   
226 N N   B THR A 31  ? 0.3045 0.6055 0.4833 -0.0792 -0.0239 0.0687  46  THR A N   
227 C CA  A THR A 31  ? 0.2728 0.5900 0.4684 -0.0803 -0.0124 0.0661  46  THR A CA  
228 C CA  B THR A 31  ? 0.2828 0.6015 0.4793 -0.0806 -0.0128 0.0664  46  THR A CA  
229 C C   A THR A 31  ? 0.2979 0.6017 0.4833 -0.0835 0.0000  0.0544  46  THR A C   
230 C C   B THR A 31  ? 0.2863 0.5916 0.4732 -0.0830 0.0015  0.0539  46  THR A C   
231 O O   A THR A 31  ? 0.3029 0.5787 0.4706 -0.0802 0.0057  0.0498  46  THR A O   
232 O O   B THR A 31  ? 0.3063 0.5837 0.4778 -0.0789 0.0103  0.0485  46  THR A O   
233 C CB  A THR A 31  ? 0.2807 0.6075 0.4884 -0.0678 0.0006  0.0674  46  THR A CB  
234 C CB  B THR A 31  ? 0.2939 0.6280 0.5046 -0.0689 -0.0024 0.0692  46  THR A CB  
235 O OG1 A THR A 31  ? 0.3517 0.6442 0.5476 -0.0561 0.0154  0.0675  46  THR A OG1 
236 O OG1 B THR A 31  ? 0.2930 0.6501 0.5186 -0.0733 0.0108  0.0570  46  THR A OG1 
237 C CG2 A THR A 31  ? 0.2995 0.6580 0.5196 -0.0618 -0.0120 0.0830  46  THR A CG2 
238 C CG2 B THR A 31  ? 0.3253 0.6270 0.5261 -0.0539 0.0132  0.0710  46  THR A CG2 
239 N N   . VAL A 32  ? 0.2584 0.5950 0.4557 -0.0895 0.0047  0.0520  47  VAL A N   
240 C CA  . VAL A 32  ? 0.2263 0.5714 0.4146 -0.0929 0.0148  0.0427  47  VAL A CA  
241 C C   . VAL A 32  ? 0.2605 0.6453 0.4586 -0.1005 0.0322  0.0222  47  VAL A C   
242 O O   . VAL A 32  ? 0.2585 0.6821 0.4743 -0.1020 0.0343  0.0195  47  VAL A O   
243 C CB  . VAL A 32  ? 0.3736 0.7378 0.5663 -0.0910 0.0091  0.0600  47  VAL A CB  
244 C CG1 . VAL A 32  ? 0.4780 0.8907 0.6955 -0.0918 0.0073  0.0756  47  VAL A CG1 
245 C CG2 . VAL A 32  ? 0.3251 0.7129 0.5082 -0.0894 0.0196  0.0559  47  VAL A CG2 
246 N N   A SER A 33  ? 0.2328 0.4811 0.4250 -0.0132 -0.0494 0.0005  48  SER A N   
247 N N   B SER A 33  ? 0.2300 0.4778 0.4225 -0.0134 -0.0489 0.0007  48  SER A N   
248 C CA  A SER A 33  ? 0.2616 0.4838 0.4356 0.0005  -0.0253 0.0166  48  SER A CA  
249 C CA  B SER A 33  ? 0.2188 0.4425 0.3950 0.0002  -0.0247 0.0171  48  SER A CA  
250 C C   A SER A 33  ? 0.2828 0.4548 0.4315 -0.0082 -0.0152 0.0116  48  SER A C   
251 C C   B SER A 33  ? 0.2722 0.4439 0.4186 -0.0059 -0.0144 0.0127  48  SER A C   
252 O O   A SER A 33  ? 0.2535 0.4049 0.3778 -0.0099 -0.0227 0.0001  48  SER A O   
253 O O   B SER A 33  ? 0.2954 0.4462 0.4132 -0.0042 -0.0202 0.0032  48  SER A O   
254 C CB  A SER A 33  ? 0.3963 0.6131 0.5355 0.0302  -0.0230 0.0252  48  SER A CB  
255 C CB  B SER A 33  ? 0.3852 0.6103 0.5323 0.0305  -0.0225 0.0269  48  SER A CB  
256 O OG  A SER A 33  ? 0.4068 0.5884 0.5256 0.0387  -0.0029 0.0352  48  SER A OG  
257 O OG  B SER A 33  ? 0.4364 0.6382 0.5417 0.0402  -0.0307 0.0208  48  SER A OG  
258 N N   . TRP A 34  ? 0.2167 0.3730 0.3690 -0.0090 0.0013  0.0199  49  TRP A N   
259 C CA  . TRP A 34  ? 0.2572 0.3767 0.3883 -0.0110 0.0084  0.0148  49  TRP A CA  
260 C C   . TRP A 34  ? 0.2530 0.3584 0.3671 0.0022  0.0192  0.0201  49  TRP A C   
261 O O   . TRP A 34  ? 0.2975 0.4097 0.4149 0.0121  0.0259  0.0294  49  TRP A O   
262 C CB  . TRP A 34  ? 0.2399 0.3470 0.3840 -0.0222 0.0139  0.0160  49  TRP A CB  
263 C CG  . TRP A 34  ? 0.2082 0.3028 0.3577 -0.0392 0.0039  0.0048  49  TRP A CG  
264 C CD1 . TRP A 34  ? 0.2355 0.3466 0.4158 -0.0592 -0.0039 0.0026  49  TRP A CD1 
265 C CD2 . TRP A 34  ? 0.2538 0.3143 0.3770 -0.0376 0.0002  -0.0078 49  TRP A CD2 
266 N NE1 . TRP A 34  ? 0.2460 0.3236 0.4148 -0.0725 -0.0139 -0.0130 49  TRP A NE1 
267 C CE2 . TRP A 34  ? 0.2562 0.3008 0.3858 -0.0556 -0.0104 -0.0186 49  TRP A CE2 
268 C CE3 . TRP A 34  ? 0.2391 0.2844 0.3370 -0.0224 0.0051  -0.0122 49  TRP A CE3 
269 C CZ2 . TRP A 34  ? 0.2835 0.2865 0.3832 -0.0534 -0.0158 -0.0335 49  TRP A CZ2 
270 C CZ3 . TRP A 34  ? 0.2807 0.2989 0.3570 -0.0185 0.0017  -0.0246 49  TRP A CZ3 
271 C CH2 . TRP A 34  ? 0.2827 0.2746 0.3544 -0.0314 -0.0085 -0.0351 49  TRP A CH2 
272 N N   . VAL A 35  ? 0.2385 0.3256 0.3359 0.0020  0.0212  0.0128  50  VAL A N   
273 C CA  . VAL A 35  ? 0.2711 0.3444 0.3600 0.0067  0.0278  0.0119  50  VAL A CA  
274 C C   . VAL A 35  ? 0.3087 0.3794 0.4002 0.0034  0.0271  0.0015  50  VAL A C   
275 O O   . VAL A 35  ? 0.2745 0.3481 0.3667 0.0006  0.0253  -0.0038 50  VAL A O   
276 C CB  . VAL A 35  ? 0.2657 0.3252 0.3394 0.0080  0.0328  0.0142  50  VAL A CB  
277 C CG1 . VAL A 35  ? 0.3193 0.3816 0.3839 0.0205  0.0323  0.0252  50  VAL A CG1 
278 C CG2 . VAL A 35  ? 0.2822 0.3415 0.3504 0.0010  0.0363  0.0106  50  VAL A CG2 
279 N N   . LYS A 36  ? 0.2672 0.3339 0.3574 0.0078  0.0266  -0.0037 51  LYS A N   
280 C CA  . LYS A 36  ? 0.2462 0.3231 0.3445 0.0074  0.0230  -0.0161 51  LYS A CA  
281 C C   . LYS A 36  ? 0.2739 0.3549 0.3829 -0.0057 0.0266  -0.0226 51  LYS A C   
282 O O   . LYS A 36  ? 0.2975 0.3606 0.3996 -0.0093 0.0269  -0.0231 51  LYS A O   
283 C CB  . LYS A 36  ? 0.2509 0.3262 0.3411 0.0221  0.0158  -0.0207 51  LYS A CB  
284 C CG  . LYS A 36  ? 0.2537 0.3492 0.3530 0.0297  0.0081  -0.0336 51  LYS A CG  
285 C CD  . LYS A 36  ? 0.2899 0.3823 0.3708 0.0516  -0.0021 -0.0384 51  LYS A CD  
286 C CE  . LYS A 36  ? 0.3290 0.4477 0.4174 0.0669  -0.0123 -0.0509 51  LYS A CE  
287 N NZ  . LYS A 36  ? 0.4138 0.5306 0.4763 0.0945  -0.0264 -0.0573 51  LYS A NZ  
288 N N   . LEU A 37  ? 0.2271 0.3273 0.3512 -0.0127 0.0323  -0.0270 52  LEU A N   
289 C CA  . LEU A 37  ? 0.2315 0.3386 0.3733 -0.0306 0.0422  -0.0302 52  LEU A CA  
290 C C   . LEU A 37  ? 0.3273 0.4609 0.4982 -0.0366 0.0315  -0.0480 52  LEU A C   
291 O O   . LEU A 37  ? 0.3484 0.5172 0.5358 -0.0257 0.0242  -0.0571 52  LEU A O   
292 C CB  . LEU A 37  ? 0.2274 0.3510 0.3738 -0.0329 0.0578  -0.0249 52  LEU A CB  
293 C CG  . LEU A 37  ? 0.2564 0.3576 0.3690 -0.0226 0.0613  -0.0128 52  LEU A CG  
294 C CD1 . LEU A 37  ? 0.3783 0.4929 0.4846 -0.0180 0.0758  -0.0106 52  LEU A CD1 
295 C CD2 . LEU A 37  ? 0.3223 0.3912 0.4134 -0.0260 0.0661  -0.0006 52  LEU A CD2 
296 N N   . LEU A 38  ? 0.2389 0.3540 0.4133 -0.0514 0.0279  -0.0552 53  LEU A N   
297 C CA  . LEU A 38  ? 0.2186 0.3596 0.4196 -0.0578 0.0102  -0.0779 53  LEU A CA  
298 C C   . LEU A 38  ? 0.4190 0.5886 0.6692 -0.0906 0.0188  -0.0877 53  LEU A C   
299 O O   . LEU A 38  ? 0.4570 0.6830 0.7506 -0.0950 0.0064  -0.1062 53  LEU A O   
300 C CB  . LEU A 38  ? 0.2460 0.3451 0.4162 -0.0522 -0.0039 -0.0861 53  LEU A CB  
301 C CG  . LEU A 38  ? 0.3173 0.3938 0.4453 -0.0220 -0.0047 -0.0716 53  LEU A CG  
302 C CD1 . LEU A 38  ? 0.3685 0.4014 0.4597 -0.0114 -0.0111 -0.0751 53  LEU A CD1 
303 C CD2 . LEU A 38  ? 0.4317 0.5397 0.5599 0.0009  -0.0159 -0.0754 53  LEU A CD2 
304 N N   . GLU A 39  ? 0.4012 0.5331 0.6448 -0.1123 0.0413  -0.0739 54  GLU A N   
305 C CA  . GLU A 39  ? 0.5394 0.6836 0.8270 -0.1502 0.0583  -0.0772 54  GLU A CA  
306 C C   . GLU A 39  ? 0.6257 0.7404 0.8946 -0.1574 0.0941  -0.0491 54  GLU A C   
307 O O   . GLU A 39  ? 0.5675 0.6916 0.8701 -0.1876 0.1190  -0.0435 54  GLU A O   
308 C CB  . GLU A 39  ? 0.6498 0.7516 0.9395 -0.1762 0.0465  -0.0949 54  GLU A CB  
309 C CG  . GLU A 39  ? 0.7017 0.8502 1.0284 -0.1806 0.0122  -0.1293 54  GLU A CG  
310 C CD  . GLU A 39  ? 0.7779 0.8825 1.1110 -0.2137 -0.0004 -0.1524 54  GLU A CD  
311 O OE1 . GLU A 39  ? 0.8062 0.8483 1.1253 -0.2393 0.0237  -0.1384 54  GLU A OE1 
312 O OE2 . GLU A 39  ? 0.8344 0.9602 1.1758 -0.2093 -0.0356 -0.1830 54  GLU A OE2 
313 N N   . GLU A 72  ? 1.3383 0.9430 1.5600 -0.4434 -0.1083 -0.1417 87  GLU A N   
314 C CA  . GLU A 72  ? 1.3248 0.8546 1.4726 -0.3905 -0.1101 -0.1527 87  GLU A CA  
315 C C   . GLU A 72  ? 1.2362 0.8432 1.3759 -0.3618 -0.1045 -0.1881 87  GLU A C   
316 O O   . GLU A 72  ? 1.2719 0.9295 1.4234 -0.3721 -0.1382 -0.2190 87  GLU A O   
317 C CB  . GLU A 72  ? 1.2552 0.7476 1.4230 -0.3550 -0.0721 -0.1191 87  GLU A CB  
318 N N   . ARG A 73  ? 0.7825 0.7476 1.0694 -0.2622 -0.1286 -0.0510 88  ARG A N   
319 C CA  . ARG A 73  ? 0.7282 0.7099 0.9636 -0.2457 -0.1114 -0.0826 88  ARG A CA  
320 C C   . ARG A 73  ? 0.6201 0.6515 0.8753 -0.2449 -0.0833 -0.0512 88  ARG A C   
321 O O   . ARG A 73  ? 0.6442 0.6729 0.8997 -0.2419 -0.0612 -0.0200 88  ARG A O   
322 C CB  . ARG A 73  ? 0.7356 0.6701 0.9038 -0.2253 -0.1024 -0.1080 88  ARG A CB  
323 C CG  . ARG A 73  ? 0.6896 0.6208 0.7968 -0.2038 -0.1038 -0.1222 88  ARG A CG  
324 C CD  . ARG A 73  ? 0.7101 0.6028 0.7773 -0.1736 -0.0925 -0.1300 88  ARG A CD  
325 N NE  . ARG A 73  ? 0.6859 0.6011 0.7348 -0.1439 -0.0781 -0.1464 88  ARG A NE  
326 C CZ  . ARG A 73  ? 0.7459 0.6591 0.7655 -0.1263 -0.0785 -0.1710 88  ARG A CZ  
327 N NH1 . ARG A 73  ? 0.7185 0.6047 0.7261 -0.1291 -0.0953 -0.1868 88  ARG A NH1 
328 N NH2 . ARG A 73  ? 0.7535 0.7014 0.7605 -0.1100 -0.0563 -0.1809 88  ARG A NH2 
329 N N   . PRO A 74  ? 0.5811 0.6592 0.8484 -0.2445 -0.0865 -0.0550 89  PRO A N   
330 C CA  . PRO A 74  ? 0.4763 0.6106 0.7539 -0.2410 -0.0615 -0.0158 89  PRO A CA  
331 C C   . PRO A 74  ? 0.4463 0.5745 0.6590 -0.2180 -0.0351 -0.0285 89  PRO A C   
332 O O   . PRO A 74  ? 0.5061 0.5899 0.6763 -0.2066 -0.0408 -0.0680 89  PRO A O   
333 C CB  . PRO A 74  ? 0.5466 0.7235 0.8454 -0.2448 -0.0798 -0.0219 89  PRO A CB  
334 C CG  . PRO A 74  ? 0.6072 0.7435 0.8806 -0.2392 -0.1107 -0.0771 89  PRO A CG  
335 C CD  . PRO A 74  ? 0.6136 0.6988 0.8697 -0.2475 -0.1139 -0.0897 89  PRO A CD  
336 N N   . TYR A 75  ? 0.3299 0.5002 0.5353 -0.1965 -0.0042 0.0024  90  TYR A N   
337 C CA  . TYR A 75  ? 0.3123 0.4775 0.4624 -0.1606 0.0170  -0.0083 90  TYR A CA  
338 C C   . TYR A 75  ? 0.3391 0.4497 0.4510 -0.1408 0.0305  -0.0174 90  TYR A C   
339 O O   . TYR A 75  ? 0.3123 0.4054 0.3854 -0.1142 0.0389  -0.0311 90  TYR A O   
340 C CB  . TYR A 75  ? 0.3066 0.4679 0.4272 -0.1591 0.0023  -0.0404 90  TYR A CB  
341 C CG  . TYR A 75  ? 0.3427 0.5501 0.4935 -0.1760 -0.0183 -0.0360 90  TYR A CG  
342 C CD1 . TYR A 75  ? 0.3087 0.5734 0.4960 -0.1713 -0.0116 -0.0037 90  TYR A CD1 
343 C CD2 . TYR A 75  ? 0.3398 0.5361 0.4831 -0.1924 -0.0470 -0.0672 90  TYR A CD2 
344 C CE1 . TYR A 75  ? 0.3104 0.6164 0.5327 -0.1866 -0.0352 -0.0004 90  TYR A CE1 
345 C CE2 . TYR A 75  ? 0.3755 0.6087 0.5443 -0.2053 -0.0727 -0.0659 90  TYR A CE2 
346 C CZ  . TYR A 75  ? 0.3183 0.6042 0.5299 -0.2043 -0.0677 -0.0314 90  TYR A CZ  
347 O OH  . TYR A 75  ? 0.4069 0.7282 0.6499 -0.2167 -0.0977 -0.0312 90  TYR A OH  
348 N N   . SER A 76  ? 0.3311 0.4129 0.4587 -0.1542 0.0283  -0.0066 91  SER A N   
349 C CA  . SER A 76  ? 0.3485 0.3732 0.4397 -0.1348 0.0355  -0.0169 91  SER A CA  
350 C C   . SER A 76  ? 0.4247 0.4677 0.4887 -0.0989 0.0614  0.0098  91  SER A C   
351 O O   . SER A 76  ? 0.4256 0.5309 0.5083 -0.0937 0.0769  0.0431  91  SER A O   
352 C CB  . SER A 76  ? 0.4328 0.4136 0.5471 -0.1598 0.0181  -0.0132 91  SER A CB  
353 O OG  . SER A 76  ? 0.5450 0.4995 0.6771 -0.1823 -0.0125 -0.0509 91  SER A OG  
354 N N   . LEU A 77  ? 0.3559 0.3475 0.3779 -0.0705 0.0633  -0.0078 92  LEU A N   
355 C CA  . LEU A 77  ? 0.3690 0.3659 0.3549 -0.0278 0.0799  0.0083  92  LEU A CA  
356 C C   . LEU A 77  ? 0.4039 0.3671 0.3729 -0.0255 0.0837  0.0272  92  LEU A C   
357 O O   . LEU A 77  ? 0.4410 0.3364 0.3994 -0.0312 0.0670  0.0048  92  LEU A O   
358 C CB  . LEU A 77  ? 0.3838 0.3413 0.3364 0.0061  0.0705  -0.0232 92  LEU A CB  
359 C CG  . LEU A 77  ? 0.4734 0.4196 0.3826 0.0592  0.0750  -0.0195 92  LEU A CG  
360 C CD1 . LEU A 77  ? 0.5359 0.5537 0.4460 0.0851  0.0885  -0.0005 92  LEU A CD1 
361 C CD2 . LEU A 77  ? 0.5728 0.4586 0.4647 0.0828  0.0528  -0.0530 92  LEU A CD2 
362 N N   . LYS A 78  ? 0.4412 0.4559 0.4088 -0.0164 0.1056  0.0708  93  LYS A N   
363 C CA  . LYS A 78  ? 0.4849 0.4714 0.4293 -0.0139 0.1103  0.0979  93  LYS A CA  
364 C C   . LYS A 78  ? 0.5525 0.5024 0.4255 0.0439  0.1128  0.0816  93  LYS A C   
365 O O   . LYS A 78  ? 0.5595 0.5509 0.4040 0.0885  0.1265  0.0799  93  LYS A O   
366 C CB  . LYS A 78  ? 0.4997 0.5656 0.4736 -0.0302 0.1357  0.1611  93  LYS A CB  
367 C CG  . LYS A 78  ? 0.6826 0.7214 0.6327 -0.0339 0.1398  0.2006  93  LYS A CG  
368 C CD  . LYS A 78  ? 0.7816 0.8542 0.8037 -0.0925 0.1378  0.2570  93  LYS A CD  
369 C CE  . LYS A 78  ? 0.9047 0.9077 0.9129 -0.1109 0.1197  0.2823  93  LYS A CE  
370 N NZ  . LYS A 78  ? 1.0258 1.0474 1.1146 -0.1719 0.1051  0.3355  93  LYS A NZ  
371 N N   . ILE A 79  ? 0.5927 0.4615 0.4395 0.0458  0.0934  0.0657  94  ILE A N   
372 C CA  . ILE A 79  ? 0.6462 0.4687 0.4254 0.0999  0.0874  0.0501  94  ILE A CA  
373 C C   . ILE A 79  ? 0.6319 0.4255 0.3808 0.0967  0.0883  0.0847  94  ILE A C   
374 O O   . ILE A 79  ? 0.6858 0.4194 0.4566 0.0622  0.0660  0.0803  94  ILE A O   
375 C CB  . ILE A 79  ? 0.7147 0.4596 0.4924 0.1106  0.0560  -0.0057 94  ILE A CB  
376 C CG1 . ILE A 79  ? 0.7070 0.4842 0.5134 0.1117  0.0549  -0.0290 94  ILE A CG1 
377 C CG2 . ILE A 79  ? 0.8224 0.5106 0.5367 0.1665  0.0400  -0.0230 94  ILE A CG2 
378 C CD1 . ILE A 79  ? 0.7728 0.5383 0.6269 0.0922  0.0243  -0.0612 94  ILE A CD1 
379 N N   . ARG A 80  ? 0.7201 0.6936 0.4757 -0.0882 0.1161  0.0869  95  ARG A N   
380 C CA  . ARG A 80  ? 0.7859 0.7641 0.4734 -0.0985 0.1333  0.1253  95  ARG A CA  
381 C C   . ARG A 80  ? 0.8115 0.7810 0.4466 -0.0548 0.1235  0.1064  95  ARG A C   
382 O O   . ARG A 80  ? 0.7929 0.7859 0.4480 -0.0173 0.1096  0.0573  95  ARG A O   
383 C CB  . ARG A 80  ? 0.8213 0.9088 0.5162 -0.1116 0.1647  0.1447  95  ARG A CB  
384 C CG  . ARG A 80  ? 0.9010 1.0072 0.6409 -0.1649 0.1751  0.1738  95  ARG A CG  
385 C CD  . ARG A 80  ? 0.9696 1.2001 0.7164 -0.1803 0.2069  0.2014  95  ARG A CD  
386 N NE  . ARG A 80  ? 1.0355 1.2966 0.8294 -0.2358 0.2146  0.2293  95  ARG A NE  
387 C CZ  . ARG A 80  ? 1.1668 1.3702 0.9520 -0.2861 0.2111  0.2687  95  ARG A CZ  
388 N NH1 . ARG A 80  ? 1.2436 1.3604 0.9726 -0.2889 0.2064  0.2927  95  ARG A NH1 
389 N NH2 . ARG A 80  ? 1.1885 1.4126 1.0289 -0.3165 0.2065  0.2718  95  ARG A NH2 
390 N N   . ASN A 81  ? 0.8743 0.8067 0.4426 -0.0614 0.1294  0.1466  96  ASN A N   
391 C CA  . ASN A 81  ? 0.9472 0.8891 0.4581 -0.0213 0.1238  0.1378  96  ASN A CA  
392 C C   . ASN A 81  ? 0.9255 0.8356 0.4526 0.0112  0.0920  0.0897  96  ASN A C   
393 O O   . ASN A 81  ? 0.8593 0.8225 0.3836 0.0454  0.0844  0.0477  96  ASN A O   
394 C CB  . ASN A 81  ? 1.0091 1.0666 0.5048 0.0031  0.1452  0.1254  96  ASN A CB  
395 C CG  . ASN A 81  ? 1.1740 1.2877 0.6628 -0.0307 0.1778  0.1771  96  ASN A CG  
396 O OD1 . ASN A 81  ? 1.2553 1.3115 0.7177 -0.0690 0.1858  0.2336  96  ASN A OD1 
397 N ND2 . ASN A 81  ? 1.2184 1.4453 0.7296 -0.0162 0.1965  0.1592  96  ASN A ND2 
398 N N   . THR A 82  ? 0.8340 0.6610 0.3780 -0.0011 0.0720  0.0958  97  THR A N   
399 C CA  . THR A 82  ? 0.7860 0.5906 0.3566 0.0226  0.0410  0.0581  97  THR A CA  
400 C C   . THR A 82  ? 0.8131 0.6417 0.3365 0.0587  0.0281  0.0411  97  THR A C   
401 O O   . THR A 82  ? 0.9482 0.7811 0.4041 0.0686  0.0396  0.0720  97  THR A O   
402 C CB  . THR A 82  ? 0.8226 0.5423 0.4004 0.0097  0.0237  0.0788  97  THR A CB  
403 O OG1 . THR A 82  ? 0.9513 0.6153 0.4573 0.0071  0.0314  0.1244  97  THR A OG1 
404 C CG2 . THR A 82  ? 0.8306 0.5375 0.4673 -0.0238 0.0290  0.0824  97  THR A CG2 
405 N N   . THR A 83  ? 0.7749 0.6225 0.3357 0.0765  0.0036  -0.0069 98  THR A N   
406 C CA  . THR A 83  ? 0.7973 0.6701 0.3239 0.1048  -0.0166 -0.0300 98  THR A CA  
407 C C   . THR A 83  ? 0.7933 0.6331 0.3629 0.1051  -0.0506 -0.0466 98  THR A C   
408 O O   . THR A 83  ? 0.7514 0.5597 0.3819 0.0879  -0.0564 -0.0482 98  THR A O   
409 C CB  . THR A 83  ? 0.9227 0.8678 0.4497 0.1248  -0.0157 -0.0813 98  THR A CB  
410 O OG1 . THR A 83  ? 0.8584 0.7974 0.4584 0.1200  -0.0280 -0.1246 98  THR A OG1 
411 C CG2 . THR A 83  ? 1.0495 1.0484 0.5394 0.1275  0.0198  -0.0626 98  THR A CG2 
412 N N   . SER A 84  ? 0.7612 0.6201 0.3014 0.1240  -0.0731 -0.0569 99  SER A N   
413 C CA  . SER A 84  ? 0.7241 0.5686 0.3059 0.1224  -0.1071 -0.0678 99  SER A CA  
414 C C   . SER A 84  ? 0.7213 0.5630 0.3865 0.1080  -0.1216 -0.1097 99  SER A C   
415 O O   . SER A 84  ? 0.6972 0.5120 0.4185 0.0961  -0.1387 -0.1021 99  SER A O   
416 C CB  . SER A 84  ? 0.9037 0.7943 0.4452 0.1420  -0.1298 -0.0803 99  SER A CB  
417 O OG  . SER A 84  ? 0.9710 0.8591 0.5562 0.1360  -0.1632 -0.0846 99  SER A OG  
418 N N   . SER A 85  ? 0.7121 0.5829 0.3831 0.1131  -0.1129 -0.1509 100 SER A N   
419 C CA  . SER A 85  ? 0.7382 0.5996 0.4804 0.1068  -0.1230 -0.1925 100 SER A CA  
420 C C   . SER A 85  ? 0.6994 0.5256 0.5034 0.0895  -0.1129 -0.1676 100 SER A C   
421 O O   . SER A 85  ? 0.7064 0.5149 0.5785 0.0830  -0.1295 -0.1861 100 SER A O   
422 C CB  . SER A 85  ? 0.8006 0.6990 0.5251 0.1244  -0.1059 -0.2346 100 SER A CB  
423 O OG  . SER A 85  ? 1.1067 1.0493 0.7673 0.1432  -0.1124 -0.2581 100 SER A OG  
424 N N   . ASN A 86  ? 0.5017 0.4938 0.3421 0.0204  -0.0314 -0.0791 101 ASN A N   
425 C CA  . ASN A 86  ? 0.4924 0.4888 0.3650 0.0095  -0.0132 -0.0698 101 ASN A CA  
426 C C   . ASN A 86  ? 0.4953 0.4670 0.4107 -0.0088 -0.0189 -0.0644 101 ASN A C   
427 O O   . ASN A 86  ? 0.4489 0.4239 0.3888 -0.0150 -0.0089 -0.0623 101 ASN A O   
428 C CB  . ASN A 86  ? 0.5471 0.5783 0.4179 -0.0007 0.0085  -0.0407 101 ASN A CB  
429 C CG  . ASN A 86  ? 0.5658 0.6492 0.3996 0.0159  0.0219  -0.0398 101 ASN A CG  
430 O OD1 . ASN A 86  ? 0.5473 0.6642 0.3625 0.0083  0.0292  -0.0111 101 ASN A OD1 
431 N ND2 . ASN A 86  ? 0.6438 0.7398 0.4675 0.0404  0.0230  -0.0700 101 ASN A ND2 
432 N N   . SER A 87  ? 0.4534 0.4111 0.3771 -0.0150 -0.0349 -0.0624 102 SER A N   
433 C CA  . SER A 87  ? 0.4235 0.3791 0.3875 -0.0282 -0.0391 -0.0583 102 SER A CA  
434 C C   . SER A 87  ? 0.3652 0.3146 0.3492 -0.0336 -0.0455 -0.0653 102 SER A C   
435 O O   . SER A 87  ? 0.4341 0.3623 0.4055 -0.0271 -0.0619 -0.0789 102 SER A O   
436 C CB  . SER A 87  ? 0.4666 0.4201 0.4375 -0.0297 -0.0575 -0.0571 102 SER A CB  
437 O OG  . SER A 87  ? 0.4758 0.4284 0.4303 -0.0250 -0.0569 -0.0454 102 SER A OG  
438 N N   . GLY A 88  ? 0.3869 0.3544 0.4019 -0.0445 -0.0368 -0.0561 103 GLY A N   
439 C CA  . GLY A 88  ? 0.3938 0.3612 0.4311 -0.0551 -0.0447 -0.0512 103 GLY A CA  
440 C C   . GLY A 88  ? 0.3784 0.3737 0.4328 -0.0599 -0.0268 -0.0415 103 GLY A C   
441 O O   . GLY A 88  ? 0.3350 0.3490 0.3895 -0.0556 -0.0119 -0.0432 103 GLY A O   
442 N N   . THR A 89  ? 0.3188 0.3128 0.3876 -0.0686 -0.0335 -0.0314 104 THR A N   
443 C CA  . THR A 89  ? 0.2726 0.2995 0.3551 -0.0732 -0.0195 -0.0199 104 THR A CA  
444 C C   . THR A 89  ? 0.3049 0.3116 0.3747 -0.0622 -0.0155 -0.0253 104 THR A C   
445 O O   . THR A 89  ? 0.3337 0.3035 0.3981 -0.0565 -0.0325 -0.0297 104 THR A O   
446 C CB  . THR A 89  ? 0.3140 0.3695 0.4251 -0.0939 -0.0303 0.0058  104 THR A CB  
447 O OG1 . THR A 89  ? 0.3468 0.4363 0.4740 -0.1018 -0.0329 0.0095  104 THR A OG1 
448 C CG2 . THR A 89  ? 0.3190 0.4220 0.4384 -0.0967 -0.0156 0.0189  104 THR A CG2 
449 N N   . TYR A 90  ? 0.2371 0.2685 0.3050 -0.0570 0.0029  -0.0282 105 TYR A N   
450 C CA  . TYR A 90  ? 0.2729 0.2991 0.3336 -0.0456 0.0087  -0.0334 105 TYR A CA  
451 C C   . TYR A 90  ? 0.2742 0.3303 0.3500 -0.0510 0.0125  -0.0210 105 TYR A C   
452 O O   . TYR A 90  ? 0.2725 0.3638 0.3575 -0.0593 0.0181  -0.0152 105 TYR A O   
453 C CB  . TYR A 90  ? 0.2538 0.2887 0.3020 -0.0382 0.0241  -0.0437 105 TYR A CB  
454 C CG  . TYR A 90  ? 0.2887 0.3049 0.3150 -0.0302 0.0215  -0.0518 105 TYR A CG  
455 C CD1 . TYR A 90  ? 0.3312 0.3368 0.3531 -0.0360 0.0152  -0.0509 105 TYR A CD1 
456 C CD2 . TYR A 90  ? 0.3162 0.3354 0.3249 -0.0132 0.0248  -0.0613 105 TYR A CD2 
457 C CE1 . TYR A 90  ? 0.3279 0.3215 0.3251 -0.0279 0.0111  -0.0565 105 TYR A CE1 
458 C CE2 . TYR A 90  ? 0.3371 0.3537 0.3191 -0.0029 0.0236  -0.0691 105 TYR A CE2 
459 C CZ  . TYR A 90  ? 0.3715 0.3727 0.3464 -0.0117 0.0159  -0.0651 105 TYR A CZ  
460 O OH  . TYR A 90  ? 0.4005 0.4038 0.3441 0.0000  0.0127  -0.0715 105 TYR A OH  
461 N N   . ARG A 91  ? 0.2489 0.2962 0.3254 -0.0419 0.0076  -0.0194 106 ARG A N   
462 C CA  . ARG A 91  ? 0.2280 0.3054 0.3161 -0.0459 0.0086  -0.0051 106 ARG A CA  
463 C C   . ARG A 91  ? 0.2267 0.3161 0.3138 -0.0312 0.0173  -0.0168 106 ARG A C   
464 O O   . ARG A 91  ? 0.2526 0.3216 0.3345 -0.0142 0.0133  -0.0279 106 ARG A O   
465 C CB  . ARG A 91  ? 0.2699 0.3271 0.3690 -0.0530 -0.0143 0.0189  106 ARG A CB  
466 C CG  . ARG A 91  ? 0.2798 0.3742 0.3877 -0.0583 -0.0154 0.0414  106 ARG A CG  
467 C CD  . ARG A 91  ? 0.3716 0.4367 0.4934 -0.0685 -0.0444 0.0735  106 ARG A CD  
468 N NE  . ARG A 91  ? 0.4247 0.4320 0.5475 -0.0460 -0.0648 0.0590  106 ARG A NE  
469 C CZ  . ARG A 91  ? 0.6021 0.5483 0.7371 -0.0472 -0.1007 0.0702  106 ARG A CZ  
470 N NH1 . ARG A 91  ? 0.6209 0.5571 0.7718 -0.0780 -0.1194 0.1039  106 ARG A NH1 
471 N NH2 . ARG A 91  ? 0.5711 0.4688 0.7056 -0.0166 -0.1212 0.0466  106 ARG A NH2 
472 N N   A CYS A 92  ? 0.2122 0.3407 0.3052 -0.0353 0.0276  -0.0180 107 CYS A N   
473 N N   B CYS A 92  ? 0.2032 0.3323 0.2967 -0.0356 0.0268  -0.0164 107 CYS A N   
474 C CA  A CYS A 92  ? 0.2412 0.3901 0.3412 -0.0255 0.0324  -0.0244 107 CYS A CA  
475 C CA  B CYS A 92  ? 0.2360 0.3878 0.3363 -0.0270 0.0330  -0.0243 107 CYS A CA  
476 C C   A CYS A 92  ? 0.2213 0.3884 0.3284 -0.0233 0.0222  -0.0096 107 CYS A C   
477 C C   B CYS A 92  ? 0.2190 0.3932 0.3270 -0.0239 0.0240  -0.0114 107 CYS A C   
478 O O   A CYS A 92  ? 0.2086 0.3939 0.3142 -0.0342 0.0182  0.0049  107 CYS A O   
479 O O   B CYS A 92  ? 0.2155 0.4173 0.3226 -0.0332 0.0223  -0.0016 107 CYS A O   
480 C CB  A CYS A 92  ? 0.2507 0.4255 0.3574 -0.0334 0.0427  -0.0352 107 CYS A CB  
481 C CB  B CYS A 92  ? 0.2440 0.4177 0.3495 -0.0361 0.0424  -0.0357 107 CYS A CB  
482 S SG  A CYS A 92  ? 0.3329 0.5390 0.4429 -0.0418 0.0387  -0.0403 107 CYS A SG  
483 S SG  B CYS A 92  ? 0.2083 0.4195 0.3330 -0.0353 0.0452  -0.0408 107 CYS A SG  
484 N N   . THR A 93  ? 0.2262 0.3967 0.3410 -0.0076 0.0174  -0.0117 108 THR A N   
485 C CA  . THR A 93  ? 0.2023 0.3914 0.3250 -0.0033 0.0048  0.0041  108 THR A CA  
486 C C   . THR A 93  ? 0.2345 0.4636 0.3709 0.0071  0.0107  -0.0080 108 THR A C   
487 O O   . THR A 93  ? 0.2694 0.5012 0.4137 0.0229  0.0156  -0.0217 108 THR A O   
488 C CB  . THR A 93  ? 0.2605 0.4046 0.3864 0.0093  -0.0192 0.0176  108 THR A CB  
489 O OG1 . THR A 93  ? 0.2719 0.3818 0.3922 -0.0074 -0.0288 0.0335  108 THR A OG1 
490 C CG2 . THR A 93  ? 0.3064 0.4674 0.4417 0.0141  -0.0367 0.0400  108 THR A CG2 
491 N N   . LEU A 94  ? 0.2135 0.4835 0.3533 -0.0010 0.0095  -0.0041 109 LEU A N   
492 C CA  . LEU A 94  ? 0.1833 0.4961 0.3415 0.0043  0.0106  -0.0145 109 LEU A CA  
493 C C   . LEU A 94  ? 0.2323 0.5603 0.3968 0.0195  -0.0063 0.0004  109 LEU A C   
494 O O   . LEU A 94  ? 0.2602 0.5931 0.4122 0.0143  -0.0175 0.0203  109 LEU A O   
495 C CB  . LEU A 94  ? 0.2273 0.5717 0.3867 -0.0119 0.0125  -0.0266 109 LEU A CB  
496 C CG  . LEU A 94  ? 0.2103 0.5319 0.3668 -0.0256 0.0222  -0.0400 109 LEU A CG  
497 C CD1 . LEU A 94  ? 0.2895 0.6309 0.4476 -0.0351 0.0144  -0.0580 109 LEU A CD1 
498 C CD2 . LEU A 94  ? 0.2741 0.5943 0.4487 -0.0275 0.0319  -0.0429 109 LEU A CD2 
499 N N   . GLN A 95  ? 0.2405 0.5847 0.4252 0.0390  -0.0088 -0.0072 110 GLN A N   
500 C CA  . GLN A 95  ? 0.2836 0.6391 0.4788 0.0596  -0.0292 0.0049  110 GLN A CA  
501 C C   . GLN A 95  ? 0.3260 0.7467 0.5405 0.0584  -0.0313 -0.0007 110 GLN A C   
502 O O   . GLN A 95  ? 0.2592 0.7175 0.4963 0.0554  -0.0191 -0.0174 110 GLN A O   
503 C CB  . GLN A 95  ? 0.3525 0.6852 0.5599 0.0923  -0.0363 -0.0058 110 GLN A CB  
504 C CG  . GLN A 95  ? 0.5394 0.8874 0.7659 0.1216  -0.0601 -0.0004 110 GLN A CG  
505 C CD  . GLN A 95  ? 0.6953 0.9811 0.9118 0.1278  -0.0921 0.0266  110 GLN A CD  
506 O OE1 . GLN A 95  ? 0.7396 0.9608 0.9495 0.1365  -0.1047 0.0247  110 GLN A OE1 
507 N NE2 . GLN A 95  ? 0.7935 1.0990 1.0092 0.1201  -0.1089 0.0550  110 GLN A NE2 
508 N N   . ASP A 96  ? 0.2279 0.6669 0.4353 0.0587  -0.0489 0.0170  111 ASP A N   
509 C CA  . ASP A 96  ? 0.2680 0.7687 0.4918 0.0603  -0.0579 0.0115  111 ASP A CA  
510 C C   . ASP A 96  ? 0.3428 0.8699 0.6019 0.0867  -0.0634 0.0040  111 ASP A C   
511 O O   . ASP A 96  ? 0.3943 0.8872 0.6567 0.1126  -0.0711 0.0083  111 ASP A O   
512 C CB  . ASP A 96  ? 0.3648 0.8816 0.5666 0.0600  -0.0779 0.0371  111 ASP A CB  
513 C CG  . ASP A 96  ? 0.5566 1.1403 0.7643 0.0569  -0.0880 0.0257  111 ASP A CG  
514 O OD1 . ASP A 96  ? 0.6648 1.2669 0.8940 0.0713  -0.0985 0.0237  111 ASP A OD1 
515 O OD2 . ASP A 96  ? 0.6740 1.2727 0.8564 0.0410  -0.0845 0.0150  111 ASP A OD2 
516 N N   . PRO A 97  ? 0.3254 0.8997 0.6063 0.0796  -0.0610 -0.0093 112 PRO A N   
517 C CA  . PRO A 97  ? 0.4294 1.0314 0.7390 0.1001  -0.0634 -0.0150 112 PRO A CA  
518 C C   . PRO A 97  ? 0.5117 1.1120 0.8279 0.1366  -0.0889 -0.0024 112 PRO A C   
519 O O   . PRO A 97  ? 0.4466 1.0465 0.7809 0.1671  -0.0901 -0.0112 112 PRO A O   
520 C CB  . PRO A 97  ? 0.4505 1.0878 0.7712 0.0769  -0.0661 -0.0213 112 PRO A CB  
521 C CG  . PRO A 97  ? 0.4026 1.0190 0.7078 0.0448  -0.0567 -0.0291 112 PRO A CG  
522 C CD  . PRO A 97  ? 0.3738 0.9562 0.6477 0.0479  -0.0554 -0.0216 112 PRO A CD  
523 N N   . ASP A 98  ? 0.5569 1.1549 0.8553 0.1344  -0.1109 0.0188  113 ASP A N   
524 C CA  . ASP A 98  ? 0.6337 1.2192 0.9368 0.1650  -0.1422 0.0395  113 ASP A CA  
525 C C   . ASP A 98  ? 0.6656 1.1850 0.9622 0.1868  -0.1571 0.0539  113 ASP A C   
526 O O   . ASP A 98  ? 0.7722 1.2607 1.0794 0.2184  -0.1886 0.0673  113 ASP A O   
527 C CB  . ASP A 98  ? 0.6842 1.2859 0.9621 0.1510  -0.1611 0.0653  113 ASP A CB  
528 C CG  . ASP A 98  ? 0.7779 1.3736 1.0172 0.1212  -0.1516 0.0793  113 ASP A CG  
529 O OD1 . ASP A 98  ? 0.6911 1.2407 0.9191 0.1158  -0.1451 0.0903  113 ASP A OD1 
530 O OD2 . ASP A 98  ? 0.8664 1.4957 1.0829 0.1031  -0.1494 0.0755  113 ASP A OD2 
531 N N   . GLY A 99  ? 0.5777 1.0537 0.8528 0.1651  -0.1361 0.0492  114 GLY A N   
532 C CA  . GLY A 99  ? 0.6804 1.0718 0.9439 0.1748  -0.1489 0.0584  114 GLY A CA  
533 C C   . GLY A 99  ? 0.7505 1.0960 0.9914 0.1570  -0.1750 0.1059  114 GLY A C   
534 O O   . GLY A 99  ? 0.8877 1.1580 1.1298 0.1672  -0.2022 0.1226  114 GLY A O   
535 N N   . GLN A 100 ? 0.5379 0.8388 0.7442 0.1919  0.0008  0.0748  115 GLN A N   
536 C CA  . GLN A 100 ? 0.5183 0.8128 0.7489 0.1701  -0.0266 0.1201  115 GLN A CA  
537 C C   . GLN A 100 ? 0.4606 0.7444 0.6725 0.1336  -0.0267 0.1262  115 GLN A C   
538 O O   . GLN A 100 ? 0.4179 0.6930 0.6448 0.1117  -0.0517 0.1630  115 GLN A O   
539 C CB  . GLN A 100 ? 0.5417 0.9292 0.7974 0.1591  -0.0224 0.1530  115 GLN A CB  
540 C CG  . GLN A 100 ? 0.6446 1.0503 0.9232 0.1953  -0.0251 0.1525  115 GLN A CG  
541 C CD  . GLN A 100 ? 0.7951 1.1115 1.0967 0.2309  -0.0597 0.1502  115 GLN A CD  
542 O OE1 . GLN A 100 ? 0.8283 1.0909 1.1547 0.2209  -0.0953 0.1836  115 GLN A OE1 
543 N NE2 . GLN A 100 ? 0.8782 1.1844 1.1768 0.2725  -0.0522 0.1086  115 GLN A NE2 
544 N N   . ARG A 101 ? 0.3203 0.6094 0.5025 0.1256  -0.0010 0.0929  116 ARG A N   
545 C CA  . ARG A 101 ? 0.2934 0.5783 0.4605 0.0945  -0.0010 0.0937  116 ARG A CA  
546 C C   . ARG A 101 ? 0.3234 0.5687 0.4604 0.0981  0.0154  0.0574  116 ARG A C   
547 O O   . ARG A 101 ? 0.3682 0.6225 0.4966 0.1152  0.0343  0.0342  116 ARG A O   
548 C CB  . ARG A 101 ? 0.4759 0.8573 0.6560 0.0668  0.0100  0.1032  116 ARG A CB  
549 C CG  . ARG A 101 ? 0.5451 0.9871 0.7311 0.0725  0.0363  0.0801  116 ARG A CG  
550 C CD  . ARG A 101 ? 0.5505 1.0385 0.7286 0.0443  0.0346  0.0804  116 ARG A CD  
551 N NE  . ARG A 101 ? 0.5764 1.1075 0.7696 0.0459  0.0238  0.1156  116 ARG A NE  
552 C CZ  . ARG A 101 ? 0.5984 1.1458 0.7915 0.0576  0.0304  0.1148  116 ARG A CZ  
553 N NH1 . ARG A 101 ? 0.6513 1.1736 0.8292 0.0655  0.0457  0.0814  116 ARG A NH1 
554 N NH2 . ARG A 101 ? 0.6053 1.1939 0.8143 0.0580  0.0193  0.1518  116 ARG A NH2 
555 N N   . ASN A 102 ? 0.3261 0.5353 0.4483 0.0804  0.0066  0.0568  117 ASN A N   
556 C CA  A ASN A 102 ? 0.3595 0.5332 0.4545 0.0794  0.0181  0.0295  117 ASN A CA  
557 C CA  B ASN A 102 ? 0.3500 0.5353 0.4469 0.0788  0.0217  0.0286  117 ASN A CA  
558 C C   . ASN A 102 ? 0.3176 0.5137 0.4093 0.0497  0.0192  0.0292  117 ASN A C   
559 O O   . ASN A 102 ? 0.3112 0.5361 0.4147 0.0309  0.0049  0.0502  117 ASN A O   
560 C CB  A ASN A 102 ? 0.4079 0.5040 0.4869 0.0950  0.0018  0.0204  117 ASN A CB  
561 C CB  B ASN A 102 ? 0.4017 0.5181 0.4793 0.1024  0.0146  0.0112  117 ASN A CB  
562 C CG  A ASN A 102 ? 0.4776 0.5525 0.5677 0.1297  -0.0062 0.0112  117 ASN A CG  
563 C CG  B ASN A 102 ? 0.4259 0.4823 0.5030 0.0973  -0.0134 0.0222  117 ASN A CG  
564 O OD1 A ASN A 102 ? 0.5667 0.5861 0.6681 0.1424  -0.0327 0.0128  117 ASN A OD1 
565 O OD1 B ASN A 102 ? 0.4627 0.5239 0.5393 0.0697  -0.0225 0.0398  117 ASN A OD1 
566 N ND2 A ASN A 102 ? 0.5334 0.6540 0.6254 0.1459  0.0137  -0.0007 117 ASN A ND2 
567 N ND2 B ASN A 102 ? 0.5542 0.5585 0.6349 0.1245  -0.0292 0.0081  117 ASN A ND2 
568 N N   . LEU A 103 ? 0.2652 0.4523 0.3441 0.0457  0.0324  0.0076  118 LEU A N   
569 C CA  . LEU A 103 ? 0.2556 0.4554 0.3349 0.0235  0.0297  0.0003  118 LEU A CA  
570 C C   . LEU A 103 ? 0.2808 0.4227 0.3340 0.0265  0.0303  -0.0114 118 LEU A C   
571 O O   . LEU A 103 ? 0.3302 0.4538 0.3726 0.0409  0.0414  -0.0192 118 LEU A O   
572 C CB  . LEU A 103 ? 0.3774 0.6373 0.4845 0.0138  0.0412  -0.0157 118 LEU A CB  
573 C CG  . LEU A 103 ? 0.4892 0.8228 0.6249 0.0124  0.0457  -0.0121 118 LEU A CG  
574 C CD1 . LEU A 103 ? 0.4957 0.8277 0.6337 0.0290  0.0604  -0.0121 118 LEU A CD1 
575 C CD2 . LEU A 103 ? 0.5310 0.8791 0.6751 -0.0030 0.0391  -0.0322 118 LEU A CD2 
576 N N   . SER A 104 ? 0.2582 0.3833 0.3007 0.0123  0.0185  -0.0114 119 SER A N   
577 C CA  . SER A 104 ? 0.2607 0.3364 0.2778 0.0152  0.0188  -0.0213 119 SER A CA  
578 C C   . SER A 104 ? 0.2647 0.3520 0.2848 -0.0019 0.0145  -0.0302 119 SER A C   
579 O O   . SER A 104 ? 0.2950 0.4252 0.3308 -0.0162 0.0063  -0.0306 119 SER A O   
580 C CB  . SER A 104 ? 0.3990 0.4216 0.3942 0.0227  0.0046  -0.0164 119 SER A CB  
581 O OG  . SER A 104 ? 0.4796 0.5053 0.4787 0.0043  -0.0140 -0.0005 119 SER A OG  
582 N N   . GLY A 105 ? 0.2721 0.3311 0.2795 0.0005  0.0188  -0.0377 120 GLY A N   
583 C CA  . GLY A 105 ? 0.2846 0.3478 0.2976 -0.0117 0.0116  -0.0471 120 GLY A CA  
584 C C   . GLY A 105 ? 0.3245 0.3451 0.3088 -0.0076 0.0122  -0.0455 120 GLY A C   
585 O O   . GLY A 105 ? 0.3552 0.3602 0.3240 0.0045  0.0213  -0.0409 120 GLY A O   
586 N N   . LYS A 106 ? 0.2986 0.3126 0.2766 -0.0168 0.0024  -0.0514 121 LYS A N   
587 C CA  . LYS A 106 ? 0.3047 0.2873 0.2552 -0.0141 0.0025  -0.0491 121 LYS A CA  
588 C C   . LYS A 106 ? 0.3030 0.2918 0.2751 -0.0183 -0.0002 -0.0484 121 LYS A C   
589 O O   . LYS A 106 ? 0.3104 0.3214 0.3205 -0.0233 -0.0077 -0.0583 121 LYS A O   
590 C CB  . LYS A 106 ? 0.4151 0.3791 0.3377 -0.0214 -0.0094 -0.0525 121 LYS A CB  
591 C CG  . LYS A 106 ? 0.4590 0.4037 0.3683 -0.0194 -0.0151 -0.0480 121 LYS A CG  
592 C CD  . LYS A 106 ? 0.5628 0.4911 0.4531 -0.0334 -0.0314 -0.0467 121 LYS A CD  
593 C CE  . LYS A 106 ? 0.7074 0.6166 0.6010 -0.0377 -0.0460 -0.0343 121 LYS A CE  
594 N NZ  . LYS A 106 ? 0.8425 0.7996 0.7623 -0.0500 -0.0502 -0.0179 121 LYS A NZ  
595 N N   . VAL A 107 ? 0.3157 0.2901 0.2685 -0.0154 0.0031  -0.0376 122 VAL A N   
596 C CA  . VAL A 107 ? 0.3132 0.2893 0.2884 -0.0210 -0.0044 -0.0277 122 VAL A CA  
597 C C   . VAL A 107 ? 0.3060 0.2728 0.2445 -0.0203 -0.0046 -0.0203 122 VAL A C   
598 O O   . VAL A 107 ? 0.3494 0.3168 0.2517 -0.0132 0.0049  -0.0206 122 VAL A O   
599 C CB  . VAL A 107 ? 0.3084 0.2994 0.3198 -0.0233 -0.0006 -0.0066 122 VAL A CB  
600 C CG1 . VAL A 107 ? 0.3482 0.3564 0.3295 -0.0175 0.0151  0.0103  122 VAL A CG1 
601 C CG2 . VAL A 107 ? 0.2814 0.2678 0.3335 -0.0317 -0.0169 0.0093  122 VAL A CG2 
602 N N   . ILE A 108 ? 0.3033 0.2668 0.2543 -0.0256 -0.0173 -0.0174 123 ILE A N   
603 C CA  . ILE A 108 ? 0.3652 0.3293 0.2836 -0.0259 -0.0175 -0.0078 123 ILE A CA  
604 C C   . ILE A 108 ? 0.3613 0.3447 0.3020 -0.0300 -0.0193 0.0270  123 ILE A C   
605 O O   . ILE A 108 ? 0.3804 0.3604 0.3738 -0.0355 -0.0315 0.0411  123 ILE A O   
606 C CB  . ILE A 108 ? 0.3872 0.3432 0.3007 -0.0295 -0.0315 -0.0237 123 ILE A CB  
607 C CG1 . ILE A 108 ? 0.5253 0.4746 0.4123 -0.0318 -0.0314 -0.0472 123 ILE A CG1 
608 C CG2 . ILE A 108 ? 0.3942 0.3565 0.2819 -0.0306 -0.0335 -0.0114 123 ILE A CG2 
609 C CD1 . ILE A 108 ? 0.5572 0.5197 0.4528 -0.0380 -0.0463 -0.0643 123 ILE A CD1 
610 N N   . LEU A 109 ? 0.3679 0.2808 0.2760 -0.0930 0.0434  -0.1103 124 LEU A N   
611 C CA  . LEU A 109 ? 0.4756 0.3552 0.3526 -0.0834 0.0312  -0.1176 124 LEU A CA  
612 C C   . LEU A 109 ? 0.4535 0.3758 0.3521 -0.0884 0.0109  -0.1449 124 LEU A C   
613 O O   . LEU A 109 ? 0.4237 0.3987 0.3284 -0.1080 -0.0184 -0.1518 124 LEU A O   
614 C CB  . LEU A 109 ? 0.4801 0.3603 0.3349 -0.0743 0.0126  -0.0881 124 LEU A CB  
615 C CG  . LEU A 109 ? 0.5155 0.3624 0.3215 -0.0653 -0.0031 -0.0877 124 LEU A CG  
616 C CD1 . LEU A 109 ? 0.5649 0.3445 0.3439 -0.0511 0.0190  -0.0844 124 LEU A CD1 
617 C CD2 . LEU A 109 ? 0.5335 0.3847 0.3319 -0.0642 -0.0078 -0.0585 124 LEU A CD2 
618 N N   . ARG A 110 ? 0.4419 0.3763 0.3898 -0.0463 0.0159  -0.1198 125 ARG A N   
619 C CA  . ARG A 110 ? 0.4293 0.4465 0.4384 -0.0226 -0.0231 -0.0932 125 ARG A CA  
620 C C   . ARG A 110 ? 0.4622 0.4580 0.4409 0.0098  -0.0447 -0.0589 125 ARG A C   
621 O O   . ARG A 110 ? 0.4837 0.4337 0.4688 0.0403  -0.0151 -0.0449 125 ARG A O   
622 C CB  . ARG A 110 ? 0.4347 0.5056 0.5550 0.0026  0.0009  -0.0837 125 ARG A CB  
623 C CG  . ARG A 110 ? 0.5307 0.6245 0.6864 -0.0270 0.0249  -0.1161 125 ARG A CG  
624 C CD  . ARG A 110 ? 0.6961 0.8501 0.9730 0.0018  0.0491  -0.0994 125 ARG A CD  
625 N NE  . ARG A 110 ? 0.8393 0.9835 1.1403 -0.0203 0.0929  -0.1321 125 ARG A NE  
626 C CZ  . ARG A 110 ? 0.9248 1.1287 1.2549 -0.0514 0.0761  -0.1504 125 ARG A CZ  
627 N NH1 . ARG A 110 ? 0.9779 1.2518 1.3108 -0.0678 0.0153  -0.1403 125 ARG A NH1 
628 N NH2 . ARG A 110 ? 0.8995 1.0869 1.2483 -0.0693 0.1208  -0.1794 125 ARG A NH2 
629 N N   . VAL A 111 ? 0.4741 0.4952 0.4123 0.0007  -0.0935 -0.0465 126 VAL A N   
630 C CA  . VAL A 111 ? 0.5113 0.5132 0.4141 0.0290  -0.1177 -0.0129 126 VAL A CA  
631 C C   . VAL A 111 ? 0.5369 0.6228 0.5200 0.0567  -0.1524 0.0250  126 VAL A C   
632 O O   . VAL A 111 ? 0.5658 0.7253 0.5810 0.0359  -0.1897 0.0275  126 VAL A O   
633 C CB  . VAL A 111 ? 0.6423 0.6083 0.4401 0.0020  -0.1472 -0.0176 126 VAL A CB  
634 C CG1 . VAL A 111 ? 0.7328 0.6795 0.4920 0.0307  -0.1729 0.0182  126 VAL A CG1 
635 C CG2 . VAL A 111 ? 0.6355 0.5233 0.3663 -0.0226 -0.1125 -0.0436 126 VAL A CG2 
636 N N   . THR A 112 ? 0.5745 0.6509 0.5928 0.1019  -0.1413 0.0579  127 THR A N   
637 C CA  . THR A 112 ? 0.6865 0.8470 0.7914 0.1309  -0.1743 0.1035  127 THR A CA  
638 C C   . THR A 112 ? 0.6302 0.7681 0.6954 0.1603  -0.1994 0.1415  127 THR A C   
639 O O   . THR A 112 ? 1.0322 1.2372 1.1627 0.1848  -0.2318 0.1870  127 THR A O   
640 C CB  . THR A 112 ? 0.7521 0.9447 0.9789 0.1658  -0.1292 0.1174  127 THR A CB  
641 O OG1 . THR A 112 ? 0.7317 0.8288 0.9268 0.1828  -0.0674 0.0993  127 THR A OG1 
642 C CG2 . THR A 112 ? 0.7434 0.9929 1.0339 0.1386  -0.1209 0.0941  127 THR A CG2 
# 
